data_7Z8R
#
_entry.id   7Z8R
#
_cell.length_a   1.00
_cell.length_b   1.00
_cell.length_c   1.00
_cell.angle_alpha   90.00
_cell.angle_beta   90.00
_cell.angle_gamma   90.00
#
_symmetry.space_group_name_H-M   'P 1'
#
loop_
_entity.id
_entity.type
_entity.pdbx_description
1 polymer Cullin-1
2 polymer 'Cullin-associated NEDD8-dissociated protein 1'
3 polymer 'E3 ubiquitin-protein ligase RBX1, N-terminally processed'
4 non-polymer 'ZINC ION'
#
loop_
_entity_poly.entity_id
_entity_poly.type
_entity_poly.pdbx_seq_one_letter_code
_entity_poly.pdbx_strand_id
1 'polypeptide(L)'
;MSSTRSQNPHGLKQIGLDQIWDDLRAGIQQVYTRQSMAKSRYMELYTHVYNYCTSVHQSNQARGAGVPPSKSKKGQTPGG
AQFVGLELYKRLKEFLKNYLTNLLKDGEDLMDESVLKFYTQQWEDYRFSSKVLNGICAYLNRHWVRRECDEGRKGIYEIY
SLALVTWRDCLFRPLNKQVTNAVLKLIEKERNGETINTRLISGVVQSYVELGLNEDDAFAKGPTLTVYKESFESQFLADT
ERFYTRESTEFLQQNPVTEYMKKAEARLLEEQRRVQVYLHESTQDELARKCEQVLIEKHLEIFHTEFQNLLDADKNEDLG
RMYNLVSRIQDGLGELKKLLETHIHNQGLAAIEKCGEAALNDPKMYVQTVLDVHKKYNALVMSAFNNDAGFVAALDKACG
RFINNNAVTKMAQSSSKSPELLARYCDSLLKKSSKNPEEAELEDTLNQVMVVFKYIEDKDVFQKFYAKMLAKRLVHQNSA
SDDAEASMISKLKQACGFEYTSKLQRMFQDIGVSKDLNEQFKKHLTNSEPLDLDFSIQVLSSGSWPFQQSCTFALPSELE
RSYQRFTAFYASRHSGRKLTWLYQLSKGELVTNCFKNRYTLQASTFQMAILLQYNTEDAYTVQQLTDSTQIKMDILAQVL
QILLKSKLLVLEDENANVDEVELKPDTLIKLYLGYKNKKLRVNINVPMKTEQKQEQETTHKNIEEDRKLLIQAAIVRIMK
MRKVLKHQQLLGEVLTQLSSRFKPRVPVIKKCIDILIEKEYLERVDGEKDTYSYLA
;
C
2 'polypeptide(L)'
;GSPEFPGRMASASYHISNLLEKMTSSDKDFRFMATNDLMTELQKDSIKLDDDSERKVVKMILKLLEDKNGEVQNLAVKCL
GPLVSKVKEYQVETIVDTLCTNMLSDKEQLRDISSIGLKTVIGELPPASSGSALAANVCKKITGRLTSAIAKQEDVSVQL
EALDIMADMLSRQGGLLVNFHPSILTCLLPQLTSPRLAVRKRTIIALGHLVMSCGNIVFVDLIEHLLSELSKNDSMSTTR
TYIQCIAAISRQAGHRIGEYLEKIIPLVVKFCNVDDDELREYCIQAFESFVRRCPKEVYPHVSTIINICLKYLTYDPNYN
YDDEDEDENAMDADGGDDDDQGSDDEYSDDDDMSWKVRRAAAKCLDAVVSTRHEMLPEFYKTVSPALISRFKEREENVKA
DVFHAYLSLLKQTRPVQSWLCDPDAMEQGETPLTMLQSQVPNIVKALHKQMKEKSVKTRQCCFNMLTELVNVLPGALTQH
IPVLVPGIIFSLNDKSSSSNLKIDALSCLYVILCNHSPQVFHPHVQALVPPVVACVGDPFYKITSEALLVTQQLVKVIRP
LDQPSSFDATPYIKDLFTCTIKRLKAADIDQEVKERAISCMGQIICNLGDNLGSDLPNTLQIFLERLKNEITRLTTVKAL
TLIAGSPLKIDLRPVLGEGVPILASFLRKNQRALKLGTLSALDILIKNYSDSLTAAMIDAVLDELPPLISESDMHVSQMA
ISFLTTLAKVYPSSLSKISGSILNELIGLVRSPLLQGGALSAMLDFFQALVVTGTNNLGYMDLLRMLTGPVYSQSTALTH
KQSYYSIAKCVAALTRACPKEGPAVVGQFIQDVKNSRSTDSIRLLALLSLGEVGHHIDLSGQLELKSVILEAFSSPSEEV
KSAASYALGSISVGNLPEYLPFVLQEITSQPKRQYLLLHSLKEIISSASVVGLKPYVENIWALLLKHCECAEEGTRNVVV
ECLGKLTLIDPETLLPRLKGYLISGSSYARSSVVTAVKFTISDHPQPIDPLLKNCIGDFLKTLEDPDLNVRRVALVTFNS
AAHNKPSLIRDLLDTVLPHLYNETKVRKELIREVEMGPFKHTVDDGLDIRKAAFECMYTLLDSCLDRLDIFEFLNHVEDG
LKDHYDIKMLTFLMLVRLSTLCPSAVLQRLDRLVEPLRATCTTKVKANSVKQEFEKQDELKRSAMRAVAALLTIPEAEKS
PLMSEFQSQISSNPELAAIFESIQKDSSSTNLESMDTS
;
D
3 'polypeptide(L)'
;GSMDVDTPSGTNSGAGKKRFEVKKWNAVALWAWDIVVDNCAICRNHIMDLCIECQANQASATSEECTVAWGVCNHAFHFH
CISRWLKTRQVCPLDNREWEFQKYGH
;
R
#
# COMPACT_ATOMS: atom_id res chain seq x y z
N ASP A 18 11.79 26.92 -76.59
CA ASP A 18 10.84 25.91 -77.02
C ASP A 18 11.49 24.54 -77.15
N GLN A 19 12.58 24.48 -77.94
CA GLN A 19 13.31 23.23 -78.10
C GLN A 19 13.97 22.81 -76.79
N ILE A 20 14.45 23.79 -76.01
CA ILE A 20 15.07 23.47 -74.72
C ILE A 20 14.05 22.86 -73.77
N TRP A 21 12.83 23.41 -73.73
CA TRP A 21 11.83 22.95 -72.78
C TRP A 21 11.44 21.49 -73.01
N ASP A 22 11.47 21.05 -74.27
CA ASP A 22 11.12 19.66 -74.54
C ASP A 22 12.11 18.69 -73.88
N ASP A 23 13.39 19.02 -73.92
CA ASP A 23 14.39 18.17 -73.27
C ASP A 23 14.21 18.16 -71.76
N LEU A 24 13.93 19.32 -71.17
CA LEU A 24 13.70 19.37 -69.73
C LEU A 24 12.48 18.55 -69.34
N ARG A 25 11.40 18.65 -70.13
CA ARG A 25 10.21 17.85 -69.84
C ARG A 25 10.51 16.36 -69.94
N ALA A 26 11.20 15.95 -71.01
CA ALA A 26 11.50 14.53 -71.18
C ALA A 26 12.38 14.01 -70.04
N GLY A 27 13.39 14.78 -69.65
CA GLY A 27 14.26 14.35 -68.57
C GLY A 27 13.56 14.32 -67.23
N ILE A 28 12.73 15.33 -66.94
CA ILE A 28 12.10 15.44 -65.63
C ILE A 28 11.03 14.37 -65.47
N GLN A 29 10.29 14.06 -66.54
CA GLN A 29 9.33 12.96 -66.47
C GLN A 29 10.02 11.64 -66.13
N GLN A 30 11.30 11.50 -66.49
CA GLN A 30 12.06 10.33 -66.06
C GLN A 30 12.42 10.40 -64.58
N VAL A 31 12.59 11.62 -64.05
CA VAL A 31 12.90 11.79 -62.64
C VAL A 31 11.76 11.28 -61.76
N TYR A 32 10.52 11.53 -62.19
CA TYR A 32 9.35 11.14 -61.42
C TYR A 32 8.93 9.69 -61.64
N THR A 33 9.83 8.85 -62.13
CA THR A 33 9.64 7.41 -62.19
C THR A 33 10.78 6.74 -61.44
N ARG A 34 10.49 5.62 -60.78
CA ARG A 34 11.46 4.93 -59.94
C ARG A 34 12.46 4.14 -60.79
N GLN A 35 13.16 4.88 -61.66
CA GLN A 35 14.20 4.32 -62.50
C GLN A 35 15.45 5.19 -62.41
N SER A 36 16.59 4.54 -62.20
CA SER A 36 17.84 5.26 -62.03
C SER A 36 18.24 5.98 -63.31
N MET A 37 18.91 7.12 -63.17
CA MET A 37 19.47 7.87 -64.29
C MET A 37 20.94 8.13 -64.01
N ALA A 38 21.73 8.21 -65.09
CA ALA A 38 23.16 8.43 -64.94
C ALA A 38 23.44 9.84 -64.45
N LYS A 39 24.58 10.00 -63.76
CA LYS A 39 24.97 11.32 -63.29
C LYS A 39 25.21 12.27 -64.46
N SER A 40 25.64 11.75 -65.60
CA SER A 40 25.83 12.57 -66.78
C SER A 40 24.52 13.20 -67.21
N ARG A 41 23.42 12.44 -67.18
CA ARG A 41 22.12 12.98 -67.55
C ARG A 41 21.68 14.03 -66.55
N TYR A 42 21.99 13.82 -65.27
CA TYR A 42 21.66 14.82 -64.24
C TYR A 42 22.38 16.14 -64.50
N MET A 43 23.69 16.08 -64.77
CA MET A 43 24.43 17.30 -65.07
C MET A 43 23.99 17.91 -66.40
N GLU A 44 23.55 17.08 -67.34
CA GLU A 44 23.02 17.58 -68.61
C GLU A 44 21.74 18.39 -68.38
N LEU A 45 20.83 17.86 -67.55
CA LEU A 45 19.63 18.61 -67.20
C LEU A 45 19.97 19.89 -66.46
N TYR A 46 20.95 19.83 -65.55
CA TYR A 46 21.38 21.02 -64.83
C TYR A 46 21.91 22.09 -65.79
N THR A 47 22.72 21.67 -66.77
CA THR A 47 23.27 22.61 -67.73
C THR A 47 22.19 23.22 -68.60
N HIS A 48 21.20 22.42 -69.01
CA HIS A 48 20.10 23.00 -69.78
C HIS A 48 19.28 23.97 -68.95
N VAL A 49 19.08 23.68 -67.66
CA VAL A 49 18.39 24.63 -66.80
C VAL A 49 19.17 25.94 -66.71
N TYR A 50 20.49 25.85 -66.53
CA TYR A 50 21.32 27.05 -66.49
C TYR A 50 21.24 27.83 -67.79
N ASN A 51 21.27 27.13 -68.93
CA ASN A 51 21.21 27.80 -70.22
C ASN A 51 19.86 28.48 -70.42
N TYR A 52 18.79 27.84 -69.99
CA TYR A 52 17.46 28.47 -70.05
C TYR A 52 17.41 29.71 -69.16
N CYS A 53 18.11 29.67 -68.01
CA CYS A 53 18.13 30.83 -67.13
C CYS A 53 18.75 32.05 -67.82
N THR A 54 19.84 31.84 -68.55
CA THR A 54 20.50 32.92 -69.26
C THR A 54 20.28 32.80 -70.77
N PHE A 83 12.87 38.91 -64.31
CA PHE A 83 13.63 38.56 -65.50
C PHE A 83 12.78 37.73 -66.47
N VAL A 84 13.38 36.68 -67.03
CA VAL A 84 12.70 35.80 -67.98
C VAL A 84 12.47 34.42 -67.39
N GLY A 85 12.71 34.25 -66.09
CA GLY A 85 12.53 32.97 -65.44
C GLY A 85 11.12 32.63 -65.02
N LEU A 86 10.17 33.55 -65.19
CA LEU A 86 8.79 33.28 -64.80
C LEU A 86 8.16 32.23 -65.70
N GLU A 87 8.52 32.20 -66.98
CA GLU A 87 7.97 31.21 -67.89
C GLU A 87 8.32 29.79 -67.46
N LEU A 88 9.59 29.57 -67.08
CA LEU A 88 10.01 28.25 -66.62
C LEU A 88 9.31 27.87 -65.32
N TYR A 89 9.15 28.84 -64.41
CA TYR A 89 8.45 28.57 -63.16
C TYR A 89 7.01 28.15 -63.43
N LYS A 90 6.33 28.84 -64.35
CA LYS A 90 4.98 28.46 -64.72
C LYS A 90 4.93 27.10 -65.38
N ARG A 91 5.96 26.78 -66.18
CA ARG A 91 6.01 25.49 -66.85
C ARG A 91 6.11 24.35 -65.83
N LEU A 92 7.01 24.48 -64.85
CA LEU A 92 7.11 23.47 -63.80
C LEU A 92 5.83 23.39 -62.97
N LYS A 93 5.23 24.54 -62.66
CA LYS A 93 3.98 24.54 -61.90
C LYS A 93 2.88 23.79 -62.65
N GLU A 94 2.75 24.06 -63.95
CA GLU A 94 1.72 23.40 -64.75
C GLU A 94 1.99 21.90 -64.85
N PHE A 95 3.26 21.52 -65.04
CA PHE A 95 3.58 20.10 -65.14
C PHE A 95 3.24 19.39 -63.84
N LEU A 96 3.59 19.98 -62.70
CA LEU A 96 3.29 19.36 -61.42
C LEU A 96 1.78 19.26 -61.20
N LYS A 97 1.03 20.31 -61.55
CA LYS A 97 -0.41 20.25 -61.39
C LYS A 97 -1.02 19.16 -62.25
N ASN A 98 -0.57 19.04 -63.50
CA ASN A 98 -1.09 18.00 -64.38
C ASN A 98 -0.75 16.61 -63.86
N TYR A 99 0.48 16.43 -63.39
CA TYR A 99 0.91 15.12 -62.88
C TYR A 99 0.08 14.72 -61.67
N LEU A 100 -0.13 15.64 -60.73
CA LEU A 100 -0.97 15.31 -59.58
C LEU A 100 -2.41 15.07 -60.00
N THR A 101 -2.92 15.85 -60.96
CA THR A 101 -4.31 15.71 -61.37
C THR A 101 -4.56 14.34 -62.01
N ASN A 102 -3.66 13.89 -62.88
CA ASN A 102 -3.89 12.59 -63.50
C ASN A 102 -3.36 11.42 -62.66
N LEU A 103 -2.63 11.70 -61.58
CA LEU A 103 -2.34 10.65 -60.61
C LEU A 103 -3.51 10.44 -59.65
N LEU A 104 -4.26 11.49 -59.34
CA LEU A 104 -5.36 11.38 -58.39
C LEU A 104 -6.45 10.44 -58.89
N LYS A 105 -6.60 10.31 -60.22
CA LYS A 105 -7.66 9.50 -60.78
C LYS A 105 -7.53 8.03 -60.42
N ASP A 106 -6.32 7.57 -60.05
CA ASP A 106 -6.15 6.18 -59.69
C ASP A 106 -6.73 5.87 -58.31
N GLY A 107 -6.54 6.77 -57.35
CA GLY A 107 -6.92 6.53 -55.98
C GLY A 107 -8.22 7.16 -55.51
N GLU A 108 -9.11 7.55 -56.43
CA GLU A 108 -10.33 8.23 -56.01
C GLU A 108 -11.33 7.24 -55.42
N ASP A 109 -11.32 5.99 -55.88
CA ASP A 109 -12.34 5.01 -55.51
C ASP A 109 -11.83 3.94 -54.55
N LEU A 110 -10.64 4.09 -53.99
CA LEU A 110 -10.12 3.08 -53.08
C LEU A 110 -10.64 3.31 -51.67
N MET A 111 -10.59 2.24 -50.86
CA MET A 111 -11.12 2.28 -49.50
C MET A 111 -10.22 1.49 -48.56
N ASP A 112 -10.30 1.88 -47.28
CA ASP A 112 -9.75 1.15 -46.13
C ASP A 112 -8.23 1.10 -46.31
N GLU A 113 -7.56 -0.06 -46.21
CA GLU A 113 -6.09 -0.03 -46.27
C GLU A 113 -5.58 0.32 -47.67
N SER A 114 -6.42 0.18 -48.69
CA SER A 114 -5.96 0.42 -50.06
C SER A 114 -5.55 1.87 -50.26
N VAL A 115 -6.37 2.80 -49.79
CA VAL A 115 -6.04 4.22 -49.94
C VAL A 115 -4.81 4.57 -49.11
N LEU A 116 -4.65 3.92 -47.95
CA LEU A 116 -3.45 4.15 -47.15
C LEU A 116 -2.19 3.71 -47.87
N LYS A 117 -2.21 2.50 -48.45
CA LYS A 117 -1.05 2.03 -49.19
C LYS A 117 -0.75 2.93 -50.38
N PHE A 118 -1.79 3.31 -51.13
CA PHE A 118 -1.61 4.20 -52.27
C PHE A 118 -0.99 5.52 -51.84
N TYR A 119 -1.57 6.15 -50.81
CA TYR A 119 -1.07 7.45 -50.36
C TYR A 119 0.36 7.36 -49.87
N THR A 120 0.69 6.32 -49.09
CA THR A 120 2.04 6.21 -48.55
C THR A 120 3.07 6.03 -49.65
N GLN A 121 2.81 5.09 -50.57
CA GLN A 121 3.78 4.83 -51.63
C GLN A 121 3.95 6.04 -52.53
N GLN A 122 2.83 6.65 -52.94
CA GLN A 122 2.92 7.81 -53.82
C GLN A 122 3.59 8.98 -53.13
N TRP A 123 3.32 9.17 -51.84
CA TRP A 123 3.94 10.26 -51.10
C TRP A 123 5.45 10.07 -51.00
N GLU A 124 5.91 8.85 -50.71
CA GLU A 124 7.34 8.62 -50.65
C GLU A 124 8.01 8.86 -51.99
N ASP A 125 7.41 8.33 -53.07
CA ASP A 125 8.00 8.53 -54.40
C ASP A 125 8.03 10.01 -54.78
N TYR A 126 6.93 10.73 -54.52
CA TYR A 126 6.87 12.15 -54.84
C TYR A 126 7.87 12.94 -54.01
N ARG A 127 8.05 12.58 -52.75
CA ARG A 127 9.01 13.26 -51.89
C ARG A 127 10.42 13.12 -52.44
N PHE A 128 10.82 11.89 -52.81
CA PHE A 128 12.16 11.72 -53.35
C PHE A 128 12.32 12.42 -54.70
N SER A 129 11.29 12.34 -55.56
CA SER A 129 11.38 13.01 -56.86
C SER A 129 11.48 14.52 -56.70
N SER A 130 10.75 15.08 -55.74
CA SER A 130 10.82 16.51 -55.49
C SER A 130 12.19 16.92 -54.95
N LYS A 131 12.78 16.07 -54.10
CA LYS A 131 14.14 16.35 -53.63
C LYS A 131 15.11 16.37 -54.80
N VAL A 132 15.00 15.41 -55.71
CA VAL A 132 15.88 15.38 -56.88
C VAL A 132 15.66 16.61 -57.75
N LEU A 133 14.40 16.99 -57.97
CA LEU A 133 14.11 18.16 -58.78
C LEU A 133 14.66 19.43 -58.16
N ASN A 134 14.56 19.56 -56.83
CA ASN A 134 15.16 20.69 -56.15
C ASN A 134 16.67 20.70 -56.32
N GLY A 135 17.28 19.52 -56.28
CA GLY A 135 18.70 19.43 -56.55
C GLY A 135 19.06 19.89 -57.96
N ILE A 136 18.21 19.57 -58.93
CA ILE A 136 18.46 19.98 -60.31
C ILE A 136 18.35 21.50 -60.46
N CYS A 137 17.35 22.10 -59.82
CA CYS A 137 17.02 23.51 -60.02
C CYS A 137 17.60 24.40 -58.94
N ALA A 138 18.81 24.11 -58.46
CA ALA A 138 19.41 24.92 -57.41
C ALA A 138 19.75 26.33 -57.89
N TYR A 139 20.11 26.48 -59.17
CA TYR A 139 20.45 27.80 -59.69
C TYR A 139 19.25 28.73 -59.64
N LEU A 140 18.09 28.24 -60.06
CA LEU A 140 16.89 29.09 -60.12
C LEU A 140 16.49 29.56 -58.74
N ASN A 141 16.34 28.65 -57.78
CA ASN A 141 15.90 29.04 -56.45
C ASN A 141 17.01 29.80 -55.71
N ARG A 142 18.26 29.61 -56.13
CA ARG A 142 19.34 30.37 -55.52
C ARG A 142 19.33 31.83 -55.95
N HIS A 143 19.13 32.10 -57.25
CA HIS A 143 19.19 33.48 -57.70
C HIS A 143 17.83 34.13 -57.93
N TRP A 144 17.00 33.56 -58.80
CA TRP A 144 15.78 34.24 -59.22
C TRP A 144 14.78 34.31 -58.08
N VAL A 145 14.61 33.20 -57.34
CA VAL A 145 13.65 33.18 -56.24
C VAL A 145 14.12 34.11 -55.12
N ARG A 146 15.43 34.11 -54.84
CA ARG A 146 15.96 35.01 -53.82
C ARG A 146 15.76 36.47 -54.21
N ARG A 147 15.93 36.79 -55.50
CA ARG A 147 15.70 38.15 -55.96
C ARG A 147 14.23 38.53 -55.85
N GLU A 148 13.34 37.60 -56.20
CA GLU A 148 11.91 37.89 -56.14
C GLU A 148 11.44 38.06 -54.70
N CYS A 149 11.97 37.27 -53.77
CA CYS A 149 11.50 37.32 -52.39
C CYS A 149 11.83 38.65 -51.74
N ASP A 150 13.03 39.18 -51.99
CA ASP A 150 13.44 40.42 -51.35
C ASP A 150 12.75 41.63 -51.98
N GLU A 151 12.49 41.59 -53.28
CA GLU A 151 11.90 42.74 -53.95
C GLU A 151 10.43 42.89 -53.61
N GLY A 152 9.80 41.82 -53.13
CA GLY A 152 8.42 41.91 -52.69
C GLY A 152 7.43 41.05 -53.46
N ARG A 153 7.88 39.90 -53.95
CA ARG A 153 6.98 38.97 -54.60
C ARG A 153 6.09 38.28 -53.57
N LYS A 154 5.01 37.66 -54.05
CA LYS A 154 4.04 37.04 -53.17
C LYS A 154 3.86 35.54 -53.38
N GLY A 155 3.94 35.06 -54.61
CA GLY A 155 3.69 33.66 -54.89
C GLY A 155 4.87 32.91 -55.48
N ILE A 156 6.08 33.27 -55.06
CA ILE A 156 7.30 32.64 -55.55
C ILE A 156 7.93 31.86 -54.40
N TYR A 157 8.17 30.57 -54.63
CA TYR A 157 8.75 29.69 -53.62
C TYR A 157 9.90 28.93 -54.23
N GLU A 158 10.65 28.24 -53.37
CA GLU A 158 11.65 27.30 -53.85
C GLU A 158 10.96 26.08 -54.47
N ILE A 159 11.76 25.27 -55.17
CA ILE A 159 11.20 24.15 -55.92
C ILE A 159 10.58 23.12 -54.98
N TYR A 160 11.27 22.79 -53.89
CA TYR A 160 10.73 21.81 -52.95
C TYR A 160 9.46 22.32 -52.28
N SER A 161 9.45 23.58 -51.87
CA SER A 161 8.26 24.16 -51.26
C SER A 161 7.13 24.26 -52.28
N LEU A 162 7.45 24.57 -53.54
CA LEU A 162 6.44 24.59 -54.57
C LEU A 162 5.82 23.20 -54.76
N ALA A 163 6.65 22.16 -54.75
CA ALA A 163 6.13 20.80 -54.88
C ALA A 163 5.24 20.44 -53.70
N LEU A 164 5.65 20.81 -52.49
CA LEU A 164 4.83 20.54 -51.31
C LEU A 164 3.49 21.25 -51.39
N VAL A 165 3.50 22.52 -51.80
CA VAL A 165 2.26 23.29 -51.89
C VAL A 165 1.36 22.70 -52.96
N THR A 166 1.93 22.30 -54.11
CA THR A 166 1.13 21.69 -55.16
C THR A 166 0.51 20.38 -54.70
N TRP A 167 1.29 19.56 -53.97
CA TRP A 167 0.74 18.33 -53.41
C TRP A 167 -0.43 18.63 -52.49
N ARG A 168 -0.25 19.59 -51.57
CA ARG A 168 -1.29 19.91 -50.60
C ARG A 168 -2.56 20.39 -51.30
N ASP A 169 -2.40 21.23 -52.32
CA ASP A 169 -3.56 21.83 -53.00
C ASP A 169 -4.17 20.91 -54.04
N CYS A 170 -3.49 19.84 -54.45
CA CYS A 170 -4.00 18.97 -55.50
C CYS A 170 -4.46 17.61 -55.00
N LEU A 171 -3.63 16.89 -54.25
CA LEU A 171 -3.94 15.52 -53.86
C LEU A 171 -4.32 15.37 -52.40
N PHE A 172 -3.69 16.12 -51.50
CA PHE A 172 -4.01 16.00 -50.08
C PHE A 172 -5.41 16.49 -49.78
N ARG A 173 -5.83 17.59 -50.41
CA ARG A 173 -7.13 18.18 -50.07
C ARG A 173 -8.31 17.27 -50.36
N PRO A 174 -8.44 16.64 -51.53
CA PRO A 174 -9.62 15.82 -51.80
C PRO A 174 -9.57 14.40 -51.23
N LEU A 175 -8.52 14.04 -50.49
CA LEU A 175 -8.39 12.68 -49.97
C LEU A 175 -8.18 12.62 -48.46
N ASN A 176 -8.07 13.77 -47.79
CA ASN A 176 -7.73 13.78 -46.37
C ASN A 176 -8.84 13.14 -45.53
N LYS A 177 -10.11 13.37 -45.91
CA LYS A 177 -11.21 12.78 -45.14
C LYS A 177 -11.13 11.25 -45.17
N GLN A 178 -10.98 10.67 -46.36
CA GLN A 178 -10.89 9.22 -46.47
C GLN A 178 -9.67 8.69 -45.74
N VAL A 179 -8.52 9.36 -45.89
CA VAL A 179 -7.29 8.87 -45.26
C VAL A 179 -7.43 8.89 -43.74
N THR A 180 -7.94 9.99 -43.19
CA THR A 180 -8.09 10.10 -41.74
C THR A 180 -9.10 9.09 -41.22
N ASN A 181 -10.22 8.91 -41.92
CA ASN A 181 -11.21 7.95 -41.46
C ASN A 181 -10.66 6.53 -41.48
N ALA A 182 -9.90 6.17 -42.52
CA ALA A 182 -9.30 4.84 -42.57
C ALA A 182 -8.27 4.65 -41.45
N VAL A 183 -7.47 5.69 -41.18
CA VAL A 183 -6.50 5.60 -40.10
C VAL A 183 -7.19 5.40 -38.76
N LEU A 184 -8.28 6.14 -38.52
CA LEU A 184 -9.02 5.99 -37.28
C LEU A 184 -9.64 4.60 -37.17
N LYS A 185 -10.17 4.08 -38.27
CA LYS A 185 -10.72 2.73 -38.26
C LYS A 185 -9.65 1.69 -37.94
N LEU A 186 -8.45 1.86 -38.52
CA LEU A 186 -7.36 0.95 -38.22
C LEU A 186 -6.93 1.02 -36.76
N ILE A 187 -6.90 2.24 -36.19
CA ILE A 187 -6.57 2.39 -34.78
C ILE A 187 -7.61 1.69 -33.91
N GLU A 188 -8.89 1.86 -34.25
CA GLU A 188 -9.95 1.19 -33.50
C GLU A 188 -9.83 -0.32 -33.61
N LYS A 189 -9.47 -0.82 -34.79
CA LYS A 189 -9.26 -2.26 -34.95
C LYS A 189 -8.11 -2.74 -34.07
N GLU A 190 -7.03 -1.96 -33.99
CA GLU A 190 -5.91 -2.33 -33.13
C GLU A 190 -6.31 -2.33 -31.67
N ARG A 191 -7.16 -1.39 -31.26
CA ARG A 191 -7.58 -1.30 -29.86
C ARG A 191 -8.45 -2.48 -29.44
N ASN A 192 -9.04 -3.21 -30.39
CA ASN A 192 -9.92 -4.32 -30.10
C ASN A 192 -9.20 -5.67 -30.11
N GLY A 193 -7.87 -5.68 -30.23
CA GLY A 193 -7.12 -6.92 -30.19
C GLY A 193 -6.78 -7.48 -31.55
N GLU A 194 -6.26 -6.64 -32.44
CA GLU A 194 -5.85 -7.06 -33.77
C GLU A 194 -4.46 -6.53 -34.08
N THR A 195 -3.73 -7.24 -34.92
CA THR A 195 -2.40 -6.85 -35.35
C THR A 195 -2.52 -6.13 -36.68
N ILE A 196 -2.02 -4.89 -36.74
CA ILE A 196 -2.13 -4.05 -37.91
C ILE A 196 -0.75 -3.63 -38.36
N ASN A 197 -0.69 -3.06 -39.56
CA ASN A 197 0.56 -2.53 -40.11
C ASN A 197 0.69 -1.07 -39.68
N THR A 198 1.60 -0.81 -38.74
CA THR A 198 1.77 0.53 -38.20
C THR A 198 2.47 1.47 -39.17
N ARG A 199 3.13 0.92 -40.20
CA ARG A 199 3.84 1.78 -41.14
C ARG A 199 2.90 2.55 -42.05
N LEU A 200 1.63 2.15 -42.13
CA LEU A 200 0.66 2.92 -42.90
C LEU A 200 0.26 4.19 -42.17
N ILE A 201 0.10 4.11 -40.84
CA ILE A 201 -0.27 5.28 -40.06
C ILE A 201 0.88 6.27 -39.97
N SER A 202 2.10 5.76 -39.80
CA SER A 202 3.26 6.64 -39.61
C SER A 202 3.51 7.48 -40.86
N GLY A 203 3.37 6.90 -42.04
CA GLY A 203 3.56 7.67 -43.27
C GLY A 203 2.54 8.78 -43.41
N VAL A 204 1.27 8.48 -43.09
CA VAL A 204 0.22 9.49 -43.15
C VAL A 204 0.52 10.62 -42.16
N VAL A 205 0.94 10.26 -40.95
CA VAL A 205 1.23 11.27 -39.94
C VAL A 205 2.38 12.17 -40.38
N GLN A 206 3.45 11.56 -40.93
CA GLN A 206 4.58 12.34 -41.40
C GLN A 206 4.18 13.26 -42.56
N SER A 207 3.37 12.75 -43.48
CA SER A 207 2.90 13.59 -44.60
C SER A 207 2.08 14.76 -44.09
N TYR A 208 1.20 14.52 -43.11
CA TYR A 208 0.41 15.61 -42.55
C TYR A 208 1.30 16.63 -41.85
N VAL A 209 2.32 16.16 -41.14
CA VAL A 209 3.21 17.06 -40.41
C VAL A 209 3.99 17.94 -41.38
N GLU A 210 4.54 17.35 -42.44
CA GLU A 210 5.38 18.11 -43.35
C GLU A 210 4.57 19.11 -44.18
N LEU A 211 3.32 18.78 -44.50
CA LEU A 211 2.50 19.68 -45.30
C LEU A 211 1.88 20.76 -44.43
N GLY A 212 2.69 21.46 -43.66
CA GLY A 212 2.21 22.53 -42.81
C GLY A 212 3.08 23.77 -42.89
N LEU A 213 3.91 23.84 -43.93
CA LEU A 213 4.80 24.99 -44.09
C LEU A 213 4.00 26.27 -44.25
N ASN A 214 4.54 27.36 -43.69
CA ASN A 214 3.83 28.64 -43.72
C ASN A 214 3.66 29.13 -45.16
N GLU A 215 4.69 28.97 -45.98
CA GLU A 215 4.77 29.36 -47.38
C GLU A 215 4.81 30.87 -47.56
N ASP A 216 4.71 31.66 -46.49
CA ASP A 216 4.81 33.11 -46.57
C ASP A 216 5.91 33.67 -45.69
N ASP A 217 6.07 33.15 -44.47
CA ASP A 217 7.15 33.61 -43.61
C ASP A 217 8.50 33.17 -44.16
N ALA A 218 8.57 31.95 -44.69
CA ALA A 218 9.75 31.32 -45.29
C ALA A 218 10.87 31.08 -44.28
N PHE A 219 10.67 31.39 -43.00
CA PHE A 219 11.68 31.18 -41.97
C PHE A 219 11.00 30.69 -40.70
N ALA A 220 11.54 29.64 -40.10
CA ALA A 220 10.99 29.07 -38.89
C ALA A 220 12.09 28.28 -38.18
N LYS A 221 11.83 27.94 -36.92
CA LYS A 221 12.75 27.17 -36.10
C LYS A 221 12.25 25.76 -35.82
N GLY A 222 11.04 25.63 -35.29
CA GLY A 222 10.46 24.33 -35.03
C GLY A 222 9.55 23.87 -36.15
N PRO A 223 8.88 22.75 -35.96
CA PRO A 223 7.93 22.27 -36.97
C PRO A 223 6.51 22.78 -36.78
N THR A 224 5.88 23.10 -37.91
CA THR A 224 4.52 23.64 -37.90
C THR A 224 3.51 22.49 -37.93
N LEU A 225 2.57 22.51 -37.01
CA LEU A 225 1.61 21.43 -36.83
C LEU A 225 0.17 21.90 -37.08
N THR A 226 0.00 22.85 -37.99
CA THR A 226 -1.35 23.36 -38.28
C THR A 226 -2.21 22.28 -38.92
N VAL A 227 -1.70 21.64 -39.97
CA VAL A 227 -2.49 20.61 -40.66
C VAL A 227 -2.63 19.38 -39.78
N TYR A 228 -1.57 19.02 -39.03
CA TYR A 228 -1.63 17.84 -38.18
C TYR A 228 -2.70 17.98 -37.10
N LYS A 229 -2.81 19.16 -36.49
CA LYS A 229 -3.79 19.35 -35.43
C LYS A 229 -5.20 19.51 -35.99
N GLU A 230 -5.35 20.21 -37.11
CA GLU A 230 -6.66 20.55 -37.64
C GLU A 230 -7.30 19.42 -38.42
N SER A 231 -6.57 18.36 -38.77
CA SER A 231 -7.11 17.28 -39.57
C SER A 231 -7.11 15.92 -38.89
N PHE A 232 -6.16 15.66 -37.98
CA PHE A 232 -6.02 14.34 -37.38
C PHE A 232 -6.17 14.34 -35.87
N GLU A 233 -5.48 15.26 -35.18
CA GLU A 233 -5.29 15.12 -33.75
C GLU A 233 -6.58 15.31 -32.97
N SER A 234 -7.39 16.30 -33.33
CA SER A 234 -8.63 16.56 -32.61
C SER A 234 -9.57 15.36 -32.70
N GLN A 235 -9.73 14.82 -33.92
CA GLN A 235 -10.56 13.63 -34.10
C GLN A 235 -9.99 12.44 -33.34
N PHE A 236 -8.67 12.28 -33.36
CA PHE A 236 -8.05 11.16 -32.64
C PHE A 236 -8.34 11.23 -31.15
N LEU A 237 -8.18 12.42 -30.54
CA LEU A 237 -8.44 12.56 -29.12
C LEU A 237 -9.91 12.38 -28.79
N ALA A 238 -10.81 12.91 -29.63
CA ALA A 238 -12.23 12.72 -29.39
C ALA A 238 -12.62 11.24 -29.46
N ASP A 239 -12.08 10.53 -30.45
CA ASP A 239 -12.37 9.11 -30.58
C ASP A 239 -11.81 8.32 -29.40
N THR A 240 -10.62 8.68 -28.94
CA THR A 240 -10.04 8.01 -27.76
C THR A 240 -10.92 8.22 -26.55
N GLU A 241 -11.37 9.46 -26.33
CA GLU A 241 -12.25 9.76 -25.21
C GLU A 241 -13.53 8.94 -25.28
N ARG A 242 -14.17 8.90 -26.45
CA ARG A 242 -15.41 8.15 -26.61
C ARG A 242 -15.18 6.67 -26.36
N PHE A 243 -14.13 6.11 -26.95
CA PHE A 243 -13.86 4.67 -26.81
C PHE A 243 -13.65 4.30 -25.35
N TYR A 244 -12.84 5.07 -24.63
CA TYR A 244 -12.55 4.69 -23.25
C TYR A 244 -13.71 4.99 -22.32
N THR A 245 -14.49 6.05 -22.56
CA THR A 245 -15.65 6.30 -21.73
C THR A 245 -16.75 5.28 -21.95
N ARG A 246 -16.77 4.62 -23.12
CA ARG A 246 -17.68 3.49 -23.28
C ARG A 246 -17.13 2.23 -22.61
N GLU A 247 -15.84 1.94 -22.84
CA GLU A 247 -15.27 0.69 -22.36
C GLU A 247 -15.24 0.63 -20.83
N SER A 248 -14.87 1.73 -20.18
CA SER A 248 -14.80 1.73 -18.72
C SER A 248 -16.17 1.48 -18.10
N THR A 249 -17.21 2.13 -18.61
CA THR A 249 -18.55 1.92 -18.10
C THR A 249 -19.00 0.48 -18.31
N GLU A 250 -18.77 -0.05 -19.52
CA GLU A 250 -19.19 -1.42 -19.79
C GLU A 250 -18.46 -2.42 -18.90
N PHE A 251 -17.17 -2.19 -18.65
CA PHE A 251 -16.41 -3.09 -17.79
C PHE A 251 -16.86 -2.99 -16.35
N LEU A 252 -17.10 -1.78 -15.86
CA LEU A 252 -17.50 -1.61 -14.47
C LEU A 252 -18.90 -2.14 -14.21
N GLN A 253 -19.75 -2.16 -15.23
CA GLN A 253 -21.10 -2.69 -15.05
C GLN A 253 -21.12 -4.21 -14.91
N GLN A 254 -20.04 -4.91 -15.24
CA GLN A 254 -20.03 -6.36 -15.26
C GLN A 254 -18.94 -7.01 -14.42
N ASN A 255 -17.93 -6.27 -13.99
CA ASN A 255 -16.78 -6.81 -13.26
C ASN A 255 -16.48 -5.96 -12.04
N PRO A 256 -15.82 -6.52 -11.03
CA PRO A 256 -15.42 -5.73 -9.86
C PRO A 256 -14.32 -4.73 -10.22
N VAL A 257 -14.04 -3.85 -9.25
CA VAL A 257 -13.07 -2.78 -9.47
C VAL A 257 -11.64 -3.32 -9.54
N THR A 258 -11.36 -4.43 -8.86
CA THR A 258 -10.00 -4.95 -8.82
C THR A 258 -9.50 -5.32 -10.20
N GLU A 259 -10.33 -5.99 -11.00
CA GLU A 259 -9.95 -6.30 -12.37
C GLU A 259 -9.92 -5.06 -13.25
N TYR A 260 -10.81 -4.09 -12.97
CA TYR A 260 -10.80 -2.85 -13.74
C TYR A 260 -9.49 -2.09 -13.56
N MET A 261 -8.88 -2.19 -12.39
CA MET A 261 -7.60 -1.51 -12.17
C MET A 261 -6.52 -2.09 -13.08
N LYS A 262 -6.44 -3.41 -13.17
CA LYS A 262 -5.49 -4.04 -14.08
C LYS A 262 -5.79 -3.67 -15.53
N LYS A 263 -7.07 -3.64 -15.88
CA LYS A 263 -7.47 -3.22 -17.23
C LYS A 263 -6.98 -1.81 -17.53
N ALA A 264 -7.16 -0.89 -16.58
CA ALA A 264 -6.75 0.50 -16.77
C ALA A 264 -5.23 0.61 -16.91
N GLU A 265 -4.48 -0.11 -16.06
CA GLU A 265 -3.03 -0.07 -16.17
C GLU A 265 -2.56 -0.58 -17.53
N ALA A 266 -3.14 -1.70 -17.99
CA ALA A 266 -2.78 -2.23 -19.30
C ALA A 266 -3.13 -1.24 -20.40
N ARG A 267 -4.29 -0.59 -20.31
CA ARG A 267 -4.68 0.37 -21.33
C ARG A 267 -3.73 1.56 -21.37
N LEU A 268 -3.30 2.05 -20.21
CA LEU A 268 -2.36 3.16 -20.17
C LEU A 268 -1.02 2.78 -20.78
N LEU A 269 -0.53 1.57 -20.47
CA LEU A 269 0.71 1.11 -21.09
C LEU A 269 0.57 1.00 -22.60
N GLU A 270 -0.57 0.46 -23.07
CA GLU A 270 -0.79 0.38 -24.51
C GLU A 270 -0.81 1.75 -25.15
N GLU A 271 -1.47 2.73 -24.52
CA GLU A 271 -1.53 4.06 -25.10
C GLU A 271 -0.15 4.70 -25.19
N GLN A 272 0.68 4.50 -24.16
CA GLN A 272 2.06 4.94 -24.26
C GLN A 272 2.76 4.28 -25.44
N ARG A 273 2.54 2.98 -25.63
CA ARG A 273 3.11 2.28 -26.78
C ARG A 273 2.67 2.92 -28.11
N ARG A 274 1.36 3.12 -28.29
CA ARG A 274 0.89 3.69 -29.56
C ARG A 274 1.49 5.05 -29.81
N VAL A 275 1.44 5.94 -28.81
CA VAL A 275 1.87 7.31 -29.02
C VAL A 275 3.38 7.37 -29.27
N GLN A 276 4.16 6.48 -28.64
CA GLN A 276 5.59 6.48 -28.90
C GLN A 276 5.97 5.73 -30.16
N VAL A 277 5.09 4.91 -30.72
CA VAL A 277 5.45 4.13 -31.90
C VAL A 277 5.03 4.84 -33.18
N TYR A 278 3.75 5.17 -33.33
CA TYR A 278 3.31 5.67 -34.63
C TYR A 278 2.50 6.95 -34.53
N LEU A 279 2.94 7.88 -33.68
CA LEU A 279 2.31 9.20 -33.60
C LEU A 279 3.41 10.24 -33.40
N HIS A 280 3.03 11.50 -33.47
CA HIS A 280 4.00 12.58 -33.27
C HIS A 280 4.32 12.74 -31.80
N GLU A 281 5.43 13.41 -31.52
CA GLU A 281 5.88 13.60 -30.15
C GLU A 281 5.11 14.68 -29.41
N SER A 282 4.37 15.53 -30.12
CA SER A 282 3.68 16.64 -29.49
C SER A 282 2.36 16.25 -28.85
N THR A 283 1.82 15.07 -29.16
CA THR A 283 0.54 14.65 -28.63
C THR A 283 0.66 13.78 -27.38
N GLN A 284 1.89 13.53 -26.91
CA GLN A 284 2.09 12.62 -25.79
C GLN A 284 1.40 13.13 -24.52
N ASP A 285 1.66 14.38 -24.16
CA ASP A 285 1.10 14.93 -22.93
C ASP A 285 -0.42 15.00 -22.99
N GLU A 286 -0.97 15.45 -24.13
CA GLU A 286 -2.42 15.55 -24.27
C GLU A 286 -3.07 14.18 -24.17
N LEU A 287 -2.51 13.18 -24.86
CA LEU A 287 -3.08 11.84 -24.80
C LEU A 287 -2.99 11.27 -23.40
N ALA A 288 -1.86 11.47 -22.72
CA ALA A 288 -1.71 10.96 -21.36
C ALA A 288 -2.73 11.58 -20.42
N ARG A 289 -2.87 12.90 -20.46
CA ARG A 289 -3.83 13.56 -19.57
C ARG A 289 -5.26 13.13 -19.88
N LYS A 290 -5.62 13.05 -21.16
CA LYS A 290 -6.99 12.69 -21.50
C LYS A 290 -7.31 11.26 -21.08
N CYS A 291 -6.39 10.33 -21.35
CA CYS A 291 -6.62 8.93 -20.97
C CYS A 291 -6.67 8.78 -19.46
N GLU A 292 -5.76 9.43 -18.73
CA GLU A 292 -5.78 9.35 -17.28
C GLU A 292 -7.09 9.90 -16.72
N GLN A 293 -7.53 11.05 -17.24
CA GLN A 293 -8.80 11.61 -16.78
C GLN A 293 -9.94 10.64 -17.03
N VAL A 294 -10.12 10.21 -18.27
CA VAL A 294 -11.28 9.39 -18.63
C VAL A 294 -11.23 8.02 -17.98
N LEU A 295 -10.06 7.55 -17.53
CA LEU A 295 -9.96 6.22 -16.95
C LEU A 295 -9.92 6.21 -15.43
N ILE A 296 -9.58 7.33 -14.78
CA ILE A 296 -9.43 7.38 -13.34
C ILE A 296 -10.34 8.43 -12.71
N GLU A 297 -10.31 9.66 -13.24
CA GLU A 297 -10.92 10.79 -12.55
C GLU A 297 -12.43 10.69 -12.48
N LYS A 298 -13.06 9.93 -13.39
CA LYS A 298 -14.51 9.81 -13.38
C LYS A 298 -15.01 8.69 -12.48
N HIS A 299 -14.11 7.88 -11.92
CA HIS A 299 -14.49 6.76 -11.06
C HIS A 299 -13.90 6.91 -9.66
N LEU A 300 -13.61 8.15 -9.26
CA LEU A 300 -13.01 8.38 -7.95
C LEU A 300 -13.96 8.04 -6.82
N GLU A 301 -15.26 8.21 -7.01
CA GLU A 301 -16.23 7.82 -5.99
C GLU A 301 -16.21 6.31 -5.78
N ILE A 302 -16.20 5.54 -6.86
CA ILE A 302 -16.12 4.08 -6.74
C ILE A 302 -14.80 3.67 -6.11
N PHE A 303 -13.71 4.34 -6.47
CA PHE A 303 -12.42 4.03 -5.87
C PHE A 303 -12.43 4.30 -4.37
N HIS A 304 -13.02 5.41 -3.95
CA HIS A 304 -13.11 5.73 -2.53
C HIS A 304 -13.96 4.71 -1.79
N THR A 305 -15.07 4.28 -2.41
CA THR A 305 -15.91 3.27 -1.79
C THR A 305 -15.16 1.95 -1.65
N GLU A 306 -14.40 1.56 -2.67
CA GLU A 306 -13.67 0.29 -2.64
C GLU A 306 -12.47 0.34 -1.70
N PHE A 307 -11.93 1.53 -1.43
CA PHE A 307 -10.80 1.64 -0.51
C PHE A 307 -11.16 1.11 0.87
N GLN A 308 -12.34 1.47 1.38
CA GLN A 308 -12.75 1.00 2.70
C GLN A 308 -12.94 -0.51 2.71
N ASN A 309 -13.54 -1.06 1.65
CA ASN A 309 -13.73 -2.51 1.58
C ASN A 309 -12.39 -3.24 1.54
N LEU A 310 -11.43 -2.72 0.78
CA LEU A 310 -10.11 -3.35 0.74
C LEU A 310 -9.37 -3.20 2.05
N LEU A 311 -9.63 -2.12 2.79
CA LEU A 311 -9.02 -1.99 4.11
C LEU A 311 -9.63 -2.96 5.12
N ASP A 312 -10.95 -3.18 5.02
CA ASP A 312 -11.62 -4.09 5.96
C ASP A 312 -11.09 -5.50 5.85
N ALA A 313 -11.07 -6.05 4.64
CA ALA A 313 -10.49 -7.36 4.37
C ALA A 313 -9.12 -7.15 3.75
N ASP A 314 -8.06 -7.47 4.51
CA ASP A 314 -6.70 -7.12 4.15
C ASP A 314 -6.33 -7.60 2.75
N LYS A 315 -6.11 -6.65 1.83
CA LYS A 315 -5.72 -6.94 0.44
C LYS A 315 -4.67 -5.89 0.07
N ASN A 316 -3.39 -6.21 0.31
CA ASN A 316 -2.33 -5.21 0.16
C ASN A 316 -2.06 -4.92 -1.31
N GLU A 317 -2.13 -5.93 -2.18
CA GLU A 317 -1.85 -5.71 -3.60
C GLU A 317 -2.88 -4.78 -4.23
N ASP A 318 -4.15 -4.94 -3.89
CA ASP A 318 -5.18 -4.05 -4.42
C ASP A 318 -4.98 -2.63 -3.92
N LEU A 319 -4.61 -2.47 -2.65
CA LEU A 319 -4.35 -1.13 -2.13
C LEU A 319 -3.16 -0.48 -2.83
N GLY A 320 -2.11 -1.26 -3.09
CA GLY A 320 -0.98 -0.73 -3.82
C GLY A 320 -1.33 -0.32 -5.24
N ARG A 321 -2.14 -1.14 -5.92
CA ARG A 321 -2.57 -0.78 -7.27
C ARG A 321 -3.43 0.48 -7.26
N MET A 322 -4.32 0.61 -6.28
CA MET A 322 -5.12 1.83 -6.16
C MET A 322 -4.25 3.04 -5.92
N TYR A 323 -3.25 2.92 -5.05
CA TYR A 323 -2.34 4.03 -4.79
C TYR A 323 -1.57 4.41 -6.05
N ASN A 324 -1.12 3.42 -6.81
CA ASN A 324 -0.42 3.69 -8.06
C ASN A 324 -1.32 4.41 -9.05
N LEU A 325 -2.58 3.98 -9.15
CA LEU A 325 -3.49 4.58 -10.13
C LEU A 325 -3.85 6.01 -9.76
N VAL A 326 -4.25 6.24 -8.50
CA VAL A 326 -4.71 7.57 -8.09
C VAL A 326 -3.57 8.57 -7.92
N SER A 327 -2.33 8.09 -7.85
CA SER A 327 -1.19 9.00 -7.70
C SER A 327 -1.04 9.94 -8.89
N ARG A 328 -1.57 9.57 -10.05
CA ARG A 328 -1.45 10.41 -11.23
C ARG A 328 -2.37 11.62 -11.18
N ILE A 329 -3.57 11.47 -10.62
CA ILE A 329 -4.50 12.58 -10.52
C ILE A 329 -3.99 13.57 -9.46
N GLN A 330 -3.95 14.85 -9.82
CA GLN A 330 -3.47 15.87 -8.89
C GLN A 330 -4.43 16.03 -7.72
N ASP A 331 -3.88 16.07 -6.51
CA ASP A 331 -4.67 16.23 -5.28
C ASP A 331 -5.76 15.17 -5.16
N GLY A 332 -5.42 13.93 -5.52
CA GLY A 332 -6.37 12.83 -5.44
C GLY A 332 -6.12 11.90 -4.28
N LEU A 333 -5.03 12.13 -3.53
CA LEU A 333 -4.64 11.23 -2.45
C LEU A 333 -5.09 11.69 -1.07
N GLY A 334 -5.67 12.88 -0.96
CA GLY A 334 -6.08 13.37 0.36
C GLY A 334 -7.20 12.56 0.98
N GLU A 335 -8.21 12.22 0.18
CA GLU A 335 -9.33 11.44 0.69
C GLU A 335 -8.87 10.08 1.19
N LEU A 336 -7.94 9.46 0.45
CA LEU A 336 -7.37 8.18 0.91
C LEU A 336 -6.66 8.34 2.24
N LYS A 337 -5.90 9.43 2.41
CA LYS A 337 -5.21 9.66 3.67
C LYS A 337 -6.20 9.81 4.83
N LYS A 338 -7.26 10.59 4.62
CA LYS A 338 -8.25 10.77 5.68
C LYS A 338 -8.94 9.45 6.01
N LEU A 339 -9.30 8.67 4.99
CA LEU A 339 -9.96 7.39 5.22
C LEU A 339 -9.05 6.43 5.97
N LEU A 340 -7.76 6.38 5.60
CA LEU A 340 -6.83 5.51 6.29
C LEU A 340 -6.64 5.93 7.74
N GLU A 341 -6.56 7.24 7.99
CA GLU A 341 -6.42 7.71 9.38
C GLU A 341 -7.63 7.30 10.22
N THR A 342 -8.84 7.51 9.68
CA THR A 342 -10.04 7.13 10.41
C THR A 342 -10.08 5.62 10.64
N HIS A 343 -9.69 4.83 9.63
CA HIS A 343 -9.69 3.38 9.76
C HIS A 343 -8.72 2.92 10.84
N ILE A 344 -7.51 3.49 10.87
CA ILE A 344 -6.53 3.09 11.88
C ILE A 344 -7.02 3.47 13.26
N HIS A 345 -7.58 4.67 13.41
CA HIS A 345 -8.11 5.08 14.71
C HIS A 345 -9.20 4.13 15.19
N ASN A 346 -10.14 3.79 14.31
CA ASN A 346 -11.24 2.90 14.68
C ASN A 346 -10.72 1.51 15.02
N GLN A 347 -9.75 1.01 14.24
CA GLN A 347 -9.20 -0.31 14.51
C GLN A 347 -8.49 -0.36 15.86
N GLY A 348 -7.71 0.68 16.18
CA GLY A 348 -7.06 0.73 17.48
C GLY A 348 -8.05 0.78 18.62
N LEU A 349 -9.08 1.63 18.50
CA LEU A 349 -10.08 1.72 19.56
C LEU A 349 -10.81 0.39 19.74
N ALA A 350 -11.19 -0.26 18.63
CA ALA A 350 -11.89 -1.53 18.73
C ALA A 350 -11.00 -2.61 19.34
N ALA A 351 -9.72 -2.64 18.96
CA ALA A 351 -8.81 -3.63 19.50
C ALA A 351 -8.61 -3.44 21.00
N ILE A 352 -8.50 -2.19 21.45
CA ILE A 352 -8.36 -1.95 22.89
C ILE A 352 -9.64 -2.30 23.61
N GLU A 353 -10.80 -2.02 23.00
CA GLU A 353 -12.07 -2.25 23.66
C GLU A 353 -12.35 -3.73 23.91
N LYS A 354 -11.89 -4.60 23.00
CA LYS A 354 -12.18 -6.03 23.13
C LYS A 354 -11.47 -6.67 24.32
N CYS A 355 -10.41 -6.04 24.84
CA CYS A 355 -9.69 -6.61 25.97
C CYS A 355 -10.53 -6.56 27.25
N GLY A 356 -11.41 -5.57 27.37
CA GLY A 356 -12.30 -5.50 28.51
C GLY A 356 -11.65 -4.88 29.73
N GLU A 357 -12.19 -5.23 30.90
CA GLU A 357 -11.70 -4.71 32.16
C GLU A 357 -10.34 -5.29 32.54
N ALA A 358 -9.98 -6.46 32.00
CA ALA A 358 -8.72 -7.09 32.36
C ALA A 358 -7.52 -6.25 31.95
N ALA A 359 -7.69 -5.38 30.94
CA ALA A 359 -6.58 -4.55 30.49
C ALA A 359 -6.21 -3.47 31.51
N LEU A 360 -7.10 -3.17 32.46
CA LEU A 360 -6.80 -2.14 33.45
C LEU A 360 -5.73 -2.59 34.43
N ASN A 361 -5.50 -3.89 34.58
CA ASN A 361 -4.49 -4.40 35.50
C ASN A 361 -3.55 -5.40 34.84
N ASP A 362 -3.53 -5.44 33.51
CA ASP A 362 -2.63 -6.32 32.75
C ASP A 362 -1.89 -5.48 31.72
N PRO A 363 -0.73 -4.93 32.08
CA PRO A 363 0.01 -4.09 31.12
C PRO A 363 0.41 -4.83 29.85
N LYS A 364 0.73 -6.12 29.96
CA LYS A 364 1.23 -6.86 28.82
C LYS A 364 0.20 -6.89 27.69
N MET A 365 -1.06 -7.19 28.02
CA MET A 365 -2.10 -7.26 27.00
C MET A 365 -2.32 -5.92 26.32
N TYR A 366 -2.37 -4.84 27.11
CA TYR A 366 -2.58 -3.50 26.57
C TYR A 366 -1.47 -3.12 25.61
N VAL A 367 -0.21 -3.26 26.06
CA VAL A 367 0.93 -2.87 25.23
C VAL A 367 1.01 -3.76 24.00
N GLN A 368 0.71 -5.05 24.14
CA GLN A 368 0.78 -5.95 23.00
C GLN A 368 -0.27 -5.62 21.96
N THR A 369 -1.47 -5.26 22.39
CA THR A 369 -2.51 -4.85 21.44
C THR A 369 -2.08 -3.60 20.68
N VAL A 370 -1.58 -2.60 21.41
CA VAL A 370 -1.12 -1.37 20.75
C VAL A 370 -0.01 -1.69 19.76
N LEU A 371 0.95 -2.52 20.17
CA LEU A 371 2.07 -2.86 19.31
C LEU A 371 1.62 -3.62 18.08
N ASP A 372 0.66 -4.54 18.23
CA ASP A 372 0.17 -5.29 17.08
C ASP A 372 -0.48 -4.38 16.06
N VAL A 373 -1.34 -3.47 16.53
CA VAL A 373 -1.99 -2.54 15.60
C VAL A 373 -0.96 -1.69 14.88
N HIS A 374 -0.02 -1.12 15.65
CA HIS A 374 0.98 -0.24 15.04
C HIS A 374 1.85 -0.99 14.05
N LYS A 375 2.28 -2.21 14.40
CA LYS A 375 3.14 -2.97 13.51
C LYS A 375 2.41 -3.34 12.22
N LYS A 376 1.16 -3.79 12.33
CA LYS A 376 0.41 -4.15 11.14
C LYS A 376 0.27 -2.96 10.19
N TYR A 377 -0.14 -1.81 10.73
CA TYR A 377 -0.37 -0.69 9.82
C TYR A 377 0.91 -0.02 9.36
N ASN A 378 1.99 -0.09 10.15
CA ASN A 378 3.28 0.38 9.65
C ASN A 378 3.77 -0.48 8.51
N ALA A 379 3.62 -1.80 8.61
CA ALA A 379 3.99 -2.68 7.51
C ALA A 379 3.14 -2.39 6.28
N LEU A 380 1.84 -2.18 6.47
CA LEU A 380 0.98 -1.85 5.34
C LEU A 380 1.40 -0.55 4.66
N VAL A 381 1.75 0.47 5.46
CA VAL A 381 2.17 1.74 4.89
C VAL A 381 3.47 1.59 4.12
N MET A 382 4.44 0.86 4.70
CA MET A 382 5.72 0.69 4.04
C MET A 382 5.58 -0.11 2.74
N SER A 383 4.73 -1.13 2.73
CA SER A 383 4.64 -2.00 1.57
C SER A 383 3.84 -1.38 0.43
N ALA A 384 2.57 -1.05 0.69
CA ALA A 384 1.68 -0.68 -0.39
C ALA A 384 1.78 0.80 -0.76
N PHE A 385 1.96 1.67 0.22
CA PHE A 385 1.91 3.11 -0.01
C PHE A 385 3.27 3.73 -0.26
N ASN A 386 4.30 2.92 -0.45
CA ASN A 386 5.63 3.38 -0.89
C ASN A 386 6.24 4.35 0.13
N ASN A 387 5.85 4.20 1.40
CA ASN A 387 6.40 4.99 2.51
C ASN A 387 6.27 6.49 2.25
N ASP A 388 5.08 6.90 1.82
CA ASP A 388 4.83 8.31 1.56
C ASP A 388 4.71 9.08 2.87
N ALA A 389 5.06 10.37 2.82
CA ALA A 389 5.06 11.19 4.03
C ALA A 389 3.64 11.39 4.57
N GLY A 390 2.67 11.60 3.69
CA GLY A 390 1.32 11.86 4.15
C GLY A 390 0.70 10.68 4.88
N PHE A 391 0.93 9.47 4.37
CA PHE A 391 0.38 8.28 5.01
C PHE A 391 1.07 8.02 6.35
N VAL A 392 2.37 8.29 6.43
CA VAL A 392 3.09 8.19 7.69
C VAL A 392 2.51 9.18 8.70
N ALA A 393 2.24 10.40 8.25
CA ALA A 393 1.64 11.40 9.14
C ALA A 393 0.25 10.97 9.61
N ALA A 394 -0.54 10.39 8.71
CA ALA A 394 -1.85 9.89 9.10
C ALA A 394 -1.75 8.79 10.14
N LEU A 395 -0.81 7.86 9.94
CA LEU A 395 -0.60 6.78 10.91
C LEU A 395 -0.17 7.35 12.26
N ASP A 396 0.74 8.32 12.26
CA ASP A 396 1.19 8.93 13.51
C ASP A 396 0.04 9.63 14.22
N LYS A 397 -0.79 10.36 13.47
CA LYS A 397 -1.92 11.06 14.07
C LYS A 397 -2.90 10.07 14.69
N ALA A 398 -3.22 8.99 13.97
CA ALA A 398 -4.14 8.00 14.50
C ALA A 398 -3.59 7.33 15.75
N CYS A 399 -2.30 6.97 15.72
CA CYS A 399 -1.69 6.30 16.88
C CYS A 399 -1.70 7.23 18.09
N GLY A 400 -1.31 8.49 17.90
CA GLY A 400 -1.37 9.44 18.99
C GLY A 400 -2.78 9.66 19.50
N ARG A 401 -3.77 9.53 18.62
CA ARG A 401 -5.15 9.70 19.05
C ARG A 401 -5.62 8.55 19.93
N PHE A 402 -5.38 7.30 19.51
CA PHE A 402 -5.98 6.23 20.30
C PHE A 402 -5.06 5.72 21.42
N ILE A 403 -3.80 6.15 21.48
CA ILE A 403 -2.97 5.74 22.61
C ILE A 403 -3.35 6.52 23.87
N ASN A 404 -3.66 7.80 23.73
CA ASN A 404 -3.90 8.64 24.90
C ASN A 404 -5.33 8.51 25.41
N ASN A 405 -6.31 8.39 24.51
CA ASN A 405 -7.71 8.28 24.89
C ASN A 405 -8.28 6.98 24.33
N ASN A 406 -8.77 6.12 25.22
CA ASN A 406 -9.34 4.84 24.83
C ASN A 406 -10.28 4.39 25.94
N ALA A 407 -10.72 3.12 25.88
CA ALA A 407 -11.63 2.60 26.88
C ALA A 407 -10.96 2.42 28.24
N VAL A 408 -9.68 2.05 28.25
CA VAL A 408 -8.97 1.86 29.51
C VAL A 408 -8.87 3.18 30.26
N THR A 409 -8.53 4.27 29.55
CA THR A 409 -8.42 5.57 30.19
C THR A 409 -9.77 6.08 30.69
N LYS A 410 -10.86 5.72 30.02
CA LYS A 410 -12.17 6.12 30.47
C LYS A 410 -12.53 5.46 31.80
N MET A 411 -12.14 4.19 31.97
CA MET A 411 -12.40 3.51 33.24
C MET A 411 -11.63 4.17 34.39
N ALA A 412 -10.39 4.56 34.14
CA ALA A 412 -9.57 5.21 35.16
C ALA A 412 -9.88 6.70 35.30
N GLN A 413 -10.73 7.25 34.43
CA GLN A 413 -11.12 8.67 34.47
C GLN A 413 -9.92 9.60 34.34
N SER A 414 -8.87 9.14 33.67
CA SER A 414 -7.68 9.94 33.46
C SER A 414 -6.91 9.38 32.28
N SER A 415 -6.14 10.26 31.63
CA SER A 415 -5.31 9.87 30.49
C SER A 415 -3.91 9.45 30.91
N SER A 416 -3.62 9.38 32.20
CA SER A 416 -2.30 9.02 32.71
C SER A 416 -2.13 7.53 32.92
N LYS A 417 -3.15 6.73 32.59
CA LYS A 417 -3.04 5.29 32.81
C LYS A 417 -2.12 4.62 31.81
N SER A 418 -2.06 5.14 30.58
CA SER A 418 -1.22 4.53 29.55
C SER A 418 0.27 4.58 29.89
N PRO A 419 0.86 5.71 30.30
CA PRO A 419 2.27 5.68 30.72
C PRO A 419 2.51 4.78 31.92
N GLU A 420 1.56 4.72 32.85
CA GLU A 420 1.69 3.82 33.99
C GLU A 420 1.76 2.37 33.53
N LEU A 421 0.89 1.97 32.61
CA LEU A 421 0.90 0.61 32.12
C LEU A 421 2.17 0.32 31.33
N LEU A 422 2.65 1.29 30.56
CA LEU A 422 3.91 1.09 29.83
C LEU A 422 5.07 0.89 30.78
N ALA A 423 5.14 1.70 31.85
CA ALA A 423 6.21 1.54 32.84
C ALA A 423 6.11 0.20 33.54
N ARG A 424 4.89 -0.24 33.87
CA ARG A 424 4.73 -1.53 34.52
C ARG A 424 5.14 -2.67 33.59
N TYR A 425 4.85 -2.54 32.29
CA TYR A 425 5.31 -3.53 31.33
C TYR A 425 6.82 -3.58 31.26
N CYS A 426 7.47 -2.41 31.25
CA CYS A 426 8.94 -2.38 31.26
C CYS A 426 9.49 -3.05 32.51
N ASP A 427 8.89 -2.77 33.67
CA ASP A 427 9.34 -3.40 34.91
C ASP A 427 9.17 -4.90 34.87
N SER A 428 8.05 -5.38 34.34
CA SER A 428 7.85 -6.82 34.21
C SER A 428 8.87 -7.44 33.28
N LEU A 429 9.21 -6.75 32.19
CA LEU A 429 10.22 -7.25 31.27
C LEU A 429 11.58 -7.34 31.93
N LEU A 430 11.95 -6.33 32.72
CA LEU A 430 13.28 -6.25 33.30
C LEU A 430 13.41 -6.96 34.65
N LYS A 431 12.35 -7.58 35.15
CA LYS A 431 12.39 -8.26 36.44
C LYS A 431 12.92 -9.69 36.25
N LYS A 432 12.89 -10.48 37.30
CA LYS A 432 13.29 -11.88 37.24
C LYS A 432 12.08 -12.78 37.00
N ALA A 440 17.80 -11.83 24.02
CA ALA A 440 17.62 -12.07 22.59
C ALA A 440 16.52 -11.19 22.02
N GLU A 441 15.28 -11.52 22.35
CA GLU A 441 14.11 -10.75 21.92
C GLU A 441 13.80 -9.59 22.86
N LEU A 442 14.54 -9.45 23.97
CA LEU A 442 14.33 -8.34 24.87
C LEU A 442 14.65 -7.01 24.20
N GLU A 443 15.70 -6.98 23.37
CA GLU A 443 16.06 -5.74 22.69
C GLU A 443 14.95 -5.29 21.75
N ASP A 444 14.36 -6.23 21.00
CA ASP A 444 13.31 -5.87 20.06
C ASP A 444 12.08 -5.32 20.77
N THR A 445 11.66 -5.97 21.85
CA THR A 445 10.47 -5.49 22.56
C THR A 445 10.75 -4.17 23.28
N LEU A 446 11.97 -3.96 23.77
CA LEU A 446 12.32 -2.66 24.35
C LEU A 446 12.28 -1.57 23.28
N ASN A 447 12.80 -1.86 22.09
CA ASN A 447 12.74 -0.88 21.01
C ASN A 447 11.30 -0.57 20.63
N GLN A 448 10.44 -1.59 20.56
CA GLN A 448 9.04 -1.36 20.24
C GLN A 448 8.36 -0.52 21.31
N VAL A 449 8.65 -0.80 22.58
CA VAL A 449 8.11 0.01 23.67
C VAL A 449 8.56 1.45 23.52
N MET A 450 9.82 1.67 23.14
CA MET A 450 10.30 3.03 22.97
C MET A 450 9.63 3.71 21.78
N VAL A 451 9.28 2.96 20.74
CA VAL A 451 8.49 3.53 19.65
C VAL A 451 7.11 3.95 20.15
N VAL A 452 6.51 3.15 21.03
CA VAL A 452 5.22 3.51 21.60
C VAL A 452 5.35 4.78 22.45
N PHE A 453 6.47 4.94 23.14
CA PHE A 453 6.67 6.07 24.04
C PHE A 453 6.65 7.41 23.31
N LYS A 454 6.86 7.42 21.99
CA LYS A 454 6.91 8.67 21.25
C LYS A 454 5.55 9.37 21.23
N TYR A 455 4.46 8.60 21.27
CA TYR A 455 3.11 9.15 21.14
C TYR A 455 2.48 9.56 22.46
N ILE A 456 3.16 9.36 23.58
CA ILE A 456 2.60 9.66 24.89
C ILE A 456 2.69 11.15 25.16
N GLU A 457 1.55 11.77 25.48
CA GLU A 457 1.53 13.20 25.74
C GLU A 457 2.18 13.54 27.07
N ASP A 458 1.85 12.79 28.12
CA ASP A 458 2.37 13.04 29.47
C ASP A 458 3.44 12.02 29.81
N LYS A 459 4.70 12.39 29.55
CA LYS A 459 5.82 11.49 29.77
C LYS A 459 6.37 11.55 31.18
N ASP A 460 6.00 12.58 31.95
CA ASP A 460 6.48 12.69 33.33
C ASP A 460 5.94 11.55 34.20
N VAL A 461 4.72 11.10 33.95
CA VAL A 461 4.17 9.96 34.68
C VAL A 461 5.02 8.72 34.42
N PHE A 462 5.36 8.49 33.15
CA PHE A 462 6.22 7.36 32.80
C PHE A 462 7.58 7.47 33.50
N GLN A 463 8.17 8.67 33.49
CA GLN A 463 9.47 8.86 34.11
C GLN A 463 9.41 8.56 35.61
N LYS A 464 8.39 9.08 36.29
CA LYS A 464 8.26 8.86 37.72
C LYS A 464 8.07 7.39 38.06
N PHE A 465 7.16 6.72 37.34
CA PHE A 465 6.90 5.32 37.62
C PHE A 465 8.12 4.46 37.34
N TYR A 466 8.82 4.73 36.23
CA TYR A 466 10.02 3.97 35.90
C TYR A 466 11.10 4.18 36.94
N ALA A 467 11.27 5.42 37.41
CA ALA A 467 12.26 5.68 38.45
C ALA A 467 11.93 4.93 39.73
N LYS A 468 10.67 4.95 40.15
CA LYS A 468 10.28 4.24 41.37
C LYS A 468 10.50 2.73 41.23
N MET A 469 10.12 2.15 40.09
CA MET A 469 10.27 0.72 39.93
C MET A 469 11.73 0.31 39.75
N LEU A 470 12.56 1.15 39.13
CA LEU A 470 13.99 0.88 39.11
C LEU A 470 14.60 0.95 40.49
N ALA A 471 14.14 1.89 41.32
CA ALA A 471 14.61 1.94 42.70
C ALA A 471 14.23 0.66 43.45
N LYS A 472 13.01 0.17 43.24
CA LYS A 472 12.62 -1.10 43.85
C LYS A 472 13.48 -2.25 43.35
N ARG A 473 13.77 -2.28 42.04
CA ARG A 473 14.58 -3.34 41.46
C ARG A 473 16.03 -3.27 41.89
N LEU A 474 16.51 -2.10 42.32
CA LEU A 474 17.88 -1.97 42.76
C LEU A 474 18.04 -2.23 44.25
N VAL A 475 17.08 -1.81 45.07
CA VAL A 475 17.19 -2.01 46.51
C VAL A 475 17.08 -3.49 46.86
N HIS A 476 16.21 -4.21 46.17
CA HIS A 476 16.16 -5.67 46.24
C HIS A 476 16.80 -6.23 44.97
N GLN A 477 17.79 -7.10 45.14
CA GLN A 477 18.58 -7.59 44.00
C GLN A 477 17.78 -8.61 43.20
N ASN A 478 16.82 -8.09 42.43
CA ASN A 478 16.08 -8.90 41.45
C ASN A 478 16.06 -8.15 40.12
N SER A 479 17.12 -8.34 39.34
CA SER A 479 17.21 -7.81 37.98
C SER A 479 17.65 -8.93 37.05
N ALA A 480 17.04 -8.97 35.86
CA ALA A 480 17.35 -10.03 34.92
C ALA A 480 18.80 -9.97 34.46
N SER A 481 19.27 -8.77 34.10
CA SER A 481 20.65 -8.59 33.65
C SER A 481 20.99 -7.11 33.69
N ASP A 482 22.25 -6.81 34.01
CA ASP A 482 22.70 -5.43 34.01
C ASP A 482 22.81 -4.88 32.59
N ASP A 483 23.07 -5.74 31.61
CA ASP A 483 23.17 -5.30 30.23
C ASP A 483 21.84 -4.74 29.73
N ALA A 484 20.73 -5.39 30.10
CA ALA A 484 19.42 -4.87 29.73
C ALA A 484 19.17 -3.51 30.37
N GLU A 485 19.59 -3.34 31.63
CA GLU A 485 19.46 -2.04 32.29
C GLU A 485 20.26 -0.98 31.57
N ALA A 486 21.49 -1.30 31.16
CA ALA A 486 22.31 -0.34 30.44
C ALA A 486 21.68 0.03 29.10
N SER A 487 21.13 -0.97 28.39
CA SER A 487 20.47 -0.70 27.12
C SER A 487 19.26 0.21 27.31
N MET A 488 18.46 -0.05 28.35
CA MET A 488 17.31 0.80 28.61
C MET A 488 17.73 2.22 28.97
N ILE A 489 18.82 2.36 29.74
CA ILE A 489 19.33 3.68 30.09
C ILE A 489 19.77 4.42 28.84
N SER A 490 20.45 3.72 27.92
CA SER A 490 20.89 4.36 26.68
C SER A 490 19.68 4.79 25.84
N LYS A 491 18.66 3.95 25.76
CA LYS A 491 17.47 4.31 25.00
C LYS A 491 16.78 5.53 25.61
N LEU A 492 16.69 5.59 26.93
CA LEU A 492 16.10 6.76 27.59
C LEU A 492 16.98 7.99 27.39
N LYS A 493 18.29 7.82 27.33
CA LYS A 493 19.18 8.92 26.97
C LYS A 493 18.83 9.47 25.59
N GLN A 494 18.63 8.56 24.62
CA GLN A 494 18.31 8.98 23.27
C GLN A 494 16.97 9.70 23.22
N ALA A 495 15.96 9.18 23.91
CA ALA A 495 14.63 9.79 23.83
C ALA A 495 14.49 10.97 24.78
N CYS A 496 14.62 10.72 26.08
CA CYS A 496 14.48 11.77 27.07
C CYS A 496 15.71 12.67 27.07
N GLY A 497 15.75 13.62 28.00
CA GLY A 497 16.84 14.56 28.06
C GLY A 497 18.09 13.99 28.72
N PHE A 498 18.77 14.83 29.52
CA PHE A 498 19.98 14.43 30.22
C PHE A 498 19.85 14.50 31.73
N GLU A 499 18.96 15.35 32.26
CA GLU A 499 18.75 15.43 33.70
C GLU A 499 18.18 14.13 34.25
N TYR A 500 17.21 13.55 33.55
CA TYR A 500 16.58 12.31 34.00
C TYR A 500 17.60 11.17 34.08
N THR A 501 18.48 11.07 33.08
CA THR A 501 19.46 9.99 33.08
C THR A 501 20.48 10.18 34.21
N SER A 502 20.88 11.42 34.49
CA SER A 502 21.78 11.66 35.62
C SER A 502 21.11 11.29 36.94
N LYS A 503 19.84 11.64 37.09
CA LYS A 503 19.08 11.25 38.28
C LYS A 503 19.04 9.73 38.41
N LEU A 504 18.93 9.02 37.29
CA LEU A 504 18.94 7.56 37.34
C LEU A 504 20.32 7.03 37.70
N GLN A 505 21.38 7.64 37.16
CA GLN A 505 22.74 7.17 37.41
C GLN A 505 23.19 7.39 38.84
N ARG A 506 22.62 8.39 39.52
CA ARG A 506 22.93 8.57 40.93
C ARG A 506 22.62 7.32 41.76
N MET A 507 21.52 6.62 41.45
CA MET A 507 21.18 5.39 42.16
C MET A 507 22.24 4.31 41.92
N PHE A 508 22.73 4.17 40.69
CA PHE A 508 23.78 3.20 40.43
C PHE A 508 25.06 3.56 41.18
N GLN A 509 25.37 4.86 41.27
CA GLN A 509 26.53 5.29 42.04
C GLN A 509 26.37 4.90 43.52
N ASP A 510 25.20 5.12 44.09
CA ASP A 510 24.97 4.74 45.49
C ASP A 510 25.07 3.23 45.67
N ILE A 511 24.55 2.46 44.72
CA ILE A 511 24.63 1.01 44.81
C ILE A 511 26.08 0.55 44.79
N GLY A 512 26.89 1.15 43.90
CA GLY A 512 28.31 0.81 43.87
C GLY A 512 29.03 1.17 45.15
N VAL A 513 28.70 2.33 45.73
CA VAL A 513 29.31 2.72 47.00
C VAL A 513 28.94 1.73 48.09
N SER A 514 27.68 1.31 48.14
CA SER A 514 27.27 0.33 49.15
C SER A 514 27.97 -1.01 48.95
N LYS A 515 28.13 -1.44 47.69
CA LYS A 515 28.84 -2.68 47.42
C LYS A 515 30.29 -2.60 47.86
N ASP A 516 30.93 -1.45 47.65
CA ASP A 516 32.29 -1.27 48.13
C ASP A 516 32.35 -1.30 49.66
N LEU A 517 31.34 -0.71 50.31
CA LEU A 517 31.37 -0.62 51.77
C LEU A 517 31.10 -1.98 52.43
N ASN A 518 30.30 -2.83 51.80
CA ASN A 518 29.95 -4.11 52.41
C ASN A 518 31.18 -4.98 52.66
N GLU A 519 32.02 -5.16 51.65
CA GLU A 519 33.20 -6.01 51.81
C GLU A 519 34.15 -5.44 52.84
N GLN A 520 34.31 -4.11 52.85
CA GLN A 520 35.24 -3.49 53.79
C GLN A 520 34.71 -3.57 55.21
N PHE A 521 33.38 -3.60 55.38
CA PHE A 521 32.82 -3.92 56.69
C PHE A 521 33.09 -5.37 57.06
N LYS A 522 33.01 -6.28 56.08
CA LYS A 522 33.32 -7.68 56.35
C LYS A 522 34.75 -7.85 56.83
N LYS A 523 35.68 -7.10 56.24
CA LYS A 523 37.08 -7.18 56.66
C LYS A 523 37.24 -6.72 58.11
N HIS A 524 36.52 -5.65 58.49
CA HIS A 524 36.62 -5.15 59.86
C HIS A 524 36.11 -6.15 60.88
N LEU A 525 35.19 -7.03 60.48
CA LEU A 525 34.67 -8.03 61.41
C LEU A 525 35.70 -9.13 61.68
N THR A 526 36.57 -9.42 60.72
CA THR A 526 37.56 -10.48 60.90
C THR A 526 38.53 -10.14 62.04
N ASN A 527 38.95 -8.88 62.12
CA ASN A 527 39.84 -8.43 63.18
C ASN A 527 39.05 -7.95 64.39
N SER A 528 38.10 -8.77 64.83
CA SER A 528 37.22 -8.46 65.95
C SER A 528 36.37 -9.70 66.23
N GLU A 529 35.51 -9.60 67.23
CA GLU A 529 34.57 -10.67 67.49
C GLU A 529 33.60 -10.81 66.31
N PRO A 530 33.14 -12.02 66.00
CA PRO A 530 32.29 -12.20 64.82
C PRO A 530 30.81 -12.01 65.12
N LEU A 531 29.98 -12.10 64.08
CA LEU A 531 28.55 -11.96 64.20
C LEU A 531 27.88 -13.32 64.03
N ASP A 532 26.76 -13.50 64.73
CA ASP A 532 26.06 -14.78 64.71
C ASP A 532 25.30 -15.01 63.40
N LEU A 533 24.97 -13.95 62.68
CA LEU A 533 24.16 -14.05 61.47
C LEU A 533 24.85 -13.34 60.31
N ASP A 534 24.57 -13.82 59.10
CA ASP A 534 25.08 -13.16 57.91
C ASP A 534 24.38 -11.81 57.74
N PHE A 535 25.16 -10.77 57.50
CA PHE A 535 24.67 -9.40 57.52
C PHE A 535 25.04 -8.70 56.21
N SER A 536 24.05 -8.06 55.59
CA SER A 536 24.27 -7.22 54.41
C SER A 536 23.49 -5.93 54.59
N ILE A 537 24.11 -4.83 54.17
CA ILE A 537 23.51 -3.50 54.34
C ILE A 537 23.60 -2.76 53.01
N GLN A 538 22.68 -1.81 52.83
CA GLN A 538 22.68 -0.96 51.65
C GLN A 538 22.37 0.47 52.11
N VAL A 539 23.38 1.34 52.05
CA VAL A 539 23.24 2.73 52.48
C VAL A 539 23.01 3.59 51.26
N LEU A 540 21.95 4.39 51.28
CA LEU A 540 21.53 5.18 50.14
C LEU A 540 21.35 6.64 50.57
N SER A 541 21.57 7.55 49.63
CA SER A 541 21.35 8.96 49.90
C SER A 541 19.86 9.24 50.07
N SER A 542 19.54 10.10 51.05
CA SER A 542 18.14 10.37 51.36
C SER A 542 17.46 11.15 50.24
N GLY A 543 18.16 12.12 49.65
CA GLY A 543 17.54 12.97 48.65
C GLY A 543 17.51 12.42 47.24
N SER A 544 18.17 11.29 46.99
CA SER A 544 18.25 10.71 45.67
C SER A 544 17.34 9.50 45.49
N TRP A 545 16.55 9.16 46.50
CA TRP A 545 15.72 7.97 46.44
C TRP A 545 14.29 8.30 46.86
N PRO A 546 13.30 7.61 46.28
CA PRO A 546 11.90 7.91 46.58
C PRO A 546 11.35 7.22 47.82
N PHE A 547 12.20 6.68 48.69
CA PHE A 547 11.76 5.95 49.86
C PHE A 547 11.50 6.90 51.02
N GLN A 548 10.44 6.62 51.78
CA GLN A 548 10.05 7.44 52.92
C GLN A 548 10.38 6.73 54.21
N GLN A 549 10.40 7.49 55.30
CA GLN A 549 10.78 6.95 56.60
C GLN A 549 9.77 5.90 57.06
N SER A 550 10.28 4.91 57.79
CA SER A 550 9.46 3.81 58.27
C SER A 550 8.63 4.24 59.47
N CYS A 551 7.65 3.41 59.81
CA CYS A 551 6.80 3.64 60.97
C CYS A 551 7.54 3.24 62.24
N THR A 552 6.85 3.35 63.38
CA THR A 552 7.43 2.96 64.65
C THR A 552 7.72 1.46 64.66
N PHE A 553 8.85 1.09 65.24
CA PHE A 553 9.28 -0.30 65.26
C PHE A 553 10.19 -0.55 66.45
N ALA A 554 10.06 -1.73 67.05
CA ALA A 554 10.92 -2.17 68.14
C ALA A 554 11.82 -3.28 67.60
N LEU A 555 13.11 -3.01 67.54
CA LEU A 555 14.05 -3.97 66.99
C LEU A 555 14.11 -5.22 67.87
N PRO A 556 13.90 -6.40 67.31
CA PRO A 556 14.06 -7.62 68.12
C PRO A 556 15.49 -7.74 68.65
N SER A 557 15.60 -8.32 69.86
CA SER A 557 16.89 -8.41 70.53
C SER A 557 17.89 -9.27 69.76
N GLU A 558 17.42 -10.13 68.87
CA GLU A 558 18.31 -10.98 68.09
C GLU A 558 19.05 -10.21 67.01
N LEU A 559 18.71 -8.95 66.77
CA LEU A 559 19.32 -8.16 65.71
C LEU A 559 20.06 -6.93 66.23
N GLU A 560 20.07 -6.69 67.55
CA GLU A 560 20.67 -5.47 68.07
C GLU A 560 22.18 -5.46 67.90
N ARG A 561 22.81 -6.63 67.86
CA ARG A 561 24.27 -6.69 67.75
C ARG A 561 24.75 -6.10 66.44
N SER A 562 24.17 -6.54 65.32
CA SER A 562 24.56 -6.01 64.02
C SER A 562 24.23 -4.53 63.91
N TYR A 563 23.07 -4.12 64.43
CA TYR A 563 22.71 -2.70 64.43
C TYR A 563 23.78 -1.88 65.13
N GLN A 564 24.16 -2.27 66.35
CA GLN A 564 25.14 -1.49 67.09
C GLN A 564 26.50 -1.50 66.40
N ARG A 565 26.94 -2.66 65.90
CA ARG A 565 28.25 -2.74 65.26
C ARG A 565 28.31 -1.87 64.02
N PHE A 566 27.30 -1.95 63.15
CA PHE A 566 27.34 -1.15 61.93
C PHE A 566 27.15 0.33 62.23
N THR A 567 26.33 0.68 63.23
CA THR A 567 26.19 2.07 63.59
C THR A 567 27.51 2.66 64.07
N ALA A 568 28.23 1.90 64.91
CA ALA A 568 29.55 2.36 65.36
C ALA A 568 30.52 2.48 64.20
N PHE A 569 30.53 1.50 63.29
CA PHE A 569 31.45 1.55 62.16
C PHE A 569 31.18 2.75 61.27
N TYR A 570 29.91 2.99 60.96
CA TYR A 570 29.56 4.11 60.08
C TYR A 570 29.80 5.45 60.75
N ALA A 571 29.56 5.55 62.06
CA ALA A 571 29.86 6.79 62.78
C ALA A 571 31.37 7.04 62.83
N SER A 572 32.16 5.96 62.90
CA SER A 572 33.61 6.12 62.90
C SER A 572 34.12 6.59 61.54
N ARG A 573 33.68 5.92 60.47
CA ARG A 573 34.22 6.25 59.15
C ARG A 573 33.67 7.57 58.62
N HIS A 574 32.38 7.83 58.84
CA HIS A 574 31.75 9.07 58.40
C HIS A 574 31.30 9.85 59.62
N SER A 575 31.62 11.15 59.64
CA SER A 575 31.25 12.03 60.73
C SER A 575 30.26 13.06 60.23
N GLY A 576 29.29 13.40 61.08
CA GLY A 576 28.24 14.33 60.71
C GLY A 576 27.08 13.71 59.97
N ARG A 577 27.07 12.39 59.78
CA ARG A 577 26.01 11.69 59.08
C ARG A 577 25.21 10.85 60.07
N LYS A 578 23.90 10.79 59.86
CA LYS A 578 23.00 10.01 60.68
C LYS A 578 22.23 9.03 59.81
N LEU A 579 22.10 7.79 60.27
CA LEU A 579 21.47 6.73 59.51
C LEU A 579 20.04 6.53 60.00
N THR A 580 19.09 6.50 59.06
CA THR A 580 17.72 6.12 59.33
C THR A 580 17.44 4.78 58.67
N TRP A 581 16.85 3.86 59.42
CA TRP A 581 16.68 2.49 58.98
C TRP A 581 15.25 2.25 58.51
N LEU A 582 15.12 1.64 57.33
CA LEU A 582 13.81 1.28 56.78
C LEU A 582 13.60 -0.21 57.04
N TYR A 583 12.75 -0.53 58.01
CA TYR A 583 12.44 -1.91 58.33
C TYR A 583 11.33 -2.49 57.45
N GLN A 584 10.67 -1.66 56.65
CA GLN A 584 9.65 -2.14 55.73
C GLN A 584 10.23 -2.59 54.39
N LEU A 585 11.52 -2.35 54.16
CA LEU A 585 12.19 -2.80 52.95
C LEU A 585 13.27 -3.84 53.23
N SER A 586 13.54 -4.15 54.49
CA SER A 586 14.55 -5.12 54.86
C SER A 586 13.94 -6.52 54.91
N LYS A 587 14.69 -7.50 54.44
CA LYS A 587 14.23 -8.88 54.39
C LYS A 587 15.35 -9.80 54.86
N GLY A 588 14.96 -11.00 55.29
CA GLY A 588 15.92 -11.98 55.75
C GLY A 588 15.41 -13.41 55.62
N GLU A 589 16.13 -14.36 56.21
CA GLU A 589 15.76 -15.77 56.16
C GLU A 589 15.73 -16.34 57.57
N LEU A 590 14.69 -17.12 57.86
CA LEU A 590 14.52 -17.76 59.16
C LEU A 590 14.62 -19.27 59.01
N VAL A 591 15.21 -19.93 59.99
CA VAL A 591 15.30 -21.38 60.06
C VAL A 591 14.56 -21.86 61.29
N THR A 592 13.68 -22.85 61.11
CA THR A 592 12.85 -23.36 62.18
C THR A 592 13.33 -24.75 62.59
N ASN A 593 13.15 -25.07 63.87
CA ASN A 593 13.53 -26.38 64.41
C ASN A 593 12.47 -26.93 65.35
N CYS A 594 11.19 -26.57 65.12
CA CYS A 594 10.09 -27.03 65.95
C CYS A 594 8.95 -27.59 65.10
N PHE A 595 9.18 -27.84 63.82
CA PHE A 595 8.19 -28.40 62.92
C PHE A 595 8.45 -29.89 62.74
N LYS A 596 7.69 -30.51 61.84
CA LYS A 596 7.90 -31.93 61.55
C LYS A 596 9.28 -32.17 60.95
N ASN A 597 9.83 -31.19 60.24
CA ASN A 597 11.14 -31.31 59.62
C ASN A 597 11.72 -29.91 59.44
N ARG A 598 13.02 -29.87 59.17
CA ARG A 598 13.74 -28.60 59.12
C ARG A 598 13.38 -27.81 57.87
N TYR A 599 12.78 -26.65 58.06
CA TYR A 599 12.51 -25.70 57.00
C TYR A 599 13.32 -24.42 57.20
N THR A 600 13.71 -23.82 56.08
CA THR A 600 14.21 -22.45 56.06
C THR A 600 13.21 -21.61 55.28
N LEU A 601 12.81 -20.48 55.86
CA LEU A 601 11.79 -19.62 55.27
C LEU A 601 12.27 -18.18 55.28
N GLN A 602 12.11 -17.52 54.13
CA GLN A 602 12.54 -16.14 53.95
C GLN A 602 11.35 -15.21 54.13
N ALA A 603 11.57 -14.13 54.88
CA ALA A 603 10.48 -13.26 55.30
C ALA A 603 11.01 -11.86 55.56
N SER A 604 10.08 -10.92 55.67
CA SER A 604 10.41 -9.53 55.95
C SER A 604 10.75 -9.36 57.43
N THR A 605 11.30 -8.18 57.75
CA THR A 605 11.67 -7.90 59.14
C THR A 605 10.44 -7.82 60.04
N PHE A 606 9.34 -7.26 59.52
CA PHE A 606 8.10 -7.21 60.28
C PHE A 606 7.60 -8.62 60.61
N GLN A 607 7.68 -9.51 59.63
CA GLN A 607 7.24 -10.89 59.85
C GLN A 607 8.13 -11.60 60.85
N MET A 608 9.44 -11.32 60.82
CA MET A 608 10.33 -11.84 61.86
C MET A 608 9.93 -11.31 63.24
N ALA A 609 9.65 -10.03 63.33
CA ALA A 609 9.30 -9.43 64.62
C ALA A 609 8.02 -10.04 65.19
N ILE A 610 7.01 -10.26 64.33
CA ILE A 610 5.76 -10.83 64.79
C ILE A 610 5.79 -12.35 64.82
N LEU A 611 6.89 -12.97 64.39
CA LEU A 611 7.02 -14.42 64.39
C LEU A 611 8.02 -14.92 65.43
N LEU A 612 9.16 -14.23 65.59
CA LEU A 612 10.11 -14.59 66.62
C LEU A 612 9.56 -14.37 68.03
N GLN A 613 8.55 -13.51 68.17
CA GLN A 613 7.93 -13.27 69.47
C GLN A 613 7.27 -14.54 70.02
N TYR A 614 6.81 -15.42 69.14
CA TYR A 614 6.14 -16.65 69.54
C TYR A 614 7.12 -17.74 69.97
N ASN A 615 8.39 -17.39 70.20
CA ASN A 615 9.35 -18.37 70.70
C ASN A 615 9.14 -18.64 72.19
N THR A 616 8.64 -17.64 72.92
CA THR A 616 8.44 -17.80 74.36
C THR A 616 7.10 -18.46 74.67
N GLU A 617 6.02 -17.94 74.10
CA GLU A 617 4.68 -18.43 74.37
C GLU A 617 4.03 -18.93 73.10
N ASP A 618 3.21 -19.99 73.24
CA ASP A 618 2.53 -20.57 72.08
C ASP A 618 1.33 -19.75 71.64
N ALA A 619 0.71 -19.00 72.55
CA ALA A 619 -0.47 -18.22 72.25
C ALA A 619 -0.21 -16.75 72.56
N TYR A 620 -0.88 -15.88 71.80
CA TYR A 620 -0.70 -14.44 71.97
C TYR A 620 -1.99 -13.72 71.60
N THR A 621 -2.12 -12.49 72.08
CA THR A 621 -3.24 -11.63 71.77
C THR A 621 -2.77 -10.48 70.88
N VAL A 622 -3.55 -10.18 69.84
CA VAL A 622 -3.16 -9.13 68.89
C VAL A 622 -3.07 -7.79 69.59
N GLN A 623 -3.80 -7.59 70.69
CA GLN A 623 -3.66 -6.36 71.46
C GLN A 623 -2.35 -6.35 72.24
N GLN A 624 -1.79 -7.53 72.51
CA GLN A 624 -0.48 -7.62 73.16
C GLN A 624 0.66 -7.76 72.17
N LEU A 625 0.38 -8.35 71.00
CA LEU A 625 1.40 -8.40 69.96
C LEU A 625 1.79 -7.01 69.49
N THR A 626 0.84 -6.07 69.51
CA THR A 626 1.17 -4.68 69.19
C THR A 626 2.20 -4.13 70.15
N ASP A 627 2.00 -4.33 71.46
CA ASP A 627 2.97 -3.86 72.44
C ASP A 627 4.30 -4.59 72.29
N SER A 628 4.25 -5.87 71.94
CA SER A 628 5.49 -6.64 71.76
C SER A 628 6.31 -6.11 70.58
N THR A 629 5.63 -5.74 69.49
CA THR A 629 6.32 -5.36 68.26
C THR A 629 6.27 -3.87 67.95
N GLN A 630 5.40 -3.10 68.61
CA GLN A 630 5.27 -1.66 68.39
C GLN A 630 4.96 -1.34 66.94
N ILE A 631 4.07 -2.12 66.33
CA ILE A 631 3.61 -1.91 64.96
C ILE A 631 2.20 -1.31 65.01
N LYS A 632 1.91 -0.41 64.07
CA LYS A 632 0.63 0.27 64.03
C LYS A 632 -0.50 -0.71 63.73
N MET A 633 -1.73 -0.22 63.83
CA MET A 633 -2.91 -1.08 63.68
C MET A 633 -2.99 -1.67 62.27
N ASP A 634 -2.94 -0.82 61.25
CA ASP A 634 -3.23 -1.26 59.89
C ASP A 634 -2.14 -2.21 59.37
N ILE A 635 -0.88 -1.82 59.53
CA ILE A 635 0.22 -2.65 59.03
C ILE A 635 0.24 -4.00 59.72
N LEU A 636 0.05 -4.01 61.04
CA LEU A 636 -0.01 -5.27 61.78
C LEU A 636 -1.19 -6.12 61.32
N ALA A 637 -2.34 -5.49 61.08
CA ALA A 637 -3.50 -6.24 60.61
C ALA A 637 -3.21 -6.91 59.28
N GLN A 638 -2.65 -6.16 58.33
CA GLN A 638 -2.35 -6.75 57.02
C GLN A 638 -1.31 -7.85 57.12
N VAL A 639 -0.25 -7.64 57.90
CA VAL A 639 0.80 -8.66 57.96
C VAL A 639 0.29 -9.91 58.68
N LEU A 640 -0.56 -9.73 59.69
CA LEU A 640 -1.17 -10.88 60.35
C LEU A 640 -2.10 -11.64 59.41
N GLN A 641 -2.86 -10.92 58.57
CA GLN A 641 -3.69 -11.59 57.58
C GLN A 641 -2.85 -12.37 56.59
N ILE A 642 -1.73 -11.79 56.15
CA ILE A 642 -0.84 -12.50 55.23
C ILE A 642 -0.29 -13.76 55.88
N LEU A 643 0.14 -13.67 57.15
CA LEU A 643 0.65 -14.85 57.84
C LEU A 643 -0.42 -15.91 58.00
N LEU A 644 -1.66 -15.50 58.32
CA LEU A 644 -2.74 -16.44 58.50
C LEU A 644 -3.09 -17.13 57.19
N LYS A 645 -3.06 -16.40 56.07
CA LYS A 645 -3.45 -16.97 54.79
C LYS A 645 -2.50 -18.06 54.32
N SER A 646 -1.32 -18.19 54.92
CA SER A 646 -0.37 -19.22 54.56
C SER A 646 -0.59 -20.52 55.33
N LYS A 647 -1.63 -20.59 56.16
CA LYS A 647 -1.98 -21.77 56.95
C LYS A 647 -0.90 -22.17 57.96
N LEU A 648 0.09 -21.31 58.19
CA LEU A 648 1.14 -21.56 59.16
C LEU A 648 0.92 -20.79 60.45
N LEU A 649 -0.26 -20.18 60.62
CA LEU A 649 -0.60 -19.50 61.87
C LEU A 649 -2.12 -19.49 61.98
N VAL A 650 -2.66 -20.38 62.80
CA VAL A 650 -4.09 -20.56 62.93
C VAL A 650 -4.61 -19.71 64.09
N LEU A 651 -5.88 -19.35 64.02
CA LEU A 651 -6.50 -18.54 65.07
C LEU A 651 -6.58 -19.31 66.38
N VAL A 661 -12.63 -12.29 56.56
CA VAL A 661 -12.02 -12.41 57.87
C VAL A 661 -11.82 -11.04 58.49
N GLU A 662 -12.25 -10.90 59.74
CA GLU A 662 -12.13 -9.63 60.47
C GLU A 662 -11.28 -9.85 61.71
N LEU A 663 -10.35 -8.93 61.96
CA LEU A 663 -9.45 -8.98 63.09
C LEU A 663 -9.77 -7.85 64.06
N LYS A 664 -9.91 -8.20 65.33
CA LYS A 664 -10.24 -7.27 66.40
C LYS A 664 -9.28 -7.48 67.55
N PRO A 665 -9.13 -6.49 68.43
CA PRO A 665 -8.22 -6.66 69.58
C PRO A 665 -8.54 -7.86 70.44
N ASP A 666 -9.82 -8.25 70.53
CA ASP A 666 -10.20 -9.41 71.33
C ASP A 666 -9.81 -10.73 70.70
N THR A 667 -9.39 -10.74 69.44
CA THR A 667 -9.03 -11.98 68.77
C THR A 667 -7.77 -12.59 69.38
N LEU A 668 -7.71 -13.92 69.37
CA LEU A 668 -6.58 -14.67 69.89
C LEU A 668 -5.89 -15.42 68.76
N ILE A 669 -4.56 -15.39 68.77
CA ILE A 669 -3.76 -16.03 67.74
C ILE A 669 -2.73 -16.93 68.43
N LYS A 670 -2.62 -18.18 67.97
CA LYS A 670 -1.70 -19.14 68.54
C LYS A 670 -0.93 -19.84 67.42
N LEU A 671 0.31 -20.20 67.71
CA LEU A 671 1.15 -20.87 66.72
C LEU A 671 0.58 -22.24 66.38
N TYR A 672 0.63 -22.57 65.10
CA TYR A 672 0.10 -23.84 64.59
C TYR A 672 1.27 -24.77 64.27
N LEU A 673 1.39 -25.84 65.05
CA LEU A 673 2.38 -26.87 64.79
C LEU A 673 1.77 -27.97 63.91
N GLY A 674 2.57 -28.99 63.63
CA GLY A 674 2.05 -30.12 62.88
C GLY A 674 2.23 -30.00 61.38
N TYR A 675 1.18 -29.55 60.69
CA TYR A 675 1.19 -29.50 59.23
C TYR A 675 2.34 -28.64 58.73
N LYS A 676 2.96 -29.11 57.65
CA LYS A 676 4.13 -28.44 57.08
C LYS A 676 3.91 -28.13 55.61
N ASN A 677 4.97 -27.70 54.92
CA ASN A 677 4.90 -27.31 53.52
C ASN A 677 5.47 -28.40 52.62
N LYS A 678 5.07 -28.36 51.35
CA LYS A 678 5.51 -29.37 50.40
C LYS A 678 7.01 -29.30 50.15
N LYS A 679 7.56 -28.10 50.01
CA LYS A 679 8.95 -27.92 49.68
C LYS A 679 9.75 -27.55 50.93
N LEU A 680 11.08 -27.47 50.76
CA LEU A 680 11.94 -27.13 51.88
C LEU A 680 12.05 -25.62 52.07
N ARG A 681 12.19 -24.87 50.98
CA ARG A 681 12.25 -23.42 51.03
C ARG A 681 10.90 -22.86 50.65
N VAL A 682 10.32 -22.04 51.53
CA VAL A 682 9.03 -21.42 51.30
C VAL A 682 9.18 -19.92 51.50
N ASN A 683 8.63 -19.14 50.57
CA ASN A 683 8.61 -17.69 50.68
C ASN A 683 7.26 -17.20 51.18
N ILE A 684 7.28 -16.43 52.26
CA ILE A 684 6.07 -15.85 52.83
C ILE A 684 6.08 -14.34 52.72
N ASN A 685 6.95 -13.77 51.88
CA ASN A 685 7.01 -12.33 51.66
C ASN A 685 6.27 -12.03 50.36
N VAL A 686 4.95 -11.96 50.46
CA VAL A 686 4.11 -11.62 49.31
C VAL A 686 3.56 -10.21 49.54
N PRO A 687 3.33 -9.43 48.47
CA PRO A 687 2.88 -8.05 48.66
C PRO A 687 1.40 -7.98 49.01
N MET A 688 1.06 -6.98 49.83
CA MET A 688 -0.33 -6.74 50.19
C MET A 688 -1.10 -6.19 48.99
N LYS A 689 -2.41 -6.48 48.96
CA LYS A 689 -3.23 -6.09 47.83
C LYS A 689 -3.42 -4.57 47.76
N THR A 690 -3.80 -3.96 48.89
CA THR A 690 -4.12 -2.53 48.88
C THR A 690 -2.88 -1.65 48.87
N GLU A 691 -1.72 -2.19 49.21
CA GLU A 691 -0.49 -1.39 49.23
C GLU A 691 -0.17 -0.84 47.84
N GLN A 692 -0.34 -1.66 46.80
CA GLN A 692 -0.06 -1.20 45.44
C GLN A 692 -0.99 -0.06 45.04
N LYS A 693 -2.29 -0.19 45.36
CA LYS A 693 -3.24 0.86 45.02
C LYS A 693 -2.93 2.15 45.75
N GLN A 694 -2.60 2.06 47.05
CA GLN A 694 -2.25 3.25 47.81
C GLN A 694 -1.00 3.91 47.26
N GLU A 695 0.01 3.11 46.90
CA GLU A 695 1.23 3.65 46.33
C GLU A 695 0.95 4.35 44.99
N GLN A 696 0.10 3.74 44.16
CA GLN A 696 -0.24 4.36 42.89
C GLN A 696 -0.95 5.70 43.09
N GLU A 697 -1.89 5.76 44.04
CA GLU A 697 -2.56 7.01 44.31
C GLU A 697 -1.58 8.09 44.79
N THR A 698 -0.67 7.71 45.68
CA THR A 698 0.30 8.68 46.20
C THR A 698 1.20 9.21 45.09
N THR A 699 1.71 8.32 44.25
CA THR A 699 2.61 8.75 43.18
C THR A 699 1.86 9.49 42.08
N HIS A 700 0.54 9.32 41.99
CA HIS A 700 -0.23 10.14 41.06
C HIS A 700 -0.45 11.55 41.61
N LYS A 701 -0.65 11.68 42.92
CA LYS A 701 -0.78 13.01 43.52
C LYS A 701 0.54 13.79 43.43
N ASN A 702 1.66 13.10 43.67
CA ASN A 702 2.96 13.76 43.64
C ASN A 702 3.24 14.36 42.26
N ILE A 703 2.75 13.71 41.20
CA ILE A 703 2.98 14.21 39.84
C ILE A 703 2.27 15.55 39.65
N GLU A 704 1.03 15.67 40.13
CA GLU A 704 0.32 16.94 40.02
C GLU A 704 1.01 18.04 40.82
N GLU A 705 1.48 17.71 42.02
CA GLU A 705 2.20 18.72 42.81
C GLU A 705 3.46 19.18 42.08
N ASP A 706 4.21 18.23 41.50
CA ASP A 706 5.41 18.59 40.76
C ASP A 706 5.07 19.43 39.54
N ARG A 707 3.95 19.13 38.88
CA ARG A 707 3.52 19.93 37.73
C ARG A 707 3.28 21.38 38.13
N LYS A 708 2.58 21.58 39.25
CA LYS A 708 2.34 22.94 39.73
C LYS A 708 3.66 23.66 40.02
N LEU A 709 4.59 22.97 40.68
CA LEU A 709 5.88 23.60 41.00
C LEU A 709 6.65 23.96 39.73
N LEU A 710 6.64 23.08 38.74
CA LEU A 710 7.34 23.35 37.48
C LEU A 710 6.73 24.55 36.75
N ILE A 711 5.39 24.65 36.75
CA ILE A 711 4.75 25.80 36.11
C ILE A 711 5.16 27.08 36.81
N GLN A 712 5.17 27.07 38.15
CA GLN A 712 5.61 28.25 38.89
C GLN A 712 7.03 28.64 38.53
N ALA A 713 7.93 27.65 38.46
CA ALA A 713 9.34 27.94 38.15
C ALA A 713 9.48 28.53 36.75
N ALA A 714 8.74 27.98 35.79
CA ALA A 714 8.82 28.50 34.42
C ALA A 714 8.33 29.94 34.36
N ILE A 715 7.22 30.24 35.06
CA ILE A 715 6.70 31.62 35.06
C ILE A 715 7.72 32.56 35.69
N VAL A 716 8.36 32.12 36.78
CA VAL A 716 9.34 32.96 37.46
C VAL A 716 10.52 33.25 36.54
N ARG A 717 11.02 32.23 35.84
CA ARG A 717 12.13 32.44 34.91
C ARG A 717 11.75 33.42 33.80
N ILE A 718 10.56 33.24 33.23
CA ILE A 718 10.13 34.10 32.14
C ILE A 718 10.02 35.55 32.61
N MET A 719 9.45 35.76 33.79
CA MET A 719 9.36 37.12 34.33
C MET A 719 10.73 37.71 34.66
N LYS A 720 11.68 36.89 35.13
CA LYS A 720 13.02 37.44 35.36
C LYS A 720 13.67 37.87 34.06
N MET A 721 13.51 37.09 32.99
CA MET A 721 14.15 37.47 31.73
C MET A 721 13.46 38.68 31.11
N ARG A 722 12.18 38.54 30.79
CA ARG A 722 11.39 39.65 30.25
C ARG A 722 10.75 40.41 31.41
N LYS A 723 11.13 41.68 31.57
CA LYS A 723 10.70 42.45 32.74
C LYS A 723 9.19 42.67 32.73
N VAL A 724 8.62 43.03 31.58
CA VAL A 724 7.20 43.31 31.46
C VAL A 724 6.66 42.46 30.32
N LEU A 725 5.57 41.73 30.59
CA LEU A 725 5.03 40.80 29.62
C LEU A 725 3.51 40.77 29.76
N LYS A 726 2.84 40.41 28.66
CA LYS A 726 1.39 40.29 28.64
C LYS A 726 0.97 38.92 29.17
N HIS A 727 -0.30 38.58 29.00
CA HIS A 727 -0.86 37.33 29.50
C HIS A 727 -0.78 36.21 28.48
N GLN A 728 -1.28 36.45 27.26
CA GLN A 728 -1.25 35.41 26.23
C GLN A 728 0.17 35.03 25.87
N GLN A 729 1.07 36.01 25.80
CA GLN A 729 2.46 35.70 25.50
C GLN A 729 3.09 34.84 26.60
N LEU A 730 2.78 35.16 27.86
CA LEU A 730 3.25 34.33 28.96
C LEU A 730 2.73 32.90 28.86
N LEU A 731 1.44 32.75 28.54
CA LEU A 731 0.87 31.42 28.39
C LEU A 731 1.55 30.66 27.28
N GLY A 732 1.76 31.31 26.12
CA GLY A 732 2.41 30.64 25.02
C GLY A 732 3.84 30.22 25.35
N GLU A 733 4.57 31.09 26.05
CA GLU A 733 5.93 30.76 26.44
C GLU A 733 5.97 29.59 27.42
N VAL A 734 5.04 29.56 28.37
CA VAL A 734 4.99 28.45 29.32
C VAL A 734 4.69 27.14 28.59
N LEU A 735 3.70 27.16 27.69
CA LEU A 735 3.37 25.97 26.92
C LEU A 735 4.54 25.49 26.07
N THR A 736 5.25 26.41 25.40
CA THR A 736 6.35 25.97 24.55
C THR A 736 7.57 25.55 25.37
N GLN A 737 7.71 26.04 26.59
CA GLN A 737 8.81 25.60 27.44
C GLN A 737 8.56 24.22 28.04
N LEU A 738 7.31 23.95 28.45
CA LEU A 738 6.99 22.71 29.15
C LEU A 738 6.38 21.64 28.25
N SER A 739 6.37 21.86 26.92
CA SER A 739 5.67 20.94 26.03
C SER A 739 6.35 19.58 25.95
N SER A 740 7.65 19.51 26.22
CA SER A 740 8.38 18.25 26.05
C SER A 740 8.02 17.21 27.10
N ARG A 741 7.40 17.61 28.20
CA ARG A 741 7.07 16.70 29.29
C ARG A 741 5.57 16.47 29.44
N PHE A 742 4.77 17.54 29.43
CA PHE A 742 3.32 17.42 29.55
C PHE A 742 2.68 18.67 28.99
N LYS A 743 1.38 18.58 28.73
CA LYS A 743 0.63 19.72 28.23
C LYS A 743 -0.16 20.34 29.37
N PRO A 744 0.22 21.51 29.88
CA PRO A 744 -0.49 22.11 31.00
C PRO A 744 -1.86 22.63 30.58
N ARG A 745 -2.69 22.86 31.59
CA ARG A 745 -4.03 23.41 31.41
C ARG A 745 -4.05 24.87 31.82
N VAL A 746 -4.88 25.65 31.13
CA VAL A 746 -4.95 27.10 31.40
C VAL A 746 -5.36 27.41 32.83
N PRO A 747 -6.39 26.76 33.42
CA PRO A 747 -6.72 27.06 34.82
C PRO A 747 -5.56 26.82 35.77
N VAL A 748 -4.74 25.79 35.53
CA VAL A 748 -3.59 25.54 36.39
C VAL A 748 -2.61 26.69 36.31
N ILE A 749 -2.36 27.20 35.11
CA ILE A 749 -1.44 28.33 34.94
C ILE A 749 -2.02 29.58 35.62
N LYS A 750 -3.33 29.77 35.53
CA LYS A 750 -3.96 30.91 36.20
C LYS A 750 -3.80 30.81 37.71
N LYS A 751 -4.02 29.62 38.27
CA LYS A 751 -3.85 29.44 39.71
C LYS A 751 -2.40 29.66 40.12
N CYS A 752 -1.46 29.20 39.29
CA CYS A 752 -0.04 29.43 39.59
C CYS A 752 0.30 30.91 39.57
N ILE A 753 -0.25 31.66 38.60
CA ILE A 753 -0.02 33.10 38.57
C ILE A 753 -0.59 33.76 39.82
N ASP A 754 -1.81 33.36 40.21
CA ASP A 754 -2.43 33.95 41.39
C ASP A 754 -1.63 33.66 42.65
N ILE A 755 -1.15 32.43 42.82
CA ILE A 755 -0.40 32.11 44.02
C ILE A 755 0.98 32.77 43.99
N LEU A 756 1.54 33.01 42.80
CA LEU A 756 2.79 33.73 42.71
C LEU A 756 2.61 35.20 43.04
N ILE A 757 1.44 35.77 42.74
CA ILE A 757 1.17 37.16 43.11
C ILE A 757 1.14 37.31 44.62
N GLU A 758 0.52 36.36 45.33
CA GLU A 758 0.44 36.42 46.77
C GLU A 758 1.79 36.28 47.46
N LYS A 759 2.77 35.69 46.78
CA LYS A 759 4.10 35.52 47.34
C LYS A 759 5.02 36.70 47.05
N GLU A 760 4.50 37.76 46.42
CA GLU A 760 5.27 38.96 46.10
C GLU A 760 6.43 38.64 45.16
N TYR A 761 6.11 38.02 44.04
CA TYR A 761 7.07 37.75 42.97
C TYR A 761 6.82 38.63 41.75
N LEU A 762 5.58 38.69 41.28
CA LEU A 762 5.19 39.56 40.18
C LEU A 762 3.87 40.22 40.53
N GLU A 763 3.69 41.44 40.01
CA GLU A 763 2.53 42.26 40.35
C GLU A 763 1.93 42.87 39.09
N ARG A 764 0.61 43.05 39.10
CA ARG A 764 -0.10 43.61 37.97
C ARG A 764 0.11 45.12 37.92
N VAL A 765 0.53 45.62 36.76
CA VAL A 765 0.83 47.04 36.63
C VAL A 765 -0.45 47.86 36.74
N ASP A 766 -0.31 49.07 37.30
CA ASP A 766 -1.43 49.98 37.37
C ASP A 766 -1.80 50.47 35.98
N GLY A 767 -3.07 50.33 35.61
CA GLY A 767 -3.49 50.57 34.25
C GLY A 767 -3.07 49.42 33.35
N GLU A 768 -3.42 49.56 32.07
CA GLU A 768 -3.13 48.57 31.03
C GLU A 768 -3.33 47.14 31.55
N LYS A 769 -4.58 46.87 31.93
CA LYS A 769 -4.92 45.64 32.62
C LYS A 769 -4.55 44.41 31.80
N ASP A 770 -4.54 43.26 32.48
CA ASP A 770 -4.12 41.98 31.91
C ASP A 770 -2.66 42.05 31.46
N THR A 771 -1.82 42.64 32.32
CA THR A 771 -0.39 42.74 32.07
C THR A 771 0.34 42.65 33.41
N TYR A 772 1.43 41.89 33.43
CA TYR A 772 2.19 41.64 34.65
C TYR A 772 3.59 42.25 34.53
N SER A 773 4.27 42.33 35.67
CA SER A 773 5.63 42.85 35.72
C SER A 773 6.38 42.19 36.86
N TYR A 774 7.65 41.92 36.65
CA TYR A 774 8.47 41.29 37.67
C TYR A 774 8.80 42.27 38.79
N LEU A 775 8.93 41.73 40.00
CA LEU A 775 9.25 42.52 41.18
C LEU A 775 10.38 41.83 41.93
N ALA A 776 11.40 42.60 42.30
CA ALA A 776 12.54 42.06 43.02
C ALA A 776 12.31 42.10 44.53
N TYR B 14 24.52 43.77 19.20
CA TYR B 14 24.42 44.10 20.62
C TYR B 14 23.62 43.05 21.38
N HIS B 15 22.59 42.50 20.73
CA HIS B 15 21.79 41.45 21.36
C HIS B 15 22.62 40.20 21.59
N ILE B 16 23.46 39.82 20.61
CA ILE B 16 24.30 38.65 20.77
C ILE B 16 25.37 38.87 21.84
N SER B 17 25.79 40.11 22.07
CA SER B 17 26.72 40.39 23.14
C SER B 17 26.03 40.36 24.50
N ASN B 18 24.80 40.88 24.58
CA ASN B 18 24.05 40.84 25.83
C ASN B 18 23.74 39.40 26.22
N LEU B 19 23.40 38.56 25.24
CA LEU B 19 23.17 37.15 25.52
C LEU B 19 24.40 36.49 26.13
N LEU B 20 25.57 36.70 25.51
CA LEU B 20 26.79 36.10 26.02
C LEU B 20 27.18 36.67 27.38
N GLU B 21 26.85 37.94 27.63
CA GLU B 21 27.08 38.51 28.94
C GLU B 21 26.21 37.84 30.00
N LYS B 22 24.95 37.57 29.67
CA LYS B 22 24.04 36.93 30.61
C LYS B 22 24.30 35.43 30.76
N MET B 23 25.00 34.82 29.81
CA MET B 23 25.26 33.38 29.89
C MET B 23 26.37 33.02 30.91
N THR B 24 26.82 33.99 31.71
CA THR B 24 27.74 33.78 32.83
C THR B 24 27.29 34.58 34.03
N SER B 25 26.00 34.55 34.35
CA SER B 25 25.39 35.47 35.30
C SER B 25 25.35 34.95 36.72
N SER B 26 25.87 33.75 36.99
CA SER B 26 25.83 33.10 38.31
C SER B 26 24.40 32.86 38.79
N ASP B 27 23.41 33.01 37.93
CA ASP B 27 22.02 32.70 38.23
C ASP B 27 21.51 31.71 37.20
N LYS B 28 20.92 30.61 37.65
CA LYS B 28 20.51 29.56 36.74
C LYS B 28 19.41 30.03 35.79
N ASP B 29 18.49 30.87 36.28
CA ASP B 29 17.38 31.31 35.45
C ASP B 29 17.86 32.15 34.27
N PHE B 30 18.78 33.09 34.54
CA PHE B 30 19.30 33.93 33.47
C PHE B 30 20.07 33.12 32.44
N ARG B 31 20.90 32.18 32.90
CA ARG B 31 21.64 31.33 31.97
C ARG B 31 20.69 30.50 31.11
N PHE B 32 19.67 29.92 31.74
CA PHE B 32 18.71 29.10 30.99
C PHE B 32 17.99 29.94 29.94
N MET B 33 17.54 31.14 30.32
CA MET B 33 16.79 31.96 29.39
C MET B 33 17.66 32.48 28.26
N ALA B 34 18.91 32.85 28.56
CA ALA B 34 19.82 33.30 27.52
C ALA B 34 20.14 32.18 26.54
N THR B 35 20.39 30.97 27.05
CA THR B 35 20.62 29.84 26.16
C THR B 35 19.38 29.55 25.32
N ASN B 36 18.19 29.62 25.93
CA ASN B 36 16.96 29.30 25.22
C ASN B 36 16.70 30.28 24.08
N ASP B 37 16.80 31.58 24.35
CA ASP B 37 16.50 32.52 23.28
C ASP B 37 17.65 32.63 22.27
N LEU B 38 18.89 32.33 22.67
CA LEU B 38 19.94 32.18 21.67
C LEU B 38 19.63 31.03 20.72
N MET B 39 19.20 29.88 21.27
CA MET B 39 18.82 28.75 20.42
C MET B 39 17.65 29.12 19.52
N THR B 40 16.68 29.86 20.06
CA THR B 40 15.55 30.30 19.24
C THR B 40 16.02 31.21 18.11
N GLU B 41 16.95 32.12 18.39
CA GLU B 41 17.49 32.99 17.35
C GLU B 41 18.20 32.20 16.27
N LEU B 42 18.98 31.20 16.66
CA LEU B 42 19.69 30.34 15.69
C LEU B 42 18.74 29.28 15.16
N GLN B 43 17.66 29.75 14.54
CA GLN B 43 16.69 28.87 13.89
C GLN B 43 16.22 29.48 12.56
N ASP B 50 25.61 36.18 11.91
CA ASP B 50 26.70 36.81 12.63
C ASP B 50 28.05 36.29 12.16
N ASP B 51 29.04 37.18 12.08
CA ASP B 51 30.38 36.83 11.66
C ASP B 51 31.39 37.46 12.61
N ASP B 52 32.53 36.79 12.76
CA ASP B 52 33.64 37.16 13.64
C ASP B 52 33.28 37.02 15.12
N SER B 53 32.04 36.64 15.44
CA SER B 53 31.64 36.40 16.82
C SER B 53 31.22 34.96 17.08
N GLU B 54 31.24 34.12 16.05
CA GLU B 54 30.92 32.71 16.26
C GLU B 54 31.93 32.02 17.16
N ARG B 55 33.19 32.46 17.11
CA ARG B 55 34.22 31.92 17.99
C ARG B 55 33.92 32.16 19.45
N LYS B 56 33.08 33.14 19.77
CA LYS B 56 32.68 33.37 21.15
C LYS B 56 31.53 32.44 21.56
N VAL B 57 30.50 32.35 20.71
CA VAL B 57 29.33 31.55 21.06
C VAL B 57 29.68 30.07 21.12
N VAL B 58 30.58 29.62 20.24
CA VAL B 58 30.99 28.22 20.25
C VAL B 58 31.67 27.88 21.57
N LYS B 59 32.65 28.69 21.99
CA LYS B 59 33.33 28.45 23.24
C LYS B 59 32.38 28.56 24.42
N MET B 60 31.42 29.47 24.35
CA MET B 60 30.44 29.60 25.42
C MET B 60 29.59 28.34 25.56
N ILE B 61 29.17 27.76 24.43
CA ILE B 61 28.35 26.54 24.48
C ILE B 61 29.18 25.37 25.00
N LEU B 62 30.41 25.21 24.47
CA LEU B 62 31.25 24.11 24.91
C LEU B 62 31.66 24.26 26.37
N LYS B 63 31.63 25.48 26.90
CA LYS B 63 31.88 25.65 28.34
C LYS B 63 30.63 25.40 29.17
N LEU B 64 29.46 25.78 28.67
CA LEU B 64 28.21 25.43 29.36
C LEU B 64 27.96 23.93 29.34
N LEU B 65 28.62 23.19 28.46
CA LEU B 65 28.50 21.73 28.50
C LEU B 65 28.95 21.14 29.83
N GLU B 66 29.71 21.89 30.65
CA GLU B 66 30.17 21.42 31.95
C GLU B 66 29.53 22.20 33.11
N ASP B 67 28.36 22.80 32.89
CA ASP B 67 27.73 23.60 33.93
C ASP B 67 27.23 22.72 35.08
N LYS B 68 26.98 23.38 36.22
CA LYS B 68 26.53 22.65 37.40
C LYS B 68 25.08 22.20 37.24
N ASN B 69 24.21 23.08 36.77
CA ASN B 69 22.81 22.74 36.59
C ASN B 69 22.63 21.81 35.39
N GLY B 70 21.62 20.95 35.47
CA GLY B 70 21.37 19.99 34.41
C GLY B 70 20.55 20.56 33.26
N GLU B 71 19.64 21.47 33.56
CA GLU B 71 18.80 22.07 32.52
C GLU B 71 19.63 22.86 31.52
N VAL B 72 20.61 23.62 32.01
CA VAL B 72 21.46 24.39 31.11
C VAL B 72 22.31 23.46 30.25
N GLN B 73 22.78 22.34 30.83
CA GLN B 73 23.52 21.37 30.03
C GLN B 73 22.65 20.78 28.92
N ASN B 74 21.40 20.46 29.26
CA ASN B 74 20.49 19.91 28.26
C ASN B 74 20.23 20.92 27.14
N LEU B 75 20.02 22.19 27.51
CA LEU B 75 19.82 23.23 26.51
C LEU B 75 21.05 23.40 25.63
N ALA B 76 22.24 23.36 26.23
CA ALA B 76 23.47 23.48 25.46
C ALA B 76 23.61 22.33 24.47
N VAL B 77 23.27 21.12 24.90
CA VAL B 77 23.35 19.97 23.99
C VAL B 77 22.36 20.10 22.85
N LYS B 78 21.12 20.49 23.14
CA LYS B 78 20.16 20.69 22.05
C LYS B 78 20.57 21.85 21.14
N CYS B 79 21.31 22.82 21.65
CA CYS B 79 21.72 23.96 20.83
C CYS B 79 22.83 23.62 19.85
N LEU B 80 23.52 22.49 20.02
CA LEU B 80 24.57 22.10 19.09
C LEU B 80 24.02 21.71 17.73
N GLY B 81 22.75 21.33 17.64
CA GLY B 81 22.14 20.95 16.40
C GLY B 81 22.11 22.07 15.38
N PRO B 82 21.34 23.13 15.67
CA PRO B 82 21.27 24.27 14.74
C PRO B 82 22.53 25.12 14.70
N LEU B 83 23.56 24.80 15.48
CA LEU B 83 24.80 25.58 15.44
C LEU B 83 25.73 25.14 14.33
N VAL B 84 25.80 23.84 14.06
CA VAL B 84 26.70 23.35 13.01
C VAL B 84 26.22 23.72 11.62
N SER B 85 24.95 24.10 11.48
CA SER B 85 24.40 24.50 10.20
C SER B 85 24.49 26.00 9.96
N LYS B 86 24.97 26.77 10.93
CA LYS B 86 25.08 28.22 10.83
C LYS B 86 26.44 28.69 11.33
N VAL B 87 27.50 27.98 10.96
CA VAL B 87 28.85 28.33 11.39
C VAL B 87 29.82 27.91 10.29
N LYS B 88 31.00 28.53 10.29
CA LYS B 88 32.02 28.20 9.32
C LYS B 88 32.51 26.77 9.53
N GLU B 89 32.97 26.15 8.44
CA GLU B 89 33.39 24.76 8.48
C GLU B 89 34.61 24.55 9.38
N TYR B 90 35.39 25.60 9.64
CA TYR B 90 36.57 25.47 10.48
C TYR B 90 36.19 25.17 11.94
N GLN B 91 35.16 25.85 12.45
CA GLN B 91 34.79 25.69 13.85
C GLN B 91 34.06 24.38 14.12
N VAL B 92 33.45 23.77 13.09
CA VAL B 92 32.91 22.43 13.26
C VAL B 92 34.03 21.46 13.61
N GLU B 93 35.21 21.67 13.04
CA GLU B 93 36.36 20.82 13.35
C GLU B 93 36.73 20.92 14.82
N THR B 94 36.77 22.14 15.38
CA THR B 94 37.15 22.26 16.78
C THR B 94 36.05 21.76 17.70
N ILE B 95 34.78 21.91 17.30
CA ILE B 95 33.69 21.33 18.09
C ILE B 95 33.82 19.82 18.15
N VAL B 96 34.06 19.18 17.01
CA VAL B 96 34.20 17.73 16.96
C VAL B 96 35.43 17.29 17.75
N ASP B 97 36.54 18.01 17.62
CA ASP B 97 37.75 17.65 18.33
C ASP B 97 37.55 17.73 19.83
N THR B 98 36.90 18.81 20.31
CA THR B 98 36.67 18.93 21.74
C THR B 98 35.74 17.85 22.25
N LEU B 99 34.67 17.54 21.51
CA LEU B 99 33.78 16.47 21.94
C LEU B 99 34.51 15.14 22.00
N CYS B 100 35.32 14.84 20.98
CA CYS B 100 36.02 13.55 20.94
C CYS B 100 37.04 13.44 22.07
N THR B 101 37.79 14.52 22.34
CA THR B 101 38.77 14.46 23.43
C THR B 101 38.11 14.46 24.79
N ASN B 102 36.89 15.02 24.91
CA ASN B 102 36.15 14.92 26.16
C ASN B 102 35.56 13.54 26.36
N MET B 103 35.30 12.81 25.28
CA MET B 103 34.73 11.46 25.40
C MET B 103 35.69 10.51 26.10
N LEU B 104 36.99 10.80 26.11
CA LEU B 104 37.98 9.96 26.75
C LEU B 104 38.38 10.46 28.13
N SER B 105 37.66 11.44 28.68
CA SER B 105 38.04 12.04 29.95
C SER B 105 37.83 11.07 31.10
N ASP B 106 38.22 11.50 32.29
CA ASP B 106 38.11 10.69 33.50
C ASP B 106 36.83 10.95 34.29
N LYS B 107 35.94 11.79 33.78
CA LYS B 107 34.67 12.09 34.43
C LYS B 107 33.53 11.49 33.62
N GLU B 108 32.68 10.71 34.28
CA GLU B 108 31.61 10.01 33.59
C GLU B 108 30.59 10.98 33.00
N GLN B 109 30.25 12.03 33.75
CA GLN B 109 29.24 12.98 33.28
C GLN B 109 29.68 13.66 32.00
N LEU B 110 30.93 14.11 31.94
CA LEU B 110 31.44 14.76 30.74
C LEU B 110 31.46 13.79 29.56
N ARG B 111 31.86 12.54 29.82
CA ARG B 111 31.88 11.54 28.76
C ARG B 111 30.50 11.31 28.19
N ASP B 112 29.50 11.11 29.05
CA ASP B 112 28.14 10.86 28.58
C ASP B 112 27.58 12.07 27.84
N ILE B 113 27.80 13.27 28.38
CA ILE B 113 27.20 14.45 27.77
C ILE B 113 27.86 14.72 26.42
N SER B 114 29.17 14.46 26.31
CA SER B 114 29.86 14.61 25.04
C SER B 114 29.41 13.57 24.03
N SER B 115 29.14 12.34 24.48
CA SER B 115 28.60 11.34 23.57
C SER B 115 27.24 11.76 23.01
N ILE B 116 26.37 12.29 23.88
CA ILE B 116 25.07 12.77 23.43
C ILE B 116 25.25 13.91 22.43
N GLY B 117 26.15 14.85 22.73
CA GLY B 117 26.39 15.96 21.83
C GLY B 117 26.94 15.53 20.48
N LEU B 118 27.83 14.53 20.49
CA LEU B 118 28.38 14.03 19.23
C LEU B 118 27.33 13.32 18.40
N LYS B 119 26.44 12.56 19.05
CA LYS B 119 25.32 11.96 18.33
C LYS B 119 24.43 13.03 17.71
N THR B 120 24.15 14.09 18.47
CA THR B 120 23.34 15.19 17.94
C THR B 120 24.02 15.85 16.75
N VAL B 121 25.32 16.07 16.83
CA VAL B 121 26.07 16.71 15.74
C VAL B 121 26.03 15.82 14.49
N ILE B 122 26.25 14.51 14.67
CA ILE B 122 26.21 13.60 13.53
C ILE B 122 24.83 13.57 12.90
N GLY B 123 23.78 13.62 13.73
CA GLY B 123 22.43 13.53 13.20
C GLY B 123 22.06 14.68 12.29
N GLU B 124 22.53 15.89 12.61
CA GLU B 124 22.15 17.07 11.85
C GLU B 124 22.96 17.28 10.59
N LEU B 125 24.05 16.56 10.40
CA LEU B 125 24.85 16.72 9.19
C LEU B 125 24.09 16.18 7.99
N PRO B 126 24.12 16.87 6.85
CA PRO B 126 23.43 16.39 5.66
C PRO B 126 24.13 15.18 5.07
N PRO B 127 23.38 14.17 4.64
CA PRO B 127 23.99 12.99 4.04
C PRO B 127 24.24 13.16 2.55
N ALA B 128 25.25 12.42 2.06
CA ALA B 128 25.64 12.43 0.66
C ALA B 128 25.94 13.85 0.17
N ALA B 135 31.24 18.05 5.30
CA ALA B 135 30.58 16.86 5.83
C ALA B 135 31.50 15.65 5.78
N ALA B 136 32.33 15.59 4.74
CA ALA B 136 33.25 14.46 4.60
C ALA B 136 34.44 14.58 5.54
N ASN B 137 34.94 15.81 5.77
CA ASN B 137 36.10 15.99 6.62
C ASN B 137 35.79 15.66 8.08
N VAL B 138 34.63 16.10 8.57
CA VAL B 138 34.28 15.86 9.97
C VAL B 138 34.07 14.37 10.22
N CYS B 139 33.49 13.66 9.23
CA CYS B 139 33.33 12.21 9.38
C CYS B 139 34.67 11.51 9.48
N LYS B 140 35.64 11.93 8.66
CA LYS B 140 36.98 11.36 8.74
C LYS B 140 37.63 11.66 10.09
N LYS B 141 37.45 12.89 10.58
CA LYS B 141 38.01 13.25 11.87
C LYS B 141 37.41 12.42 13.00
N ILE B 142 36.09 12.18 12.94
CA ILE B 142 35.45 11.34 13.93
C ILE B 142 35.97 9.91 13.84
N THR B 143 36.09 9.38 12.62
CA THR B 143 36.50 7.99 12.45
C THR B 143 37.93 7.76 12.94
N GLY B 144 38.82 8.73 12.68
CA GLY B 144 40.21 8.56 13.09
C GLY B 144 40.37 8.33 14.57
N ARG B 145 39.57 9.02 15.38
CA ARG B 145 39.61 8.84 16.83
C ARG B 145 38.75 7.68 17.30
N LEU B 146 37.64 7.41 16.60
CA LEU B 146 36.78 6.29 16.98
C LEU B 146 37.49 4.96 16.81
N THR B 147 38.29 4.82 15.76
CA THR B 147 39.02 3.58 15.55
C THR B 147 39.98 3.32 16.71
N SER B 148 40.71 4.35 17.13
CA SER B 148 41.63 4.20 18.27
C SER B 148 40.87 3.92 19.56
N ALA B 149 39.72 4.57 19.74
CA ALA B 149 38.92 4.33 20.95
C ALA B 149 38.43 2.89 21.02
N ILE B 150 37.95 2.36 19.90
CA ILE B 150 37.49 0.97 19.87
C ILE B 150 38.66 0.02 20.07
N ALA B 151 39.81 0.32 19.47
CA ALA B 151 40.96 -0.57 19.58
C ALA B 151 41.43 -0.76 21.02
N LYS B 152 41.11 0.16 21.91
CA LYS B 152 41.51 0.02 23.32
C LYS B 152 40.76 -1.14 23.97
N GLN B 153 41.44 -1.83 24.89
CA GLN B 153 40.87 -2.98 25.59
C GLN B 153 41.00 -2.82 27.09
N GLU B 154 40.95 -1.58 27.60
CA GLU B 154 41.06 -1.32 29.02
C GLU B 154 39.86 -0.58 29.60
N ASP B 155 39.15 0.21 28.81
CA ASP B 155 37.97 0.95 29.26
C ASP B 155 36.78 0.48 28.41
N VAL B 156 35.96 -0.39 28.97
CA VAL B 156 34.84 -0.96 28.22
C VAL B 156 33.78 0.09 27.92
N SER B 157 33.58 1.04 28.82
CA SER B 157 32.57 2.08 28.59
C SER B 157 32.91 2.91 27.37
N VAL B 158 34.18 3.29 27.22
CA VAL B 158 34.60 4.02 26.03
C VAL B 158 34.39 3.18 24.78
N GLN B 159 34.67 1.88 24.88
CA GLN B 159 34.43 0.98 23.76
C GLN B 159 32.97 1.00 23.33
N LEU B 160 32.06 0.87 24.30
CA LEU B 160 30.64 0.85 23.98
C LEU B 160 30.18 2.18 23.38
N GLU B 161 30.63 3.29 23.97
CA GLU B 161 30.25 4.60 23.44
C GLU B 161 30.76 4.79 22.01
N ALA B 162 32.01 4.40 21.76
CA ALA B 162 32.58 4.54 20.41
C ALA B 162 31.85 3.65 19.41
N LEU B 163 31.50 2.43 19.83
CA LEU B 163 30.76 1.54 18.94
C LEU B 163 29.40 2.12 18.59
N ASP B 164 28.71 2.69 19.58
CA ASP B 164 27.42 3.32 19.31
C ASP B 164 27.57 4.51 18.35
N ILE B 165 28.59 5.34 18.57
CA ILE B 165 28.80 6.49 17.70
C ILE B 165 29.09 6.03 16.27
N MET B 166 29.93 5.00 16.12
CA MET B 166 30.26 4.52 14.78
C MET B 166 29.07 3.87 14.10
N ALA B 167 28.23 3.17 14.86
CA ALA B 167 27.01 2.62 14.28
C ALA B 167 26.10 3.74 13.78
N ASP B 168 25.94 4.79 14.58
CA ASP B 168 25.13 5.92 14.15
C ASP B 168 25.72 6.59 12.91
N MET B 169 27.04 6.70 12.85
CA MET B 169 27.69 7.33 11.71
C MET B 169 27.50 6.51 10.43
N LEU B 170 27.78 5.22 10.50
CA LEU B 170 27.64 4.35 9.32
C LEU B 170 26.19 4.13 8.94
N SER B 171 25.24 4.39 9.86
CA SER B 171 23.84 4.16 9.54
C SER B 171 23.36 5.07 8.42
N ARG B 172 23.76 6.35 8.45
CA ARG B 172 23.24 7.32 7.50
C ARG B 172 24.29 7.94 6.59
N GLN B 173 25.58 7.87 6.93
CA GLN B 173 26.64 8.45 6.12
C GLN B 173 27.62 7.39 5.64
N GLY B 174 27.13 6.18 5.36
CA GLY B 174 27.99 5.12 4.89
C GLY B 174 28.48 5.30 3.47
N GLY B 175 27.77 6.10 2.66
CA GLY B 175 28.21 6.33 1.30
C GLY B 175 29.54 7.03 1.20
N LEU B 176 29.83 7.94 2.14
CA LEU B 176 31.10 8.65 2.16
C LEU B 176 32.15 7.78 2.82
N LEU B 177 33.33 8.36 3.09
CA LEU B 177 34.46 7.71 3.74
C LEU B 177 34.63 6.26 3.30
N VAL B 178 34.62 6.06 1.98
CA VAL B 178 34.83 4.73 1.43
C VAL B 178 36.27 4.26 1.59
N ASN B 179 37.19 5.18 1.92
CA ASN B 179 38.60 4.83 2.08
C ASN B 179 38.93 4.34 3.48
N PHE B 180 38.03 4.48 4.44
CA PHE B 180 38.29 4.07 5.82
C PHE B 180 37.71 2.70 6.15
N HIS B 181 37.04 2.05 5.18
CA HIS B 181 36.43 0.76 5.43
C HIS B 181 37.43 -0.32 5.86
N PRO B 182 38.61 -0.46 5.24
CA PRO B 182 39.57 -1.47 5.75
C PRO B 182 39.97 -1.23 7.20
N SER B 183 40.17 0.03 7.59
CA SER B 183 40.53 0.31 8.98
C SER B 183 39.37 0.00 9.93
N ILE B 184 38.15 0.35 9.52
CA ILE B 184 36.98 0.05 10.34
C ILE B 184 36.83 -1.45 10.53
N LEU B 185 36.99 -2.21 9.46
CA LEU B 185 36.93 -3.67 9.54
C LEU B 185 38.03 -4.22 10.44
N THR B 186 39.25 -3.69 10.30
CA THR B 186 40.39 -4.21 11.05
C THR B 186 40.22 -3.93 12.54
N CYS B 187 39.57 -2.82 12.89
CA CYS B 187 39.35 -2.55 14.31
C CYS B 187 38.12 -3.28 14.85
N LEU B 188 37.10 -3.51 14.01
CA LEU B 188 35.88 -4.16 14.49
C LEU B 188 36.06 -5.66 14.69
N LEU B 189 36.71 -6.35 13.76
CA LEU B 189 36.76 -7.81 13.84
C LEU B 189 37.35 -8.37 15.13
N PRO B 190 38.46 -7.86 15.67
CA PRO B 190 38.98 -8.43 16.92
C PRO B 190 38.07 -8.26 18.12
N GLN B 191 37.06 -7.39 18.05
CA GLN B 191 36.17 -7.16 19.17
C GLN B 191 35.11 -8.24 19.33
N LEU B 192 35.00 -9.17 18.38
CA LEU B 192 34.10 -10.30 18.49
C LEU B 192 34.63 -11.39 19.42
N THR B 193 35.67 -11.10 20.18
CA THR B 193 36.28 -12.05 21.10
C THR B 193 36.29 -11.54 22.53
N SER B 194 35.99 -10.25 22.74
CA SER B 194 36.11 -9.63 24.06
C SER B 194 35.20 -10.33 25.07
N PRO B 195 35.62 -10.38 26.34
CA PRO B 195 34.84 -11.12 27.35
C PRO B 195 33.40 -10.63 27.51
N ARG B 196 33.17 -9.33 27.40
CA ARG B 196 31.83 -8.78 27.63
C ARG B 196 30.99 -8.89 26.38
N LEU B 197 29.77 -9.42 26.53
CA LEU B 197 28.92 -9.71 25.39
C LEU B 197 28.31 -8.47 24.76
N ALA B 198 28.17 -7.39 25.53
CA ALA B 198 27.63 -6.16 24.97
C ALA B 198 28.53 -5.61 23.86
N VAL B 199 29.84 -5.69 24.06
CA VAL B 199 30.78 -5.28 23.03
C VAL B 199 30.57 -6.11 21.77
N ARG B 200 30.37 -7.43 21.94
CA ARG B 200 30.14 -8.29 20.79
C ARG B 200 28.86 -7.92 20.05
N LYS B 201 27.79 -7.63 20.78
CA LYS B 201 26.52 -7.28 20.15
C LYS B 201 26.64 -5.97 19.38
N ARG B 202 27.27 -4.95 19.99
CA ARG B 202 27.43 -3.68 19.30
C ARG B 202 28.36 -3.84 18.09
N THR B 203 29.37 -4.70 18.19
CA THR B 203 30.23 -4.98 17.05
C THR B 203 29.45 -5.63 15.92
N ILE B 204 28.55 -6.55 16.25
CA ILE B 204 27.73 -7.19 15.23
C ILE B 204 26.84 -6.17 14.53
N ILE B 205 26.23 -5.26 15.30
CA ILE B 205 25.39 -4.22 14.71
C ILE B 205 26.22 -3.33 13.79
N ALA B 206 27.42 -2.93 14.24
CA ALA B 206 28.28 -2.08 13.42
C ALA B 206 28.71 -2.80 12.15
N LEU B 207 29.03 -4.09 12.25
CA LEU B 207 29.44 -4.85 11.08
C LEU B 207 28.29 -4.97 10.07
N GLY B 208 27.07 -5.18 10.56
CA GLY B 208 25.93 -5.20 9.65
C GLY B 208 25.74 -3.88 8.93
N HIS B 209 25.81 -2.77 9.68
CA HIS B 209 25.67 -1.47 9.04
C HIS B 209 26.80 -1.21 8.05
N LEU B 210 28.00 -1.69 8.34
CA LEU B 210 29.12 -1.56 7.41
C LEU B 210 28.86 -2.36 6.14
N VAL B 211 28.44 -3.62 6.29
CA VAL B 211 28.17 -4.47 5.12
C VAL B 211 27.05 -3.90 4.27
N MET B 212 26.14 -3.14 4.88
CA MET B 212 25.04 -2.53 4.12
C MET B 212 25.56 -1.72 2.93
N SER B 213 26.70 -1.04 3.10
CA SER B 213 27.20 -0.17 2.03
C SER B 213 28.71 -0.27 1.87
N CYS B 214 29.30 -1.45 2.11
CA CYS B 214 30.74 -1.62 2.02
C CYS B 214 31.16 -1.88 0.58
N GLY B 215 32.42 -2.24 0.39
CA GLY B 215 32.94 -2.61 -0.92
C GLY B 215 33.00 -4.11 -1.10
N ASN B 216 33.49 -4.50 -2.28
CA ASN B 216 33.54 -5.92 -2.62
C ASN B 216 34.69 -6.63 -1.91
N ILE B 217 35.86 -6.00 -1.83
CA ILE B 217 37.02 -6.68 -1.26
C ILE B 217 36.87 -6.86 0.25
N VAL B 218 36.38 -5.82 0.94
CA VAL B 218 36.23 -5.91 2.39
C VAL B 218 35.17 -6.94 2.77
N PHE B 219 34.12 -7.07 1.97
CA PHE B 219 33.11 -8.09 2.22
C PHE B 219 33.72 -9.48 2.14
N VAL B 220 34.54 -9.73 1.12
CA VAL B 220 35.19 -11.03 0.98
C VAL B 220 36.15 -11.27 2.14
N ASP B 221 36.89 -10.24 2.54
CA ASP B 221 37.81 -10.38 3.66
C ASP B 221 37.06 -10.79 4.92
N LEU B 222 35.95 -10.11 5.20
CA LEU B 222 35.17 -10.41 6.40
C LEU B 222 34.57 -11.81 6.35
N ILE B 223 34.03 -12.21 5.19
CA ILE B 223 33.43 -13.53 5.08
C ILE B 223 34.49 -14.62 5.25
N GLU B 224 35.66 -14.44 4.64
CA GLU B 224 36.73 -15.42 4.78
C GLU B 224 37.21 -15.49 6.22
N HIS B 225 37.30 -14.35 6.91
CA HIS B 225 37.70 -14.38 8.31
C HIS B 225 36.68 -15.14 9.16
N LEU B 226 35.39 -14.91 8.91
CA LEU B 226 34.36 -15.62 9.66
C LEU B 226 34.42 -17.12 9.41
N LEU B 227 34.58 -17.53 8.14
CA LEU B 227 34.65 -18.94 7.82
C LEU B 227 35.88 -19.59 8.44
N SER B 228 37.03 -18.91 8.38
CA SER B 228 38.25 -19.45 8.97
C SER B 228 38.11 -19.60 10.48
N GLU B 229 37.52 -18.61 11.14
CA GLU B 229 37.34 -18.70 12.59
C GLU B 229 36.37 -19.81 12.97
N LEU B 230 35.31 -19.99 12.17
CA LEU B 230 34.39 -21.09 12.43
C LEU B 230 35.06 -22.44 12.25
N SER B 231 35.89 -22.58 11.23
CA SER B 231 36.58 -23.85 11.00
C SER B 231 37.51 -24.19 12.15
N LYS B 232 38.20 -23.19 12.71
CA LYS B 232 39.12 -23.43 13.82
C LYS B 232 38.37 -23.94 15.05
N ASN B 233 37.24 -23.31 15.38
CA ASN B 233 36.44 -23.65 16.55
C ASN B 233 37.29 -23.64 17.82
N ASP B 234 37.83 -22.46 18.12
CA ASP B 234 38.74 -22.34 19.26
C ASP B 234 38.00 -22.49 20.58
N SER B 235 36.86 -21.81 20.74
CA SER B 235 36.13 -21.82 21.99
C SER B 235 34.65 -22.00 21.71
N MET B 236 33.94 -22.56 22.69
CA MET B 236 32.49 -22.73 22.57
C MET B 236 31.77 -21.39 22.54
N SER B 237 32.25 -20.42 23.33
CA SER B 237 31.56 -19.15 23.44
C SER B 237 31.65 -18.34 22.15
N THR B 238 32.79 -18.41 21.46
CA THR B 238 32.97 -17.60 20.26
C THR B 238 32.15 -18.12 19.08
N THR B 239 31.90 -19.42 19.03
CA THR B 239 31.17 -20.01 17.90
C THR B 239 29.76 -19.43 17.81
N ARG B 240 29.09 -19.27 18.96
CA ARG B 240 27.78 -18.65 18.96
C ARG B 240 27.83 -17.23 18.41
N THR B 241 28.86 -16.46 18.79
CA THR B 241 28.99 -15.10 18.31
C THR B 241 29.20 -15.07 16.79
N TYR B 242 30.03 -15.99 16.27
CA TYR B 242 30.27 -16.00 14.83
C TYR B 242 29.02 -16.42 14.06
N ILE B 243 28.26 -17.39 14.59
CA ILE B 243 27.02 -17.78 13.93
C ILE B 243 26.01 -16.63 13.93
N GLN B 244 25.92 -15.92 15.06
CA GLN B 244 25.04 -14.74 15.12
C GLN B 244 25.49 -13.68 14.13
N CYS B 245 26.80 -13.48 13.99
CA CYS B 245 27.31 -12.50 13.03
C CYS B 245 26.94 -12.89 11.61
N ILE B 246 27.06 -14.17 11.27
CA ILE B 246 26.67 -14.62 9.92
C ILE B 246 25.18 -14.40 9.71
N ALA B 247 24.35 -14.70 10.71
CA ALA B 247 22.92 -14.46 10.58
C ALA B 247 22.61 -12.98 10.37
N ALA B 248 23.27 -12.11 11.12
CA ALA B 248 23.05 -10.68 10.97
C ALA B 248 23.49 -10.19 9.59
N ILE B 249 24.62 -10.70 9.09
CA ILE B 249 25.09 -10.32 7.76
C ILE B 249 24.09 -10.77 6.71
N SER B 250 23.56 -11.99 6.84
CA SER B 250 22.55 -12.46 5.89
C SER B 250 21.30 -11.60 5.93
N ARG B 251 20.89 -11.19 7.14
CA ARG B 251 19.71 -10.32 7.24
C ARG B 251 19.95 -8.96 6.61
N GLN B 252 21.13 -8.38 6.83
CA GLN B 252 21.39 -7.02 6.37
C GLN B 252 21.63 -6.98 4.86
N ALA B 253 22.45 -7.89 4.34
CA ALA B 253 22.82 -7.86 2.93
C ALA B 253 21.91 -8.73 2.08
N GLY B 254 21.86 -10.03 2.36
CA GLY B 254 20.96 -10.91 1.65
C GLY B 254 21.47 -11.36 0.30
N HIS B 255 21.43 -10.47 -0.68
CA HIS B 255 21.79 -10.83 -2.04
C HIS B 255 23.30 -10.88 -2.27
N ARG B 256 24.10 -10.30 -1.39
CA ARG B 256 25.55 -10.33 -1.56
C ARG B 256 26.20 -11.56 -0.95
N ILE B 257 25.46 -12.38 -0.21
CA ILE B 257 26.01 -13.56 0.44
C ILE B 257 25.62 -14.85 -0.29
N GLY B 258 24.79 -14.74 -1.34
CA GLY B 258 24.27 -15.93 -1.99
C GLY B 258 25.34 -16.85 -2.56
N GLU B 259 26.44 -16.28 -3.04
CA GLU B 259 27.50 -17.07 -3.64
C GLU B 259 28.43 -17.71 -2.61
N TYR B 260 28.06 -17.74 -1.33
CA TYR B 260 28.90 -18.35 -0.31
C TYR B 260 28.19 -19.44 0.49
N LEU B 261 26.90 -19.69 0.25
CA LEU B 261 26.19 -20.70 1.03
C LEU B 261 26.77 -22.08 0.83
N GLU B 262 27.31 -22.37 -0.37
CA GLU B 262 27.90 -23.67 -0.63
C GLU B 262 29.03 -24.00 0.34
N LYS B 263 29.66 -22.99 0.94
CA LYS B 263 30.66 -23.19 1.98
C LYS B 263 30.13 -22.94 3.38
N ILE B 264 29.18 -22.00 3.53
CA ILE B 264 28.68 -21.69 4.87
C ILE B 264 27.82 -22.82 5.43
N ILE B 265 26.92 -23.37 4.61
CA ILE B 265 25.90 -24.28 5.13
C ILE B 265 26.48 -25.55 5.75
N PRO B 266 27.48 -26.22 5.17
CA PRO B 266 28.02 -27.41 5.84
C PRO B 266 28.54 -27.16 7.23
N LEU B 267 29.09 -25.97 7.51
CA LEU B 267 29.60 -25.67 8.84
C LEU B 267 28.48 -25.64 9.87
N VAL B 268 27.39 -24.92 9.57
CA VAL B 268 26.29 -24.86 10.52
C VAL B 268 25.58 -26.20 10.61
N VAL B 269 25.55 -26.97 9.53
CA VAL B 269 24.98 -28.31 9.58
C VAL B 269 25.79 -29.19 10.54
N LYS B 270 27.12 -29.10 10.48
CA LYS B 270 27.96 -29.83 11.41
C LYS B 270 27.75 -29.36 12.84
N PHE B 271 27.59 -28.05 13.03
CA PHE B 271 27.43 -27.52 14.38
C PHE B 271 26.07 -27.79 14.98
N CYS B 272 25.06 -28.10 14.15
CA CYS B 272 23.75 -28.43 14.67
C CYS B 272 23.74 -29.68 15.54
N ASN B 273 24.73 -30.57 15.37
CA ASN B 273 24.77 -31.83 16.09
C ASN B 273 25.43 -31.73 17.46
N VAL B 274 25.99 -30.57 17.81
CA VAL B 274 26.65 -30.43 19.10
C VAL B 274 25.61 -30.34 20.20
N ASP B 275 25.87 -31.00 21.33
CA ASP B 275 24.91 -31.10 22.43
C ASP B 275 24.92 -29.83 23.27
N ASP B 276 24.56 -28.72 22.63
CA ASP B 276 24.38 -27.44 23.29
C ASP B 276 23.06 -26.84 22.87
N ASP B 277 22.23 -26.48 23.85
CA ASP B 277 20.90 -25.95 23.53
C ASP B 277 21.00 -24.57 22.90
N GLU B 278 21.92 -23.73 23.38
CA GLU B 278 22.02 -22.37 22.84
C GLU B 278 22.58 -22.36 21.43
N LEU B 279 23.49 -23.29 21.12
CA LEU B 279 24.10 -23.31 19.79
C LEU B 279 23.10 -23.71 18.71
N ARG B 280 22.23 -24.67 19.02
CA ARG B 280 21.28 -25.16 18.01
C ARG B 280 20.32 -24.08 17.57
N GLU B 281 19.83 -23.27 18.52
CA GLU B 281 18.87 -22.23 18.20
C GLU B 281 19.46 -21.21 17.23
N TYR B 282 20.71 -20.81 17.45
CA TYR B 282 21.35 -19.85 16.56
C TYR B 282 21.54 -20.41 15.17
N CYS B 283 21.90 -21.71 15.07
CA CYS B 283 22.04 -22.33 13.76
C CYS B 283 20.70 -22.37 13.02
N ILE B 284 19.62 -22.70 13.73
CA ILE B 284 18.31 -22.75 13.08
C ILE B 284 17.87 -21.35 12.66
N GLN B 285 18.18 -20.34 13.48
CA GLN B 285 17.88 -18.96 13.09
C GLN B 285 18.68 -18.55 11.85
N ALA B 286 19.93 -18.98 11.76
CA ALA B 286 20.72 -18.72 10.56
C ALA B 286 20.11 -19.39 9.34
N PHE B 287 19.63 -20.63 9.50
CA PHE B 287 18.93 -21.29 8.41
C PHE B 287 17.69 -20.52 7.97
N GLU B 288 16.93 -20.01 8.94
CA GLU B 288 15.74 -19.23 8.62
C GLU B 288 16.10 -17.95 7.87
N SER B 289 17.17 -17.28 8.30
CA SER B 289 17.61 -16.06 7.61
C SER B 289 18.04 -16.37 6.18
N PHE B 290 18.78 -17.47 5.98
CA PHE B 290 19.16 -17.87 4.64
C PHE B 290 17.96 -18.15 3.78
N VAL B 291 16.97 -18.87 4.32
CA VAL B 291 15.78 -19.19 3.55
C VAL B 291 15.02 -17.92 3.16
N ARG B 292 14.90 -16.98 4.09
CA ARG B 292 14.09 -15.80 3.84
C ARG B 292 14.77 -14.81 2.90
N ARG B 293 16.08 -14.59 3.06
CA ARG B 293 16.72 -13.44 2.44
C ARG B 293 17.45 -13.73 1.13
N CYS B 294 17.84 -14.98 0.88
CA CYS B 294 18.50 -15.35 -0.38
C CYS B 294 17.77 -16.56 -0.96
N PRO B 295 16.60 -16.34 -1.57
CA PRO B 295 15.82 -17.48 -2.08
C PRO B 295 16.46 -18.19 -3.26
N LYS B 296 17.26 -17.49 -4.08
CA LYS B 296 17.80 -18.11 -5.28
C LYS B 296 18.85 -19.16 -4.95
N GLU B 297 19.69 -18.91 -3.93
CA GLU B 297 20.82 -19.77 -3.63
C GLU B 297 20.51 -20.83 -2.57
N VAL B 298 19.31 -20.84 -2.00
CA VAL B 298 18.96 -21.85 -1.01
C VAL B 298 18.26 -23.06 -1.60
N TYR B 299 18.08 -23.09 -2.91
CA TYR B 299 17.31 -24.17 -3.53
C TYR B 299 17.90 -25.55 -3.29
N PRO B 300 19.22 -25.78 -3.43
CA PRO B 300 19.74 -27.13 -3.21
C PRO B 300 19.80 -27.55 -1.75
N HIS B 301 19.51 -26.66 -0.80
CA HIS B 301 19.67 -26.95 0.62
C HIS B 301 18.35 -27.01 1.38
N VAL B 302 17.21 -26.75 0.70
CA VAL B 302 15.93 -26.84 1.38
C VAL B 302 15.68 -28.24 1.90
N SER B 303 16.14 -29.26 1.16
CA SER B 303 15.90 -30.64 1.54
C SER B 303 16.58 -30.98 2.87
N THR B 304 17.74 -30.40 3.14
CA THR B 304 18.41 -30.67 4.42
C THR B 304 17.96 -29.74 5.53
N ILE B 305 17.62 -28.49 5.21
CA ILE B 305 17.08 -27.60 6.24
C ILE B 305 15.76 -28.16 6.77
N ILE B 306 14.89 -28.64 5.86
CA ILE B 306 13.61 -29.21 6.26
C ILE B 306 13.84 -30.43 7.15
N ASN B 307 14.80 -31.27 6.80
CA ASN B 307 15.05 -32.47 7.59
C ASN B 307 15.56 -32.12 8.98
N ILE B 308 16.46 -31.14 9.08
CA ILE B 308 16.95 -30.74 10.40
C ILE B 308 15.81 -30.17 11.24
N CYS B 309 14.96 -29.34 10.64
CA CYS B 309 13.85 -28.76 11.38
C CYS B 309 12.88 -29.84 11.87
N LEU B 310 12.56 -30.80 11.00
CA LEU B 310 11.67 -31.88 11.40
C LEU B 310 12.30 -32.76 12.48
N LYS B 311 13.62 -32.93 12.43
CA LYS B 311 14.30 -33.70 13.46
C LYS B 311 14.22 -32.98 14.81
N TYR B 312 14.35 -31.66 14.80
CA TYR B 312 14.44 -30.91 16.05
C TYR B 312 13.13 -30.27 16.49
N LEU B 313 12.02 -30.58 15.81
CA LEU B 313 10.71 -30.23 16.36
C LEU B 313 10.42 -31.01 17.63
N THR B 314 10.78 -32.29 17.65
CA THR B 314 10.40 -33.22 18.70
C THR B 314 11.36 -33.20 19.89
N TYR B 315 12.42 -32.40 19.82
CA TYR B 315 13.48 -32.45 20.83
C TYR B 315 12.98 -32.10 22.22
N ASP B 316 12.86 -33.10 23.08
CA ASP B 316 12.46 -32.94 24.48
C ASP B 316 12.95 -34.15 25.27
N PRO B 317 14.13 -34.07 25.90
CA PRO B 317 14.71 -35.24 26.56
C PRO B 317 14.27 -35.46 28.01
N ASN B 318 13.20 -34.78 28.47
CA ASN B 318 12.75 -34.94 29.85
C ASN B 318 11.25 -35.19 29.96
N TYR B 319 10.57 -35.52 28.87
CA TYR B 319 9.14 -35.79 28.93
C TYR B 319 8.80 -36.78 27.82
N ASN B 320 7.98 -37.77 28.15
CA ASN B 320 7.81 -38.94 27.29
C ASN B 320 6.45 -39.03 26.61
N TYR B 321 5.55 -38.07 26.84
CA TYR B 321 4.19 -38.13 26.32
C TYR B 321 3.49 -39.41 26.73
N MET B 353 15.58 -25.66 29.34
CA MET B 353 15.45 -24.65 28.30
C MET B 353 15.53 -25.26 26.91
N SER B 354 14.80 -26.36 26.72
CA SER B 354 14.79 -27.06 25.44
C SER B 354 13.64 -26.64 24.54
N TRP B 355 12.79 -25.71 24.99
CA TRP B 355 11.70 -25.25 24.14
C TRP B 355 12.15 -24.25 23.10
N LYS B 356 13.31 -23.62 23.28
CA LYS B 356 13.78 -22.62 22.33
C LYS B 356 14.15 -23.26 20.99
N VAL B 357 14.74 -24.45 21.01
CA VAL B 357 15.09 -25.11 19.75
C VAL B 357 13.84 -25.53 19.01
N ARG B 358 12.80 -25.99 19.72
CA ARG B 358 11.54 -26.31 19.08
C ARG B 358 10.88 -25.06 18.49
N ARG B 359 10.93 -23.95 19.22
CA ARG B 359 10.43 -22.69 18.69
C ARG B 359 11.15 -22.29 17.42
N ALA B 360 12.48 -22.40 17.41
CA ALA B 360 13.26 -22.04 16.24
C ALA B 360 12.94 -22.96 15.06
N ALA B 361 12.77 -24.26 15.33
CA ALA B 361 12.42 -25.19 14.27
C ALA B 361 11.07 -24.86 13.66
N ALA B 362 10.08 -24.54 14.51
CA ALA B 362 8.77 -24.15 14.00
C ALA B 362 8.85 -22.88 13.16
N LYS B 363 9.60 -21.89 13.64
CA LYS B 363 9.76 -20.66 12.86
C LYS B 363 10.43 -20.92 11.52
N CYS B 364 11.45 -21.77 11.49
CA CYS B 364 12.15 -22.06 10.24
C CYS B 364 11.24 -22.81 9.27
N LEU B 365 10.45 -23.75 9.78
CA LEU B 365 9.49 -24.44 8.90
C LEU B 365 8.46 -23.47 8.34
N ASP B 366 7.99 -22.53 9.18
CA ASP B 366 7.05 -21.52 8.70
C ASP B 366 7.68 -20.69 7.59
N ALA B 367 8.94 -20.27 7.78
CA ALA B 367 9.63 -19.47 6.77
C ALA B 367 9.80 -20.26 5.48
N VAL B 368 10.17 -21.54 5.58
CA VAL B 368 10.37 -22.36 4.39
C VAL B 368 9.06 -22.53 3.63
N VAL B 369 7.97 -22.81 4.34
CA VAL B 369 6.69 -23.03 3.68
C VAL B 369 6.17 -21.74 3.05
N SER B 370 6.37 -20.61 3.72
CA SER B 370 5.77 -19.36 3.27
C SER B 370 6.35 -18.84 1.97
N THR B 371 7.55 -19.27 1.57
CA THR B 371 8.23 -18.68 0.42
C THR B 371 8.59 -19.71 -0.65
N ARG B 372 7.91 -20.86 -0.67
CA ARG B 372 8.14 -21.89 -1.71
C ARG B 372 6.78 -22.45 -2.15
N HIS B 373 6.29 -21.93 -3.27
CA HIS B 373 5.03 -22.41 -3.84
C HIS B 373 5.20 -23.74 -4.57
N GLU B 374 6.34 -23.96 -5.21
CA GLU B 374 6.52 -25.12 -6.07
C GLU B 374 6.74 -26.42 -5.31
N MET B 375 6.90 -26.37 -3.99
CA MET B 375 7.17 -27.55 -3.18
C MET B 375 5.94 -28.02 -2.41
N LEU B 376 4.74 -27.67 -2.86
CA LEU B 376 3.52 -28.06 -2.16
C LEU B 376 3.34 -29.57 -2.07
N PRO B 377 3.52 -30.36 -3.13
CA PRO B 377 3.38 -31.82 -2.98
C PRO B 377 4.36 -32.40 -1.96
N GLU B 378 5.61 -31.94 -1.96
CA GLU B 378 6.57 -32.42 -0.97
C GLU B 378 6.16 -31.99 0.43
N PHE B 379 5.66 -30.77 0.57
CA PHE B 379 5.20 -30.30 1.87
C PHE B 379 4.08 -31.19 2.41
N TYR B 380 3.03 -31.40 1.62
CA TYR B 380 1.93 -32.25 2.07
C TYR B 380 2.35 -33.70 2.24
N LYS B 381 3.44 -34.12 1.58
CA LYS B 381 3.92 -35.49 1.77
C LYS B 381 4.67 -35.65 3.09
N THR B 382 5.48 -34.67 3.48
CA THR B 382 6.40 -34.91 4.59
C THR B 382 6.20 -34.01 5.80
N VAL B 383 5.89 -32.73 5.63
CA VAL B 383 5.91 -31.82 6.77
C VAL B 383 4.54 -31.67 7.42
N SER B 384 3.46 -31.86 6.66
CA SER B 384 2.12 -31.74 7.23
C SER B 384 1.85 -32.76 8.33
N PRO B 385 2.14 -34.06 8.17
CA PRO B 385 1.89 -34.99 9.29
C PRO B 385 2.64 -34.64 10.56
N ALA B 386 3.88 -34.16 10.45
CA ALA B 386 4.62 -33.77 11.64
C ALA B 386 3.97 -32.59 12.36
N LEU B 387 3.55 -31.59 11.59
CA LEU B 387 2.88 -30.44 12.19
C LEU B 387 1.57 -30.85 12.84
N ILE B 388 0.83 -31.75 12.21
CA ILE B 388 -0.42 -32.23 12.80
C ILE B 388 -0.14 -32.98 14.10
N SER B 389 0.88 -33.83 14.10
CA SER B 389 1.21 -34.61 15.30
C SER B 389 1.78 -33.75 16.42
N ARG B 390 2.32 -32.58 16.10
CA ARG B 390 2.87 -31.69 17.11
C ARG B 390 1.83 -30.74 17.70
N PHE B 391 0.55 -30.91 17.37
CA PHE B 391 -0.49 -30.08 17.96
C PHE B 391 -0.66 -30.32 19.44
N LYS B 392 -0.11 -31.43 19.97
CA LYS B 392 -0.19 -31.76 21.39
C LYS B 392 1.03 -31.31 22.17
N GLU B 393 1.64 -30.19 21.78
CA GLU B 393 2.82 -29.70 22.48
C GLU B 393 2.49 -29.31 23.91
N ARG B 394 3.41 -29.59 24.83
CA ARG B 394 3.20 -29.27 26.23
C ARG B 394 3.23 -27.77 26.51
N GLU B 395 3.92 -26.99 25.68
CA GLU B 395 4.16 -25.58 25.96
C GLU B 395 3.36 -24.71 24.99
N GLU B 396 2.91 -23.56 25.49
CA GLU B 396 1.96 -22.74 24.75
C GLU B 396 2.61 -22.07 23.54
N ASN B 397 3.81 -21.50 23.72
CA ASN B 397 4.43 -20.75 22.63
C ASN B 397 4.77 -21.63 21.45
N VAL B 398 5.33 -22.81 21.71
CA VAL B 398 5.67 -23.74 20.62
C VAL B 398 4.40 -24.19 19.91
N LYS B 399 3.34 -24.43 20.67
CA LYS B 399 2.07 -24.80 20.06
C LYS B 399 1.55 -23.69 19.15
N ALA B 400 1.64 -22.44 19.60
CA ALA B 400 1.22 -21.32 18.77
C ALA B 400 2.05 -21.22 17.51
N ASP B 401 3.36 -21.45 17.61
CA ASP B 401 4.21 -21.41 16.43
C ASP B 401 3.84 -22.51 15.43
N VAL B 402 3.57 -23.72 15.93
CA VAL B 402 3.15 -24.81 15.05
C VAL B 402 1.84 -24.46 14.36
N PHE B 403 0.89 -23.91 15.13
CA PHE B 403 -0.38 -23.48 14.54
C PHE B 403 -0.15 -22.46 13.45
N HIS B 404 0.69 -21.45 13.71
CA HIS B 404 0.94 -20.41 12.72
C HIS B 404 1.59 -20.97 11.47
N ALA B 405 2.50 -21.93 11.64
CA ALA B 405 3.10 -22.60 10.48
C ALA B 405 2.03 -23.30 9.64
N TYR B 406 1.09 -23.97 10.30
CA TYR B 406 0.09 -24.71 9.52
C TYR B 406 -0.87 -23.74 8.83
N LEU B 407 -1.22 -22.63 9.48
CA LEU B 407 -2.00 -21.60 8.77
C LEU B 407 -1.23 -21.06 7.58
N SER B 408 0.08 -20.86 7.71
CA SER B 408 0.87 -20.40 6.57
C SER B 408 0.79 -21.40 5.42
N LEU B 409 0.90 -22.68 5.73
CA LEU B 409 0.76 -23.71 4.71
C LEU B 409 -0.62 -23.66 4.05
N LEU B 410 -1.67 -23.48 4.86
CA LEU B 410 -3.02 -23.43 4.32
C LEU B 410 -3.21 -22.24 3.38
N LYS B 411 -2.70 -21.08 3.76
CA LYS B 411 -2.79 -19.92 2.87
C LYS B 411 -1.96 -20.11 1.61
N GLN B 412 -0.81 -20.79 1.71
CA GLN B 412 -0.03 -21.07 0.52
C GLN B 412 -0.75 -22.04 -0.41
N THR B 413 -1.58 -22.93 0.16
CA THR B 413 -2.32 -23.89 -0.66
C THR B 413 -3.32 -23.21 -1.59
N ARG B 414 -3.78 -22.01 -1.24
CA ARG B 414 -4.76 -21.28 -2.05
C ARG B 414 -4.27 -21.06 -3.48
N THR B 431 -2.47 -33.16 -6.85
CA THR B 431 -3.16 -31.91 -6.52
C THR B 431 -3.11 -31.64 -5.02
N PRO B 432 -2.65 -30.43 -4.65
CA PRO B 432 -2.59 -30.10 -3.21
C PRO B 432 -3.94 -30.17 -2.53
N LEU B 433 -5.02 -29.79 -3.21
CA LEU B 433 -6.34 -29.82 -2.60
C LEU B 433 -6.77 -31.24 -2.26
N THR B 434 -6.47 -32.20 -3.14
CA THR B 434 -6.82 -33.59 -2.87
C THR B 434 -6.07 -34.12 -1.65
N MET B 435 -4.78 -33.81 -1.55
CA MET B 435 -4.00 -34.26 -0.40
C MET B 435 -4.48 -33.59 0.88
N LEU B 436 -4.86 -32.32 0.81
CA LEU B 436 -5.43 -31.65 1.98
C LEU B 436 -6.74 -32.31 2.40
N GLN B 437 -7.58 -32.66 1.43
CA GLN B 437 -8.83 -33.34 1.75
C GLN B 437 -8.56 -34.70 2.41
N SER B 438 -7.54 -35.41 1.93
CA SER B 438 -7.15 -36.66 2.57
C SER B 438 -6.64 -36.44 3.98
N GLN B 439 -5.95 -35.32 4.22
CA GLN B 439 -5.39 -35.04 5.54
C GLN B 439 -6.42 -34.49 6.52
N VAL B 440 -7.58 -34.03 6.03
CA VAL B 440 -8.57 -33.39 6.90
C VAL B 440 -8.95 -34.25 8.12
N PRO B 441 -9.21 -35.55 8.00
CA PRO B 441 -9.62 -36.31 9.21
C PRO B 441 -8.60 -36.26 10.34
N ASN B 442 -7.31 -36.30 10.02
CA ASN B 442 -6.30 -36.20 11.07
C ASN B 442 -6.33 -34.84 11.73
N ILE B 443 -6.51 -33.77 10.95
CA ILE B 443 -6.61 -32.43 11.51
C ILE B 443 -7.81 -32.34 12.45
N VAL B 444 -8.95 -32.90 12.05
CA VAL B 444 -10.14 -32.84 12.89
C VAL B 444 -9.92 -33.61 14.19
N LYS B 445 -9.32 -34.80 14.08
CA LYS B 445 -9.08 -35.61 15.28
C LYS B 445 -8.11 -34.91 16.22
N ALA B 446 -7.11 -34.21 15.68
CA ALA B 446 -6.17 -33.48 16.53
C ALA B 446 -6.83 -32.27 17.18
N LEU B 447 -7.67 -31.55 16.43
CA LEU B 447 -8.29 -30.34 16.97
C LEU B 447 -9.38 -30.67 17.98
N HIS B 448 -9.97 -31.86 17.90
CA HIS B 448 -11.03 -32.23 18.83
C HIS B 448 -10.51 -32.25 20.27
N LYS B 449 -9.27 -32.70 20.47
CA LYS B 449 -8.70 -32.71 21.81
C LYS B 449 -8.33 -31.32 22.28
N GLN B 450 -7.86 -30.47 21.36
CA GLN B 450 -7.41 -29.14 21.74
C GLN B 450 -8.56 -28.16 21.94
N MET B 451 -9.74 -28.45 21.41
CA MET B 451 -10.89 -27.57 21.63
C MET B 451 -11.47 -27.69 23.03
N LYS B 452 -11.01 -28.63 23.83
CA LYS B 452 -11.43 -28.76 25.22
C LYS B 452 -10.20 -28.55 26.12
N GLU B 453 -9.94 -27.26 26.40
CA GLU B 453 -8.78 -26.88 27.20
C GLU B 453 -9.13 -25.62 27.99
N LYS B 454 -8.35 -25.39 29.05
CA LYS B 454 -8.57 -24.19 29.87
C LYS B 454 -8.04 -22.95 29.17
N SER B 455 -6.95 -23.09 28.41
CA SER B 455 -6.35 -21.95 27.74
C SER B 455 -7.25 -21.42 26.64
N VAL B 456 -7.23 -20.10 26.45
CA VAL B 456 -8.03 -19.48 25.40
C VAL B 456 -7.23 -19.33 24.10
N LYS B 457 -5.90 -19.22 24.19
CA LYS B 457 -5.08 -19.09 22.98
C LYS B 457 -5.17 -20.32 22.11
N THR B 458 -5.15 -21.51 22.72
CA THR B 458 -5.26 -22.75 21.95
C THR B 458 -6.59 -22.82 21.23
N ARG B 459 -7.68 -22.46 21.91
CA ARG B 459 -8.99 -22.49 21.27
C ARG B 459 -9.10 -21.46 20.15
N GLN B 460 -8.50 -20.28 20.35
CA GLN B 460 -8.48 -19.28 19.28
C GLN B 460 -7.73 -19.81 18.07
N CYS B 461 -6.59 -20.47 18.29
CA CYS B 461 -5.83 -21.03 17.17
C CYS B 461 -6.62 -22.13 16.46
N CYS B 462 -7.32 -22.97 17.23
CA CYS B 462 -8.14 -24.02 16.62
C CYS B 462 -9.23 -23.43 15.74
N PHE B 463 -9.92 -22.39 16.24
CA PHE B 463 -10.97 -21.76 15.45
C PHE B 463 -10.40 -21.09 14.22
N ASN B 464 -9.22 -20.46 14.33
CA ASN B 464 -8.61 -19.84 13.16
C ASN B 464 -8.23 -20.87 12.11
N MET B 465 -7.67 -22.01 12.53
CA MET B 465 -7.39 -23.08 11.58
C MET B 465 -8.67 -23.60 10.92
N LEU B 466 -9.73 -23.77 11.70
CA LEU B 466 -10.98 -24.25 11.11
C LEU B 466 -11.51 -23.27 10.07
N THR B 467 -11.47 -21.97 10.39
CA THR B 467 -11.94 -20.96 9.44
C THR B 467 -11.11 -20.98 8.16
N GLU B 468 -9.78 -21.03 8.30
CA GLU B 468 -8.92 -21.03 7.12
C GLU B 468 -9.13 -22.28 6.28
N LEU B 469 -9.27 -23.44 6.94
CA LEU B 469 -9.48 -24.69 6.22
C LEU B 469 -10.79 -24.67 5.44
N VAL B 470 -11.86 -24.16 6.07
CA VAL B 470 -13.14 -24.06 5.36
C VAL B 470 -13.04 -23.05 4.22
N ASN B 471 -12.28 -21.98 4.41
CA ASN B 471 -12.11 -21.00 3.35
C ASN B 471 -11.33 -21.57 2.17
N VAL B 472 -10.40 -22.49 2.41
CA VAL B 472 -9.65 -23.10 1.32
C VAL B 472 -10.49 -24.17 0.62
N LEU B 473 -10.92 -25.19 1.36
CA LEU B 473 -11.81 -26.21 0.82
C LEU B 473 -13.22 -25.91 1.27
N PRO B 474 -14.13 -25.55 0.36
CA PRO B 474 -15.48 -25.15 0.81
C PRO B 474 -16.24 -26.23 1.57
N GLY B 475 -16.17 -27.48 1.11
CA GLY B 475 -16.95 -28.54 1.74
C GLY B 475 -16.13 -29.63 2.40
N ALA B 476 -15.05 -29.23 3.08
CA ALA B 476 -14.14 -30.21 3.65
C ALA B 476 -14.69 -30.89 4.91
N LEU B 477 -15.56 -30.20 5.64
CA LEU B 477 -15.98 -30.63 6.98
C LEU B 477 -17.38 -31.23 6.98
N THR B 478 -17.71 -32.04 5.97
CA THR B 478 -19.05 -32.60 5.87
C THR B 478 -19.27 -33.69 6.92
N GLN B 479 -18.30 -34.57 7.11
CA GLN B 479 -18.48 -35.76 7.94
C GLN B 479 -18.01 -35.57 9.38
N HIS B 480 -17.60 -34.36 9.78
CA HIS B 480 -17.06 -34.14 11.11
C HIS B 480 -17.87 -33.12 11.90
N ILE B 481 -18.99 -32.67 11.37
CA ILE B 481 -19.85 -31.74 12.11
C ILE B 481 -20.30 -32.32 13.44
N PRO B 482 -20.70 -33.59 13.55
CA PRO B 482 -21.12 -34.12 14.87
C PRO B 482 -20.04 -34.01 15.93
N VAL B 483 -18.76 -34.10 15.57
CA VAL B 483 -17.69 -33.97 16.57
C VAL B 483 -17.17 -32.54 16.67
N LEU B 484 -17.51 -31.65 15.74
CA LEU B 484 -17.07 -30.27 15.81
C LEU B 484 -18.05 -29.34 16.52
N VAL B 485 -19.36 -29.56 16.38
CA VAL B 485 -20.34 -28.65 17.01
C VAL B 485 -20.23 -28.63 18.53
N PRO B 486 -20.03 -29.74 19.25
CA PRO B 486 -19.97 -29.63 20.72
C PRO B 486 -18.86 -28.73 21.22
N GLY B 487 -17.72 -28.68 20.54
CA GLY B 487 -16.66 -27.77 20.94
C GLY B 487 -17.05 -26.32 20.81
N ILE B 488 -17.72 -25.97 19.70
CA ILE B 488 -18.20 -24.61 19.52
C ILE B 488 -19.23 -24.25 20.58
N ILE B 489 -20.14 -25.18 20.88
CA ILE B 489 -21.14 -24.92 21.91
C ILE B 489 -20.47 -24.73 23.27
N PHE B 490 -19.47 -25.55 23.57
CA PHE B 490 -18.76 -25.44 24.84
C PHE B 490 -18.05 -24.10 24.95
N SER B 491 -17.40 -23.66 23.88
CA SER B 491 -16.71 -22.37 23.91
C SER B 491 -17.69 -21.20 23.92
N LEU B 492 -18.91 -21.38 23.44
CA LEU B 492 -19.86 -20.27 23.37
C LEU B 492 -20.45 -19.93 24.75
N ASN B 493 -20.70 -20.93 25.58
CA ASN B 493 -21.39 -20.73 26.86
C ASN B 493 -20.48 -21.07 28.04
N ASP B 494 -19.23 -20.65 27.97
CA ASP B 494 -18.27 -20.85 29.05
C ASP B 494 -18.04 -19.52 29.75
N LYS B 495 -18.17 -19.54 31.08
CA LYS B 495 -17.98 -18.31 31.85
C LYS B 495 -16.53 -17.82 31.80
N SER B 496 -15.57 -18.75 31.73
CA SER B 496 -14.16 -18.39 31.66
C SER B 496 -13.70 -18.26 30.21
N SER B 497 -14.41 -17.43 29.45
CA SER B 497 -14.09 -17.18 28.05
C SER B 497 -14.11 -15.69 27.79
N SER B 498 -13.14 -15.22 27.00
CA SER B 498 -13.02 -13.81 26.68
C SER B 498 -13.89 -13.45 25.48
N SER B 499 -13.98 -12.15 25.21
CA SER B 499 -14.75 -11.67 24.07
C SER B 499 -14.15 -12.13 22.76
N ASN B 500 -12.82 -12.12 22.66
CA ASN B 500 -12.16 -12.53 21.42
C ASN B 500 -12.47 -13.98 21.09
N LEU B 501 -12.47 -14.86 22.09
CA LEU B 501 -12.78 -16.26 21.86
C LEU B 501 -14.20 -16.44 21.35
N LYS B 502 -15.15 -15.71 21.94
CA LYS B 502 -16.54 -15.81 21.50
C LYS B 502 -16.70 -15.30 20.07
N ILE B 503 -16.04 -14.18 19.75
CA ILE B 503 -16.12 -13.64 18.39
C ILE B 503 -15.53 -14.62 17.39
N ASP B 504 -14.39 -15.24 17.74
CA ASP B 504 -13.78 -16.22 16.85
C ASP B 504 -14.68 -17.44 16.65
N ALA B 505 -15.30 -17.92 17.73
CA ALA B 505 -16.21 -19.05 17.63
C ALA B 505 -17.41 -18.72 16.74
N LEU B 506 -17.98 -17.52 16.91
CA LEU B 506 -19.11 -17.12 16.08
C LEU B 506 -18.71 -16.98 14.62
N SER B 507 -17.52 -16.43 14.35
CA SER B 507 -17.05 -16.32 12.98
C SER B 507 -16.84 -17.69 12.35
N CYS B 508 -16.26 -18.63 13.11
CA CYS B 508 -16.09 -19.99 12.61
C CYS B 508 -17.43 -20.64 12.32
N LEU B 509 -18.41 -20.45 13.20
CA LEU B 509 -19.75 -21.00 12.97
C LEU B 509 -20.37 -20.41 11.71
N TYR B 510 -20.23 -19.10 11.52
CA TYR B 510 -20.77 -18.45 10.32
C TYR B 510 -20.12 -18.99 9.06
N VAL B 511 -18.80 -19.14 9.07
CA VAL B 511 -18.10 -19.65 7.90
C VAL B 511 -18.51 -21.09 7.59
N ILE B 512 -18.64 -21.91 8.64
CA ILE B 512 -19.06 -23.30 8.45
C ILE B 512 -20.47 -23.36 7.87
N LEU B 513 -21.38 -22.55 8.40
CA LEU B 513 -22.76 -22.58 7.92
C LEU B 513 -22.86 -22.09 6.49
N CYS B 514 -22.05 -21.11 6.11
CA CYS B 514 -22.15 -20.56 4.75
C CYS B 514 -21.69 -21.55 3.69
N ASN B 515 -20.71 -22.39 4.01
CA ASN B 515 -20.05 -23.24 3.02
C ASN B 515 -20.38 -24.71 3.19
N HIS B 516 -21.63 -25.03 3.52
CA HIS B 516 -22.05 -26.42 3.65
C HIS B 516 -23.52 -26.53 3.30
N SER B 517 -23.92 -27.76 2.96
CA SER B 517 -25.31 -28.01 2.63
C SER B 517 -26.19 -27.85 3.87
N PRO B 518 -27.43 -27.35 3.69
CA PRO B 518 -28.30 -27.15 4.86
C PRO B 518 -28.69 -28.45 5.56
N GLN B 519 -28.58 -29.60 4.90
CA GLN B 519 -29.11 -30.83 5.47
C GLN B 519 -28.24 -31.40 6.59
N VAL B 520 -26.97 -31.00 6.67
CA VAL B 520 -26.08 -31.59 7.67
C VAL B 520 -26.26 -30.96 9.04
N PHE B 521 -26.81 -29.74 9.12
CA PHE B 521 -26.99 -29.05 10.39
C PHE B 521 -28.35 -29.31 11.02
N HIS B 522 -29.24 -30.05 10.35
CA HIS B 522 -30.59 -30.23 10.87
C HIS B 522 -30.63 -30.93 12.23
N PRO B 523 -29.90 -32.01 12.48
CA PRO B 523 -29.92 -32.61 13.82
C PRO B 523 -29.35 -31.72 14.91
N HIS B 524 -28.55 -30.71 14.56
CA HIS B 524 -27.84 -29.90 15.54
C HIS B 524 -28.45 -28.52 15.74
N VAL B 525 -29.59 -28.24 15.13
CA VAL B 525 -30.23 -26.94 15.31
C VAL B 525 -30.71 -26.78 16.74
N GLN B 526 -31.24 -27.85 17.33
CA GLN B 526 -31.73 -27.80 18.71
C GLN B 526 -30.62 -27.42 19.68
N ALA B 527 -29.38 -27.85 19.40
CA ALA B 527 -28.25 -27.49 20.25
C ALA B 527 -27.62 -26.15 19.87
N LEU B 528 -27.74 -25.73 18.61
CA LEU B 528 -27.14 -24.48 18.17
C LEU B 528 -27.94 -23.25 18.53
N VAL B 529 -29.28 -23.34 18.52
CA VAL B 529 -30.11 -22.14 18.70
C VAL B 529 -29.93 -21.49 20.07
N PRO B 530 -29.99 -22.21 21.20
CA PRO B 530 -29.96 -21.54 22.51
C PRO B 530 -28.70 -20.73 22.75
N PRO B 531 -27.50 -21.27 22.51
CA PRO B 531 -26.30 -20.44 22.75
C PRO B 531 -26.25 -19.20 21.87
N VAL B 532 -26.68 -19.29 20.62
CA VAL B 532 -26.68 -18.12 19.74
C VAL B 532 -27.67 -17.08 20.24
N VAL B 533 -28.87 -17.53 20.64
CA VAL B 533 -29.86 -16.61 21.17
C VAL B 533 -29.35 -15.92 22.42
N ALA B 534 -28.64 -16.66 23.28
CA ALA B 534 -28.03 -16.05 24.46
C ALA B 534 -26.96 -15.05 24.07
N CYS B 535 -26.19 -15.36 23.02
CA CYS B 535 -25.13 -14.46 22.58
C CYS B 535 -25.69 -13.18 21.98
N VAL B 536 -26.91 -13.22 21.44
CA VAL B 536 -27.52 -12.00 20.92
C VAL B 536 -27.73 -10.97 22.04
N GLY B 537 -28.06 -11.45 23.23
CA GLY B 537 -28.32 -10.59 24.37
C GLY B 537 -27.11 -10.20 25.19
N ASP B 538 -25.91 -10.41 24.68
CA ASP B 538 -24.70 -10.08 25.43
C ASP B 538 -24.56 -8.57 25.54
N PRO B 539 -24.17 -8.03 26.69
CA PRO B 539 -23.99 -6.57 26.78
C PRO B 539 -23.01 -5.99 25.79
N PHE B 540 -21.93 -6.71 25.47
CA PHE B 540 -20.94 -6.20 24.54
C PHE B 540 -21.48 -6.29 23.11
N TYR B 541 -21.41 -5.17 22.38
CA TYR B 541 -22.12 -5.05 21.12
C TYR B 541 -21.47 -5.81 19.97
N LYS B 542 -20.15 -6.02 20.02
CA LYS B 542 -19.49 -6.79 18.97
C LYS B 542 -20.01 -8.22 18.92
N ILE B 543 -20.17 -8.83 20.10
CA ILE B 543 -20.71 -10.18 20.16
C ILE B 543 -22.16 -10.20 19.67
N THR B 544 -22.92 -9.14 19.96
CA THR B 544 -24.28 -9.05 19.45
C THR B 544 -24.30 -8.98 17.93
N SER B 545 -23.40 -8.20 17.34
CA SER B 545 -23.34 -8.10 15.88
C SER B 545 -22.98 -9.45 15.26
N GLU B 546 -21.98 -10.13 15.82
CA GLU B 546 -21.60 -11.44 15.30
C GLU B 546 -22.73 -12.44 15.46
N ALA B 547 -23.45 -12.38 16.59
CA ALA B 547 -24.57 -13.28 16.81
C ALA B 547 -25.69 -13.04 15.80
N LEU B 548 -25.98 -11.78 15.49
CA LEU B 548 -26.99 -11.48 14.48
C LEU B 548 -26.55 -11.99 13.10
N LEU B 549 -25.27 -11.81 12.78
CA LEU B 549 -24.75 -12.32 11.51
C LEU B 549 -24.90 -13.83 11.42
N VAL B 550 -24.63 -14.54 12.52
CA VAL B 550 -24.80 -15.99 12.53
C VAL B 550 -26.28 -16.35 12.45
N THR B 551 -27.14 -15.56 13.11
CA THR B 551 -28.57 -15.85 13.16
C THR B 551 -29.21 -15.74 11.78
N GLN B 552 -28.77 -14.78 10.96
CA GLN B 552 -29.32 -14.67 9.62
C GLN B 552 -29.06 -15.93 8.80
N GLN B 553 -27.82 -16.43 8.84
CA GLN B 553 -27.52 -17.67 8.13
C GLN B 553 -28.23 -18.86 8.73
N LEU B 554 -28.41 -18.87 10.06
CA LEU B 554 -29.17 -19.94 10.69
C LEU B 554 -30.62 -19.94 10.22
N VAL B 555 -31.20 -18.75 10.03
CA VAL B 555 -32.55 -18.64 9.49
C VAL B 555 -32.60 -19.17 8.06
N LYS B 556 -31.58 -18.85 7.26
CA LYS B 556 -31.56 -19.39 5.91
C LYS B 556 -31.44 -20.91 5.91
N VAL B 557 -30.65 -21.47 6.83
CA VAL B 557 -30.44 -22.91 6.90
C VAL B 557 -31.72 -23.61 7.37
N ILE B 558 -32.42 -23.00 8.33
CA ILE B 558 -33.56 -23.68 8.96
C ILE B 558 -34.71 -23.86 7.98
N ARG B 559 -34.82 -23.01 6.96
CA ARG B 559 -35.89 -23.13 5.97
C ARG B 559 -35.40 -22.54 4.66
N PRO B 560 -34.78 -23.35 3.80
CA PRO B 560 -34.38 -22.87 2.49
C PRO B 560 -35.59 -22.61 1.60
N LEU B 561 -35.43 -21.64 0.69
CA LEU B 561 -36.47 -21.32 -0.28
C LEU B 561 -36.13 -21.79 -1.69
N ASP B 562 -35.00 -22.46 -1.88
CA ASP B 562 -34.61 -22.98 -3.18
C ASP B 562 -34.46 -24.50 -3.20
N GLN B 563 -34.63 -25.16 -2.06
CA GLN B 563 -34.52 -26.60 -1.96
C GLN B 563 -35.72 -27.17 -1.21
N PRO B 564 -36.16 -28.38 -1.55
CA PRO B 564 -37.29 -29.01 -0.85
C PRO B 564 -36.89 -29.68 0.47
N SER B 565 -36.77 -28.85 1.52
CA SER B 565 -36.38 -29.35 2.82
C SER B 565 -37.59 -29.90 3.58
N SER B 566 -37.37 -30.98 4.32
CA SER B 566 -38.41 -31.61 5.13
C SER B 566 -38.32 -31.25 6.60
N PHE B 567 -37.43 -30.32 6.96
CA PHE B 567 -37.26 -29.94 8.35
C PHE B 567 -38.46 -29.13 8.85
N ASP B 568 -38.76 -29.28 10.14
CA ASP B 568 -39.82 -28.53 10.80
C ASP B 568 -39.17 -27.40 11.60
N ALA B 569 -39.41 -26.17 11.17
CA ALA B 569 -38.74 -25.00 11.72
C ALA B 569 -39.64 -24.19 12.67
N THR B 570 -40.81 -24.72 13.04
CA THR B 570 -41.75 -23.96 13.85
C THR B 570 -41.23 -23.59 15.24
N PRO B 571 -40.64 -24.49 16.04
CA PRO B 571 -40.36 -24.13 17.44
C PRO B 571 -39.41 -22.97 17.64
N TYR B 572 -38.44 -22.78 16.76
CA TYR B 572 -37.40 -21.78 16.96
C TYR B 572 -37.74 -20.41 16.38
N ILE B 573 -38.85 -20.32 15.64
CA ILE B 573 -39.24 -19.05 15.02
C ILE B 573 -39.48 -17.99 16.09
N LYS B 574 -40.21 -18.35 17.15
CA LYS B 574 -40.49 -17.40 18.21
C LYS B 574 -39.22 -16.94 18.90
N ASP B 575 -38.29 -17.86 19.16
CA ASP B 575 -37.05 -17.49 19.83
C ASP B 575 -36.23 -16.52 18.97
N LEU B 576 -36.07 -16.84 17.69
CA LEU B 576 -35.29 -15.96 16.82
C LEU B 576 -35.94 -14.59 16.68
N PHE B 577 -37.27 -14.56 16.48
CA PHE B 577 -37.95 -13.28 16.35
C PHE B 577 -37.84 -12.45 17.62
N THR B 578 -38.02 -13.08 18.79
CA THR B 578 -37.96 -12.36 20.04
C THR B 578 -36.56 -11.81 20.30
N CYS B 579 -35.53 -12.60 20.01
CA CYS B 579 -34.17 -12.11 20.27
C CYS B 579 -33.78 -11.01 19.30
N THR B 580 -34.26 -11.06 18.06
CA THR B 580 -33.90 -10.00 17.10
C THR B 580 -34.71 -8.72 17.28
N ILE B 581 -35.98 -8.82 17.68
CA ILE B 581 -36.83 -7.64 17.71
C ILE B 581 -36.38 -6.66 18.80
N LYS B 582 -35.90 -7.16 19.94
CA LYS B 582 -35.46 -6.27 21.01
C LYS B 582 -34.27 -5.45 20.56
N ARG B 583 -33.33 -6.05 19.83
CA ARG B 583 -32.24 -5.28 19.25
C ARG B 583 -32.75 -4.33 18.19
N LEU B 584 -33.77 -4.73 17.43
CA LEU B 584 -34.29 -3.85 16.38
C LEU B 584 -34.87 -2.57 16.96
N LYS B 585 -35.66 -2.67 18.04
CA LYS B 585 -36.26 -1.49 18.66
C LYS B 585 -35.43 -1.09 19.88
N ALA B 586 -34.32 -0.41 19.61
CA ALA B 586 -33.40 0.03 20.66
C ALA B 586 -33.28 1.54 20.75
N ALA B 587 -32.98 2.20 19.63
CA ALA B 587 -32.83 3.66 19.50
C ALA B 587 -31.64 4.22 20.27
N ASP B 588 -30.82 3.39 20.89
CA ASP B 588 -29.62 3.87 21.58
C ASP B 588 -28.38 3.04 21.33
N ILE B 589 -28.49 1.87 20.69
CA ILE B 589 -27.37 0.99 20.45
C ILE B 589 -26.49 1.51 19.31
N ASP B 590 -25.32 0.90 19.13
CA ASP B 590 -24.41 1.30 18.07
C ASP B 590 -25.03 1.06 16.69
N GLN B 591 -24.51 1.78 15.70
CA GLN B 591 -25.08 1.74 14.37
C GLN B 591 -24.91 0.36 13.73
N GLU B 592 -23.78 -0.30 13.96
CA GLU B 592 -23.54 -1.61 13.36
C GLU B 592 -24.60 -2.61 13.79
N VAL B 593 -24.94 -2.61 15.09
CA VAL B 593 -25.97 -3.51 15.58
C VAL B 593 -27.33 -3.16 14.97
N LYS B 594 -27.58 -1.85 14.74
CA LYS B 594 -28.82 -1.44 14.10
C LYS B 594 -28.94 -2.02 12.70
N GLU B 595 -27.89 -1.87 11.88
CA GLU B 595 -27.92 -2.39 10.52
C GLU B 595 -28.03 -3.91 10.52
N ARG B 596 -27.29 -4.58 11.41
CA ARG B 596 -27.36 -6.03 11.47
C ARG B 596 -28.74 -6.52 11.88
N ALA B 597 -29.38 -5.82 12.84
CA ALA B 597 -30.73 -6.19 13.24
C ALA B 597 -31.72 -5.99 12.10
N ILE B 598 -31.58 -4.89 11.35
CA ILE B 598 -32.47 -4.65 10.22
C ILE B 598 -32.33 -5.77 9.19
N SER B 599 -31.08 -6.13 8.86
CA SER B 599 -30.85 -7.20 7.89
C SER B 599 -31.39 -8.54 8.38
N CYS B 600 -31.17 -8.86 9.66
CA CYS B 600 -31.64 -10.12 10.21
C CYS B 600 -33.16 -10.19 10.21
N MET B 601 -33.83 -9.09 10.58
CA MET B 601 -35.30 -9.09 10.56
C MET B 601 -35.83 -9.20 9.14
N GLY B 602 -35.17 -8.54 8.18
CA GLY B 602 -35.57 -8.70 6.80
C GLY B 602 -35.47 -10.14 6.33
N GLN B 603 -34.36 -10.81 6.67
CA GLN B 603 -34.20 -12.21 6.29
C GLN B 603 -35.25 -13.08 6.99
N ILE B 604 -35.54 -12.79 8.25
CA ILE B 604 -36.54 -13.57 8.99
C ILE B 604 -37.90 -13.45 8.33
N ILE B 605 -38.31 -12.23 7.98
CA ILE B 605 -39.59 -12.03 7.33
C ILE B 605 -39.61 -12.69 5.96
N CYS B 606 -38.50 -12.60 5.22
CA CYS B 606 -38.46 -13.18 3.88
C CYS B 606 -38.57 -14.70 3.93
N ASN B 607 -37.88 -15.34 4.87
CA ASN B 607 -37.83 -16.80 4.89
C ASN B 607 -39.00 -17.42 5.63
N LEU B 608 -39.25 -17.02 6.87
CA LEU B 608 -40.21 -17.66 7.75
C LEU B 608 -41.34 -16.73 8.17
N GLY B 609 -41.68 -15.77 7.32
CA GLY B 609 -42.69 -14.78 7.67
C GLY B 609 -44.12 -15.26 7.62
N ASP B 610 -44.37 -16.46 7.08
CA ASP B 610 -45.73 -16.97 7.03
C ASP B 610 -46.20 -17.48 8.38
N ASN B 611 -45.28 -17.96 9.23
CA ASN B 611 -45.65 -18.51 10.52
C ASN B 611 -45.72 -17.47 11.63
N LEU B 612 -45.33 -16.22 11.34
CA LEU B 612 -45.46 -15.16 12.32
C LEU B 612 -46.92 -14.77 12.50
N GLY B 613 -47.23 -14.22 13.67
CA GLY B 613 -48.60 -13.87 14.00
C GLY B 613 -48.97 -12.45 13.65
N SER B 614 -49.27 -11.64 14.67
CA SER B 614 -49.70 -10.27 14.48
C SER B 614 -48.56 -9.27 14.58
N ASP B 615 -47.32 -9.74 14.73
CA ASP B 615 -46.17 -8.85 14.87
C ASP B 615 -45.68 -8.29 13.54
N LEU B 616 -46.12 -8.85 12.42
CA LEU B 616 -45.66 -8.38 11.12
C LEU B 616 -46.04 -6.93 10.83
N PRO B 617 -47.27 -6.47 11.05
CA PRO B 617 -47.56 -5.04 10.81
C PRO B 617 -46.71 -4.11 11.66
N ASN B 618 -46.50 -4.43 12.94
CA ASN B 618 -45.67 -3.59 13.79
C ASN B 618 -44.22 -3.59 13.31
N THR B 619 -43.72 -4.75 12.90
CA THR B 619 -42.36 -4.82 12.38
C THR B 619 -42.21 -3.98 11.12
N LEU B 620 -43.22 -4.02 10.24
CA LEU B 620 -43.16 -3.22 9.02
C LEU B 620 -43.28 -1.73 9.32
N GLN B 621 -44.03 -1.36 10.36
CA GLN B 621 -44.06 0.05 10.77
C GLN B 621 -42.69 0.49 11.29
N ILE B 622 -42.01 -0.39 12.04
CA ILE B 622 -40.64 -0.09 12.46
C ILE B 622 -39.74 0.08 11.24
N PHE B 623 -39.94 -0.77 10.23
CA PHE B 623 -39.17 -0.65 8.99
C PHE B 623 -39.40 0.70 8.33
N LEU B 624 -40.65 1.17 8.32
CA LEU B 624 -40.94 2.51 7.82
C LEU B 624 -40.21 3.57 8.63
N GLU B 625 -40.22 3.43 9.96
CA GLU B 625 -39.57 4.41 10.81
C GLU B 625 -38.07 4.47 10.58
N ARG B 626 -37.45 3.32 10.26
CA ARG B 626 -36.02 3.30 9.98
C ARG B 626 -35.68 3.81 8.59
N LEU B 627 -36.67 4.05 7.74
CA LEU B 627 -36.44 4.53 6.38
C LEU B 627 -36.20 6.03 6.31
N LYS B 628 -36.46 6.76 7.38
CA LYS B 628 -36.34 8.22 7.39
C LYS B 628 -35.08 8.70 8.10
N ASN B 629 -34.14 7.80 8.41
CA ASN B 629 -32.90 8.16 9.08
C ASN B 629 -31.73 7.93 8.13
N GLU B 630 -30.77 8.85 8.15
CA GLU B 630 -29.64 8.78 7.23
C GLU B 630 -28.72 7.61 7.54
N ILE B 631 -28.54 7.29 8.82
CA ILE B 631 -27.60 6.24 9.21
C ILE B 631 -28.05 4.88 8.67
N THR B 632 -29.34 4.59 8.77
CA THR B 632 -29.88 3.28 8.40
C THR B 632 -30.83 3.37 7.21
N ARG B 633 -30.43 4.10 6.16
CA ARG B 633 -31.33 4.32 5.03
C ARG B 633 -31.17 3.24 3.97
N LEU B 634 -29.93 2.95 3.56
CA LEU B 634 -29.71 1.98 2.50
C LEU B 634 -30.04 0.56 2.94
N THR B 635 -29.70 0.21 4.19
CA THR B 635 -29.91 -1.15 4.66
C THR B 635 -31.38 -1.53 4.65
N THR B 636 -32.26 -0.63 5.09
CA THR B 636 -33.68 -0.95 5.09
C THR B 636 -34.25 -0.98 3.68
N VAL B 637 -33.69 -0.20 2.75
CA VAL B 637 -34.11 -0.30 1.36
C VAL B 637 -33.78 -1.67 0.80
N LYS B 638 -32.57 -2.16 1.08
CA LYS B 638 -32.19 -3.50 0.63
C LYS B 638 -33.06 -4.57 1.30
N ALA B 639 -33.39 -4.37 2.58
CA ALA B 639 -34.25 -5.32 3.28
C ALA B 639 -35.64 -5.35 2.66
N LEU B 640 -36.19 -4.18 2.30
CA LEU B 640 -37.48 -4.14 1.64
C LEU B 640 -37.44 -4.81 0.27
N THR B 641 -36.34 -4.61 -0.47
CA THR B 641 -36.18 -5.30 -1.74
C THR B 641 -36.16 -6.81 -1.55
N LEU B 642 -35.45 -7.28 -0.51
CA LEU B 642 -35.41 -8.71 -0.23
C LEU B 642 -36.78 -9.25 0.14
N ILE B 643 -37.53 -8.50 0.96
CA ILE B 643 -38.83 -8.97 1.42
C ILE B 643 -39.84 -9.02 0.26
N ALA B 644 -39.81 -8.00 -0.61
CA ALA B 644 -40.80 -7.92 -1.68
C ALA B 644 -40.68 -9.11 -2.64
N GLY B 645 -39.46 -9.49 -3.01
CA GLY B 645 -39.25 -10.58 -3.93
C GLY B 645 -39.07 -11.92 -3.28
N SER B 646 -40.10 -12.42 -2.60
CA SER B 646 -40.04 -13.69 -1.89
C SER B 646 -41.15 -14.60 -2.36
N PRO B 647 -40.89 -15.91 -2.43
CA PRO B 647 -41.97 -16.85 -2.75
C PRO B 647 -43.13 -16.78 -1.78
N LEU B 648 -42.84 -16.57 -0.51
CA LEU B 648 -43.87 -16.27 0.49
C LEU B 648 -44.41 -14.87 0.22
N LYS B 649 -45.64 -14.79 -0.28
CA LYS B 649 -46.20 -13.51 -0.69
C LYS B 649 -46.57 -12.66 0.52
N ILE B 650 -45.59 -11.94 1.07
CA ILE B 650 -45.84 -11.09 2.23
C ILE B 650 -46.66 -9.88 1.80
N ASP B 651 -47.52 -9.42 2.71
CA ASP B 651 -48.41 -8.30 2.46
C ASP B 651 -47.72 -7.00 2.89
N LEU B 652 -47.12 -6.31 1.92
CA LEU B 652 -46.48 -5.03 2.16
C LEU B 652 -47.40 -3.85 1.86
N ARG B 653 -48.67 -4.12 1.59
CA ARG B 653 -49.59 -3.06 1.18
C ARG B 653 -49.77 -1.95 2.21
N PRO B 654 -49.93 -2.23 3.51
CA PRO B 654 -50.03 -1.11 4.48
C PRO B 654 -48.82 -0.21 4.48
N VAL B 655 -47.65 -0.72 4.11
CA VAL B 655 -46.43 0.09 4.05
C VAL B 655 -46.30 0.84 2.73
N LEU B 656 -46.87 0.29 1.65
CA LEU B 656 -46.55 0.76 0.30
C LEU B 656 -46.97 2.22 0.10
N GLY B 657 -48.16 2.58 0.58
CA GLY B 657 -48.70 3.90 0.31
C GLY B 657 -47.86 5.01 0.90
N GLU B 658 -47.40 4.84 2.13
CA GLU B 658 -46.55 5.83 2.78
C GLU B 658 -45.08 5.61 2.48
N GLY B 659 -44.71 4.51 1.84
CA GLY B 659 -43.33 4.22 1.56
C GLY B 659 -42.86 4.65 0.18
N VAL B 660 -43.74 4.59 -0.81
CA VAL B 660 -43.38 4.99 -2.16
C VAL B 660 -42.94 6.45 -2.25
N PRO B 661 -43.65 7.42 -1.64
CA PRO B 661 -43.16 8.81 -1.72
C PRO B 661 -41.76 9.01 -1.15
N ILE B 662 -41.43 8.33 -0.05
CA ILE B 662 -40.10 8.48 0.54
C ILE B 662 -39.03 7.93 -0.42
N LEU B 663 -39.28 6.77 -1.01
CA LEU B 663 -38.34 6.20 -1.96
C LEU B 663 -38.18 7.10 -3.18
N ALA B 664 -39.27 7.72 -3.62
CA ALA B 664 -39.17 8.68 -4.71
C ALA B 664 -38.33 9.89 -4.30
N SER B 665 -38.49 10.34 -3.05
CA SER B 665 -37.69 11.46 -2.56
C SER B 665 -36.22 11.09 -2.47
N PHE B 666 -35.89 9.81 -2.29
CA PHE B 666 -34.49 9.41 -2.26
C PHE B 666 -33.76 9.64 -3.58
N LEU B 667 -34.50 9.79 -4.68
CA LEU B 667 -33.88 9.90 -6.00
C LEU B 667 -33.14 11.21 -6.21
N ARG B 668 -33.29 12.19 -5.32
CA ARG B 668 -32.63 13.47 -5.44
C ARG B 668 -31.49 13.66 -4.45
N LYS B 669 -31.04 12.57 -3.81
CA LYS B 669 -30.07 12.64 -2.72
C LYS B 669 -28.64 12.41 -3.18
N ASN B 670 -28.33 12.75 -4.45
CA ASN B 670 -27.00 12.79 -5.06
C ASN B 670 -26.05 11.70 -4.55
N GLN B 671 -26.57 10.48 -4.41
CA GLN B 671 -25.77 9.33 -4.02
C GLN B 671 -26.11 8.17 -4.94
N ARG B 672 -25.07 7.57 -5.54
CA ARG B 672 -25.29 6.58 -6.59
C ARG B 672 -25.89 5.30 -6.05
N ALA B 673 -25.33 4.77 -4.96
CA ALA B 673 -25.79 3.51 -4.41
C ALA B 673 -27.24 3.61 -3.95
N LEU B 674 -27.59 4.71 -3.28
CA LEU B 674 -28.97 4.90 -2.85
C LEU B 674 -29.91 4.97 -4.06
N LYS B 675 -29.50 5.66 -5.12
CA LYS B 675 -30.33 5.74 -6.32
C LYS B 675 -30.58 4.36 -6.91
N LEU B 676 -29.51 3.57 -7.07
CA LEU B 676 -29.68 2.23 -7.64
C LEU B 676 -30.56 1.35 -6.76
N GLY B 677 -30.33 1.39 -5.45
CA GLY B 677 -31.12 0.57 -4.54
C GLY B 677 -32.59 0.94 -4.55
N THR B 678 -32.89 2.24 -4.51
CA THR B 678 -34.28 2.66 -4.50
C THR B 678 -34.94 2.40 -5.85
N LEU B 679 -34.21 2.49 -6.95
CA LEU B 679 -34.78 2.14 -8.24
C LEU B 679 -35.13 0.66 -8.30
N SER B 680 -34.25 -0.20 -7.80
CA SER B 680 -34.55 -1.64 -7.76
C SER B 680 -35.75 -1.93 -6.85
N ALA B 681 -35.81 -1.27 -5.70
CA ALA B 681 -36.92 -1.47 -4.78
C ALA B 681 -38.23 -1.03 -5.41
N LEU B 682 -38.24 0.12 -6.08
CA LEU B 682 -39.44 0.59 -6.76
C LEU B 682 -39.86 -0.38 -7.86
N ASP B 683 -38.89 -0.88 -8.63
CA ASP B 683 -39.21 -1.83 -9.69
C ASP B 683 -39.89 -3.07 -9.12
N ILE B 684 -39.31 -3.65 -8.07
CA ILE B 684 -39.86 -4.90 -7.54
C ILE B 684 -41.22 -4.65 -6.88
N LEU B 685 -41.37 -3.53 -6.17
CA LEU B 685 -42.65 -3.22 -5.53
C LEU B 685 -43.75 -2.99 -6.56
N ILE B 686 -43.43 -2.27 -7.64
CA ILE B 686 -44.41 -2.06 -8.71
C ILE B 686 -44.79 -3.39 -9.36
N LYS B 687 -43.79 -4.24 -9.62
CA LYS B 687 -44.06 -5.50 -10.28
C LYS B 687 -44.93 -6.42 -9.44
N ASN B 688 -44.68 -6.49 -8.13
CA ASN B 688 -45.34 -7.50 -7.31
C ASN B 688 -46.62 -7.01 -6.63
N TYR B 689 -46.81 -5.71 -6.46
CA TYR B 689 -47.95 -5.17 -5.71
C TYR B 689 -48.69 -4.12 -6.54
N SER B 690 -49.05 -4.48 -7.77
CA SER B 690 -49.73 -3.54 -8.65
C SER B 690 -51.20 -3.39 -8.34
N ASP B 691 -51.78 -4.28 -7.54
CA ASP B 691 -53.21 -4.18 -7.22
C ASP B 691 -53.52 -2.95 -6.38
N SER B 692 -52.61 -2.55 -5.50
CA SER B 692 -52.81 -1.42 -4.60
C SER B 692 -52.06 -0.18 -5.06
N LEU B 693 -52.01 0.05 -6.38
CA LEU B 693 -51.32 1.20 -6.93
C LEU B 693 -52.24 2.41 -6.96
N THR B 694 -51.68 3.59 -6.74
CA THR B 694 -52.42 4.84 -6.71
C THR B 694 -51.75 5.85 -7.61
N ALA B 695 -52.56 6.63 -8.35
CA ALA B 695 -52.01 7.58 -9.31
C ALA B 695 -51.15 8.64 -8.65
N ALA B 696 -51.45 8.99 -7.40
CA ALA B 696 -50.70 10.06 -6.74
C ALA B 696 -49.23 9.69 -6.56
N MET B 697 -48.97 8.49 -6.03
CA MET B 697 -47.58 8.09 -5.81
C MET B 697 -46.88 7.72 -7.11
N ILE B 698 -47.63 7.27 -8.12
CA ILE B 698 -47.04 7.05 -9.44
C ILE B 698 -46.58 8.39 -10.02
N ASP B 699 -47.39 9.44 -9.88
CA ASP B 699 -46.97 10.76 -10.31
C ASP B 699 -45.77 11.24 -9.51
N ALA B 700 -45.77 10.96 -8.20
CA ALA B 700 -44.66 11.39 -7.36
C ALA B 700 -43.35 10.76 -7.82
N VAL B 701 -43.37 9.45 -8.13
CA VAL B 701 -42.15 8.80 -8.58
C VAL B 701 -41.78 9.25 -10.00
N LEU B 702 -42.78 9.52 -10.85
CA LEU B 702 -42.51 9.98 -12.21
C LEU B 702 -41.93 11.39 -12.23
N ASP B 703 -42.16 12.18 -11.19
CA ASP B 703 -41.71 13.57 -11.19
C ASP B 703 -40.20 13.73 -11.13
N GLU B 704 -39.45 12.72 -10.66
CA GLU B 704 -38.02 12.84 -10.48
C GLU B 704 -37.19 12.06 -11.49
N LEU B 705 -37.83 11.33 -12.40
CA LEU B 705 -37.08 10.58 -13.40
C LEU B 705 -36.29 11.43 -14.38
N PRO B 706 -36.80 12.54 -14.93
CA PRO B 706 -36.09 13.21 -16.04
C PRO B 706 -34.64 13.56 -15.72
N PRO B 707 -34.32 14.01 -14.50
CA PRO B 707 -32.89 14.24 -14.20
C PRO B 707 -32.04 12.98 -14.25
N LEU B 708 -32.64 11.80 -14.14
CA LEU B 708 -31.87 10.56 -14.11
C LEU B 708 -31.55 10.01 -15.49
N ILE B 709 -32.38 10.28 -16.49
CA ILE B 709 -32.13 9.79 -17.84
C ILE B 709 -31.16 10.74 -18.54
N SER B 710 -29.87 10.45 -18.44
CA SER B 710 -28.85 11.30 -19.03
C SER B 710 -27.68 10.43 -19.47
N GLU B 711 -26.87 10.98 -20.37
CA GLU B 711 -25.71 10.26 -20.88
C GLU B 711 -24.51 10.31 -19.95
N SER B 712 -24.57 11.12 -18.89
CA SER B 712 -23.48 11.15 -17.92
C SER B 712 -23.35 9.83 -17.18
N ASP B 713 -24.49 9.24 -16.78
CA ASP B 713 -24.51 7.94 -16.13
C ASP B 713 -25.49 7.05 -16.89
N MET B 714 -25.01 5.89 -17.33
CA MET B 714 -25.83 4.99 -18.13
C MET B 714 -26.50 3.89 -17.32
N HIS B 715 -25.91 3.48 -16.20
CA HIS B 715 -26.54 2.47 -15.37
C HIS B 715 -27.84 2.97 -14.77
N VAL B 716 -27.85 4.21 -14.26
CA VAL B 716 -29.07 4.78 -13.70
C VAL B 716 -30.12 4.96 -14.79
N SER B 717 -29.68 5.34 -15.99
CA SER B 717 -30.61 5.47 -17.11
C SER B 717 -31.23 4.11 -17.46
N GLN B 718 -30.42 3.06 -17.45
CA GLN B 718 -30.95 1.72 -17.72
C GLN B 718 -31.96 1.30 -16.66
N MET B 719 -31.66 1.59 -15.39
CA MET B 719 -32.61 1.26 -14.33
C MET B 719 -33.91 2.03 -14.48
N ALA B 720 -33.83 3.32 -14.85
CA ALA B 720 -35.03 4.11 -15.05
C ALA B 720 -35.85 3.59 -16.22
N ILE B 721 -35.19 3.21 -17.31
CA ILE B 721 -35.91 2.68 -18.47
C ILE B 721 -36.57 1.34 -18.12
N SER B 722 -35.89 0.51 -17.33
CA SER B 722 -36.50 -0.74 -16.89
C SER B 722 -37.72 -0.50 -16.01
N PHE B 723 -37.64 0.49 -15.12
CA PHE B 723 -38.79 0.85 -14.31
C PHE B 723 -39.95 1.32 -15.17
N LEU B 724 -39.67 2.14 -16.18
CA LEU B 724 -40.72 2.59 -17.08
C LEU B 724 -41.34 1.43 -17.86
N THR B 725 -40.51 0.48 -18.29
CA THR B 725 -41.03 -0.69 -18.99
C THR B 725 -41.95 -1.50 -18.08
N THR B 726 -41.54 -1.72 -16.83
CA THR B 726 -42.39 -2.45 -15.89
C THR B 726 -43.70 -1.70 -15.65
N LEU B 727 -43.63 -0.37 -15.51
CA LEU B 727 -44.84 0.42 -15.32
C LEU B 727 -45.78 0.30 -16.51
N ALA B 728 -45.23 0.33 -17.72
CA ALA B 728 -46.06 0.16 -18.92
C ALA B 728 -46.64 -1.23 -19.00
N LYS B 729 -45.94 -2.23 -18.48
CA LYS B 729 -46.44 -3.60 -18.53
C LYS B 729 -47.54 -3.85 -17.49
N VAL B 730 -47.47 -3.21 -16.32
CA VAL B 730 -48.40 -3.52 -15.25
C VAL B 730 -49.41 -2.41 -15.00
N TYR B 731 -49.08 -1.15 -15.28
CA TYR B 731 -49.97 -0.01 -15.02
C TYR B 731 -50.02 0.86 -16.26
N PRO B 732 -50.70 0.41 -17.33
CA PRO B 732 -50.69 1.16 -18.59
C PRO B 732 -51.47 2.45 -18.56
N SER B 733 -52.28 2.69 -17.53
CA SER B 733 -53.12 3.88 -17.48
C SER B 733 -52.36 5.13 -17.06
N SER B 734 -51.10 5.01 -16.65
CA SER B 734 -50.32 6.15 -16.18
C SER B 734 -49.27 6.60 -17.19
N LEU B 735 -49.30 6.10 -18.42
CA LEU B 735 -48.32 6.48 -19.42
C LEU B 735 -48.67 7.78 -20.14
N SER B 736 -49.81 8.39 -19.83
CA SER B 736 -50.13 9.69 -20.40
C SER B 736 -49.29 10.80 -19.81
N LYS B 737 -48.54 10.53 -18.74
CA LYS B 737 -47.76 11.53 -18.03
C LYS B 737 -46.29 11.52 -18.42
N ILE B 738 -45.91 10.76 -19.43
CA ILE B 738 -44.53 10.71 -19.90
C ILE B 738 -44.37 11.43 -21.24
N SER B 739 -45.37 12.21 -21.64
CA SER B 739 -45.35 12.93 -22.91
C SER B 739 -44.61 14.25 -22.83
N GLY B 740 -44.08 14.61 -21.67
CA GLY B 740 -43.37 15.87 -21.52
C GLY B 740 -41.87 15.72 -21.51
N SER B 741 -41.27 15.79 -20.33
CA SER B 741 -39.81 15.77 -20.22
C SER B 741 -39.22 14.37 -20.40
N ILE B 742 -39.92 13.34 -19.93
CA ILE B 742 -39.36 11.98 -19.95
C ILE B 742 -39.13 11.52 -21.38
N LEU B 743 -40.12 11.72 -22.26
CA LEU B 743 -39.98 11.27 -23.64
C LEU B 743 -38.89 12.06 -24.36
N ASN B 744 -38.81 13.37 -24.10
CA ASN B 744 -37.76 14.17 -24.71
C ASN B 744 -36.38 13.70 -24.27
N GLU B 745 -36.22 13.40 -22.98
CA GLU B 745 -34.95 12.90 -22.49
C GLU B 745 -34.59 11.56 -23.12
N LEU B 746 -35.58 10.67 -23.26
CA LEU B 746 -35.31 9.38 -23.90
C LEU B 746 -34.89 9.56 -25.35
N ILE B 747 -35.59 10.43 -26.09
CA ILE B 747 -35.24 10.66 -27.49
C ILE B 747 -33.85 11.26 -27.61
N GLY B 748 -33.51 12.20 -26.73
CA GLY B 748 -32.17 12.76 -26.74
C GLY B 748 -31.11 11.74 -26.41
N LEU B 749 -31.43 10.81 -25.49
CA LEU B 749 -30.49 9.73 -25.18
C LEU B 749 -30.32 8.77 -26.35
N VAL B 750 -31.35 8.64 -27.20
CA VAL B 750 -31.24 7.78 -28.37
C VAL B 750 -30.13 8.26 -29.30
N ARG B 751 -29.99 9.58 -29.45
CA ARG B 751 -28.98 10.14 -30.34
C ARG B 751 -27.60 10.26 -29.70
N SER B 752 -27.45 9.87 -28.44
CA SER B 752 -26.15 9.96 -27.79
C SER B 752 -25.17 8.98 -28.42
N PRO B 753 -23.90 9.37 -28.61
CA PRO B 753 -22.92 8.45 -29.16
C PRO B 753 -22.45 7.38 -28.19
N LEU B 754 -22.86 7.47 -26.91
CA LEU B 754 -22.40 6.55 -25.88
C LEU B 754 -23.40 5.44 -25.60
N LEU B 755 -24.46 5.33 -26.39
CA LEU B 755 -25.50 4.33 -26.14
C LEU B 755 -25.01 2.97 -26.62
N GLN B 756 -24.96 2.00 -25.71
CA GLN B 756 -24.49 0.66 -26.05
C GLN B 756 -24.95 -0.32 -24.97
N GLY B 757 -24.91 -1.60 -25.32
CA GLY B 757 -25.11 -2.65 -24.32
C GLY B 757 -26.50 -2.65 -23.74
N GLY B 758 -26.56 -2.66 -22.41
CA GLY B 758 -27.84 -2.81 -21.72
C GLY B 758 -28.80 -1.67 -21.95
N ALA B 759 -28.29 -0.44 -22.07
CA ALA B 759 -29.16 0.71 -22.27
C ALA B 759 -29.93 0.60 -23.59
N LEU B 760 -29.26 0.17 -24.66
CA LEU B 760 -29.93 0.03 -25.95
C LEU B 760 -31.04 -1.02 -25.88
N SER B 761 -30.75 -2.18 -25.26
CA SER B 761 -31.76 -3.22 -25.13
C SER B 761 -32.94 -2.74 -24.29
N ALA B 762 -32.66 -2.02 -23.20
CA ALA B 762 -33.73 -1.50 -22.37
C ALA B 762 -34.59 -0.50 -23.14
N MET B 763 -33.96 0.37 -23.94
CA MET B 763 -34.71 1.31 -24.75
C MET B 763 -35.60 0.61 -25.76
N LEU B 764 -35.06 -0.42 -26.43
CA LEU B 764 -35.87 -1.17 -27.39
C LEU B 764 -37.05 -1.86 -26.71
N ASP B 765 -36.81 -2.47 -25.55
CA ASP B 765 -37.90 -3.13 -24.83
C ASP B 765 -38.95 -2.13 -24.39
N PHE B 766 -38.53 -0.96 -23.92
CA PHE B 766 -39.48 0.07 -23.51
C PHE B 766 -40.33 0.53 -24.68
N PHE B 767 -39.70 0.75 -25.84
CA PHE B 767 -40.47 1.15 -27.01
C PHE B 767 -41.47 0.09 -27.43
N GLN B 768 -41.04 -1.18 -27.44
CA GLN B 768 -41.94 -2.27 -27.81
C GLN B 768 -43.11 -2.36 -26.85
N ALA B 769 -42.86 -2.19 -25.54
CA ALA B 769 -43.94 -2.24 -24.56
C ALA B 769 -44.86 -1.04 -24.71
N LEU B 770 -44.31 0.14 -25.00
CA LEU B 770 -45.12 1.35 -25.09
C LEU B 770 -46.05 1.34 -26.30
N VAL B 771 -45.59 0.76 -27.43
CA VAL B 771 -46.40 0.79 -28.64
C VAL B 771 -47.71 0.04 -28.44
N VAL B 772 -47.66 -1.13 -27.80
CA VAL B 772 -48.83 -2.00 -27.72
C VAL B 772 -49.92 -1.44 -26.81
N THR B 773 -49.58 -0.53 -25.89
CA THR B 773 -50.56 -0.05 -24.92
C THR B 773 -51.72 0.67 -25.61
N GLY B 774 -51.41 1.61 -26.49
CA GLY B 774 -52.43 2.33 -27.21
C GLY B 774 -52.79 3.70 -26.67
N THR B 775 -51.93 4.30 -25.85
CA THR B 775 -52.21 5.63 -25.34
C THR B 775 -52.17 6.66 -26.46
N ASN B 776 -52.93 7.73 -26.28
CA ASN B 776 -53.00 8.76 -27.32
C ASN B 776 -51.70 9.54 -27.41
N ASN B 777 -51.47 10.12 -28.59
CA ASN B 777 -50.26 10.87 -28.93
C ASN B 777 -48.99 10.03 -28.81
N LEU B 778 -49.11 8.72 -28.65
CA LEU B 778 -47.98 7.82 -28.51
C LEU B 778 -48.18 6.57 -29.35
N GLY B 779 -48.69 6.73 -30.57
CA GLY B 779 -48.89 5.62 -31.47
C GLY B 779 -47.62 5.28 -32.24
N TYR B 780 -47.78 4.39 -33.21
CA TYR B 780 -46.65 4.00 -34.05
C TYR B 780 -46.15 5.18 -34.87
N MET B 781 -47.07 5.91 -35.51
CA MET B 781 -46.68 7.00 -36.38
C MET B 781 -46.09 8.16 -35.58
N ASP B 782 -46.66 8.46 -34.41
CA ASP B 782 -46.13 9.55 -33.60
C ASP B 782 -44.72 9.27 -33.15
N LEU B 783 -44.47 8.04 -32.66
CA LEU B 783 -43.13 7.68 -32.23
C LEU B 783 -42.16 7.65 -33.42
N LEU B 784 -42.63 7.17 -34.56
CA LEU B 784 -41.78 7.14 -35.75
C LEU B 784 -41.37 8.55 -36.18
N ARG B 785 -42.33 9.48 -36.18
CA ARG B 785 -41.98 10.86 -36.53
C ARG B 785 -41.06 11.48 -35.51
N MET B 786 -41.30 11.25 -34.21
CA MET B 786 -40.40 11.81 -33.21
C MET B 786 -39.00 11.24 -33.32
N LEU B 787 -38.87 9.99 -33.76
CA LEU B 787 -37.55 9.40 -33.94
C LEU B 787 -36.85 9.93 -35.20
N THR B 788 -37.58 10.08 -36.30
CA THR B 788 -36.97 10.37 -37.60
C THR B 788 -37.14 11.82 -38.03
N GLY B 789 -37.60 12.71 -37.16
CA GLY B 789 -37.77 14.10 -37.50
C GLY B 789 -36.50 14.89 -37.76
N PRO B 790 -35.51 14.78 -36.86
CA PRO B 790 -34.27 15.55 -37.07
C PRO B 790 -33.57 15.25 -38.38
N VAL B 791 -33.60 13.99 -38.84
CA VAL B 791 -32.91 13.64 -40.07
C VAL B 791 -33.61 14.27 -41.27
N TYR B 792 -34.93 14.20 -41.32
CA TYR B 792 -35.67 14.70 -42.47
C TYR B 792 -35.77 16.23 -42.48
N SER B 793 -35.84 16.86 -41.30
CA SER B 793 -35.99 18.31 -41.25
C SER B 793 -34.73 19.01 -41.74
N GLN B 794 -33.57 18.60 -41.26
CA GLN B 794 -32.31 19.22 -41.66
C GLN B 794 -31.91 18.79 -43.07
N LEU B 798 -27.80 15.36 -37.43
CA LEU B 798 -27.02 14.23 -36.92
C LEU B 798 -25.55 14.37 -37.29
N THR B 799 -24.69 14.42 -36.28
CA THR B 799 -23.26 14.63 -36.47
C THR B 799 -22.42 13.39 -36.15
N HIS B 800 -23.05 12.32 -35.69
CA HIS B 800 -22.33 11.08 -35.38
C HIS B 800 -22.99 9.91 -36.09
N LYS B 801 -22.17 8.92 -36.44
CA LYS B 801 -22.66 7.76 -37.17
C LYS B 801 -23.46 6.81 -36.29
N GLN B 802 -23.13 6.73 -35.00
CA GLN B 802 -23.83 5.81 -34.11
C GLN B 802 -25.29 6.18 -33.95
N SER B 803 -25.62 7.46 -34.10
CA SER B 803 -27.00 7.91 -33.96
C SER B 803 -27.90 7.27 -35.03
N TYR B 804 -27.39 7.16 -36.26
CA TYR B 804 -28.17 6.51 -37.31
C TYR B 804 -28.46 5.06 -36.97
N TYR B 805 -27.47 4.34 -36.47
CA TYR B 805 -27.67 2.94 -36.09
C TYR B 805 -28.68 2.81 -34.95
N SER B 806 -28.58 3.67 -33.94
CA SER B 806 -29.52 3.62 -32.84
C SER B 806 -30.95 3.91 -33.29
N ILE B 807 -31.11 4.93 -34.15
CA ILE B 807 -32.44 5.27 -34.65
C ILE B 807 -33.00 4.14 -35.50
N ALA B 808 -32.15 3.52 -36.32
CA ALA B 808 -32.60 2.39 -37.13
C ALA B 808 -33.04 1.23 -36.27
N LYS B 809 -32.28 0.93 -35.21
CA LYS B 809 -32.66 -0.15 -34.31
C LYS B 809 -33.99 0.14 -33.62
N CYS B 810 -34.19 1.38 -33.16
CA CYS B 810 -35.45 1.74 -32.53
C CYS B 810 -36.61 1.63 -33.51
N VAL B 811 -36.41 2.08 -34.75
CA VAL B 811 -37.45 1.98 -35.76
C VAL B 811 -37.80 0.52 -36.04
N ALA B 812 -36.78 -0.33 -36.14
CA ALA B 812 -37.03 -1.76 -36.35
C ALA B 812 -37.81 -2.37 -35.19
N ALA B 813 -37.46 -1.98 -33.95
CA ALA B 813 -38.19 -2.47 -32.79
C ALA B 813 -39.65 -2.04 -32.85
N LEU B 814 -39.90 -0.77 -33.18
CA LEU B 814 -41.28 -0.30 -33.31
C LEU B 814 -42.03 -1.08 -34.39
N THR B 815 -41.38 -1.31 -35.53
CA THR B 815 -42.03 -2.01 -36.64
C THR B 815 -42.38 -3.45 -36.25
N ARG B 816 -41.45 -4.14 -35.59
CA ARG B 816 -41.74 -5.52 -35.20
C ARG B 816 -42.69 -5.59 -34.02
N ALA B 817 -42.90 -4.48 -33.29
CA ALA B 817 -43.93 -4.47 -32.25
C ALA B 817 -45.32 -4.60 -32.85
N CYS B 818 -45.60 -3.84 -33.91
CA CYS B 818 -46.90 -3.88 -34.59
C CYS B 818 -46.69 -4.21 -36.07
N PRO B 819 -46.81 -5.49 -36.46
CA PRO B 819 -46.46 -5.88 -37.84
C PRO B 819 -47.46 -5.41 -38.89
N LYS B 820 -48.66 -4.98 -38.51
CA LYS B 820 -49.68 -4.63 -39.49
C LYS B 820 -49.34 -3.37 -40.28
N GLU B 821 -48.50 -2.50 -39.73
CA GLU B 821 -48.12 -1.25 -40.39
C GLU B 821 -46.74 -1.32 -41.02
N GLY B 822 -46.11 -2.48 -41.05
CA GLY B 822 -44.78 -2.65 -41.59
C GLY B 822 -44.62 -2.40 -43.08
N PRO B 823 -45.52 -2.97 -43.90
CA PRO B 823 -45.37 -2.78 -45.36
C PRO B 823 -45.39 -1.33 -45.81
N ALA B 824 -46.25 -0.50 -45.24
CA ALA B 824 -46.30 0.90 -45.66
C ALA B 824 -45.00 1.62 -45.35
N VAL B 825 -44.46 1.40 -44.14
CA VAL B 825 -43.20 2.04 -43.77
C VAL B 825 -42.05 1.53 -44.65
N VAL B 826 -42.04 0.23 -44.94
CA VAL B 826 -41.00 -0.34 -45.80
C VAL B 826 -41.07 0.27 -47.19
N GLY B 827 -42.28 0.39 -47.74
CA GLY B 827 -42.43 1.00 -49.05
C GLY B 827 -42.00 2.46 -49.07
N GLN B 828 -42.35 3.20 -48.01
CA GLN B 828 -41.92 4.59 -47.93
C GLN B 828 -40.40 4.71 -47.86
N PHE B 829 -39.76 3.82 -47.10
CA PHE B 829 -38.30 3.84 -47.04
C PHE B 829 -37.69 3.51 -48.40
N ILE B 830 -38.26 2.54 -49.12
CA ILE B 830 -37.77 2.19 -50.44
C ILE B 830 -37.91 3.38 -51.39
N GLN B 831 -39.04 4.08 -51.34
CA GLN B 831 -39.22 5.26 -52.17
C GLN B 831 -38.22 6.35 -51.79
N ASP B 832 -37.96 6.53 -50.50
CA ASP B 832 -37.02 7.55 -50.06
C ASP B 832 -35.61 7.27 -50.53
N VAL B 833 -35.17 6.01 -50.47
CA VAL B 833 -33.82 5.70 -50.92
C VAL B 833 -33.75 5.73 -52.45
N LYS B 834 -34.87 5.42 -53.12
CA LYS B 834 -34.88 5.47 -54.58
C LYS B 834 -34.95 6.90 -55.11
N ASN B 835 -35.61 7.80 -54.39
CA ASN B 835 -35.79 9.16 -54.86
C ASN B 835 -34.44 9.86 -55.03
N SER B 836 -34.33 10.67 -56.08
CA SER B 836 -33.12 11.42 -56.36
C SER B 836 -33.09 12.79 -55.73
N ARG B 837 -34.21 13.26 -55.19
CA ARG B 837 -34.26 14.56 -54.51
C ARG B 837 -33.90 14.48 -53.05
N SER B 838 -33.76 13.27 -52.49
CA SER B 838 -33.45 13.12 -51.08
C SER B 838 -31.95 13.29 -50.84
N THR B 839 -31.61 13.80 -49.67
CA THR B 839 -30.22 14.03 -49.30
C THR B 839 -29.55 12.72 -48.91
N ASP B 840 -28.25 12.80 -48.62
CA ASP B 840 -27.50 11.61 -48.23
C ASP B 840 -27.91 11.12 -46.84
N SER B 841 -28.32 12.03 -45.96
CA SER B 841 -28.73 11.63 -44.62
C SER B 841 -29.99 10.77 -44.66
N ILE B 842 -30.93 11.10 -45.54
CA ILE B 842 -32.16 10.33 -45.64
C ILE B 842 -31.87 8.93 -46.17
N ARG B 843 -31.02 8.82 -47.19
CA ARG B 843 -30.70 7.52 -47.76
C ARG B 843 -30.00 6.63 -46.77
N LEU B 844 -29.07 7.19 -45.98
CA LEU B 844 -28.36 6.42 -44.96
C LEU B 844 -29.34 5.82 -43.96
N LEU B 845 -30.22 6.64 -43.39
CA LEU B 845 -31.18 6.16 -42.40
C LEU B 845 -32.15 5.17 -43.01
N ALA B 846 -32.59 5.42 -44.25
CA ALA B 846 -33.52 4.50 -44.90
C ALA B 846 -32.89 3.14 -45.11
N LEU B 847 -31.64 3.10 -45.59
CA LEU B 847 -30.97 1.83 -45.81
C LEU B 847 -30.74 1.09 -44.49
N LEU B 848 -30.30 1.81 -43.46
CA LEU B 848 -30.08 1.15 -42.17
C LEU B 848 -31.36 0.61 -41.58
N SER B 849 -32.46 1.38 -41.68
CA SER B 849 -33.74 0.93 -41.18
C SER B 849 -34.24 -0.29 -41.95
N LEU B 850 -34.07 -0.30 -43.27
CA LEU B 850 -34.47 -1.46 -44.06
C LEU B 850 -33.67 -2.69 -43.66
N GLY B 851 -32.36 -2.53 -43.47
CA GLY B 851 -31.54 -3.65 -43.03
C GLY B 851 -31.95 -4.18 -41.67
N GLU B 852 -32.25 -3.26 -40.73
CA GLU B 852 -32.64 -3.70 -39.39
C GLU B 852 -34.00 -4.38 -39.41
N VAL B 853 -34.96 -3.87 -40.18
CA VAL B 853 -36.28 -4.49 -40.25
C VAL B 853 -36.20 -5.85 -40.91
N GLY B 854 -35.44 -5.96 -42.00
CA GLY B 854 -35.32 -7.24 -42.69
C GLY B 854 -34.60 -8.32 -41.91
N HIS B 855 -33.95 -7.96 -40.79
CA HIS B 855 -33.24 -8.95 -39.98
C HIS B 855 -34.21 -9.99 -39.41
N HIS B 856 -35.36 -9.54 -38.91
CA HIS B 856 -36.31 -10.43 -38.25
C HIS B 856 -37.62 -10.61 -39.01
N ILE B 857 -37.93 -9.74 -39.97
CA ILE B 857 -39.17 -9.79 -40.73
C ILE B 857 -38.84 -10.19 -42.16
N ASP B 858 -39.62 -11.11 -42.72
CA ASP B 858 -39.44 -11.51 -44.10
C ASP B 858 -39.85 -10.38 -45.03
N LEU B 859 -38.99 -10.07 -46.00
CA LEU B 859 -39.23 -8.97 -46.93
C LEU B 859 -39.17 -9.45 -48.38
N SER B 860 -39.66 -10.67 -48.64
CA SER B 860 -39.71 -11.17 -50.01
C SER B 860 -40.89 -10.61 -50.79
N GLY B 861 -41.85 -9.96 -50.12
CA GLY B 861 -42.98 -9.39 -50.82
C GLY B 861 -42.66 -8.11 -51.58
N GLN B 862 -41.54 -7.48 -51.27
CA GLN B 862 -41.12 -6.26 -51.96
C GLN B 862 -40.26 -6.66 -53.15
N LEU B 863 -40.77 -6.39 -54.36
CA LEU B 863 -40.11 -6.86 -55.58
C LEU B 863 -38.88 -6.05 -55.93
N GLU B 864 -38.91 -4.73 -55.70
CA GLU B 864 -37.87 -3.83 -56.15
C GLU B 864 -36.79 -3.58 -55.09
N LEU B 865 -36.83 -4.28 -53.97
CA LEU B 865 -35.87 -4.04 -52.91
C LEU B 865 -34.44 -4.31 -53.36
N LYS B 866 -34.22 -5.47 -54.00
CA LYS B 866 -32.87 -5.82 -54.45
C LYS B 866 -32.38 -4.83 -55.50
N SER B 867 -33.25 -4.46 -56.44
CA SER B 867 -32.85 -3.51 -57.49
C SER B 867 -32.48 -2.17 -56.89
N VAL B 868 -33.28 -1.67 -55.95
CA VAL B 868 -33.00 -0.37 -55.33
C VAL B 868 -31.69 -0.42 -54.55
N ILE B 869 -31.46 -1.49 -53.80
CA ILE B 869 -30.22 -1.60 -53.01
C ILE B 869 -29.01 -1.65 -53.94
N LEU B 870 -29.09 -2.49 -54.99
CA LEU B 870 -27.96 -2.61 -55.91
C LEU B 870 -27.70 -1.31 -56.66
N GLU B 871 -28.76 -0.54 -56.95
CA GLU B 871 -28.56 0.79 -57.51
C GLU B 871 -27.87 1.70 -56.51
N ALA B 872 -28.25 1.60 -55.23
CA ALA B 872 -27.61 2.39 -54.19
C ALA B 872 -26.16 1.98 -53.95
N PHE B 873 -25.75 0.81 -54.44
CA PHE B 873 -24.35 0.40 -54.30
C PHE B 873 -23.40 1.39 -54.98
N SER B 874 -23.78 1.88 -56.17
CA SER B 874 -22.93 2.80 -56.93
C SER B 874 -23.33 4.22 -56.57
N SER B 875 -22.68 4.79 -55.57
CA SER B 875 -22.95 6.14 -55.11
C SER B 875 -21.63 6.81 -54.74
N PRO B 876 -21.53 8.14 -54.93
CA PRO B 876 -20.27 8.82 -54.60
C PRO B 876 -19.85 8.72 -53.16
N SER B 877 -20.79 8.70 -52.22
CA SER B 877 -20.46 8.68 -50.80
C SER B 877 -20.10 7.26 -50.35
N GLU B 878 -19.11 7.16 -49.47
CA GLU B 878 -18.70 5.87 -48.93
C GLU B 878 -19.67 5.36 -47.86
N GLU B 879 -20.23 6.26 -47.07
CA GLU B 879 -21.14 5.85 -45.99
C GLU B 879 -22.38 5.17 -46.55
N VAL B 880 -22.96 5.71 -47.63
CA VAL B 880 -24.15 5.11 -48.21
C VAL B 880 -23.82 3.75 -48.82
N LYS B 881 -22.62 3.60 -49.40
CA LYS B 881 -22.22 2.31 -49.94
C LYS B 881 -22.07 1.27 -48.83
N SER B 882 -21.43 1.65 -47.73
CA SER B 882 -21.30 0.73 -46.60
C SER B 882 -22.66 0.36 -46.04
N ALA B 883 -23.57 1.34 -45.94
CA ALA B 883 -24.92 1.06 -45.46
C ALA B 883 -25.66 0.12 -46.40
N ALA B 884 -25.48 0.30 -47.72
CA ALA B 884 -26.13 -0.59 -48.68
C ALA B 884 -25.62 -2.02 -48.54
N SER B 885 -24.30 -2.17 -48.37
CA SER B 885 -23.75 -3.51 -48.17
C SER B 885 -24.28 -4.14 -46.88
N TYR B 886 -24.33 -3.35 -45.80
CA TYR B 886 -24.83 -3.86 -44.53
C TYR B 886 -26.30 -4.25 -44.64
N ALA B 887 -27.09 -3.44 -45.34
CA ALA B 887 -28.51 -3.75 -45.50
C ALA B 887 -28.72 -5.00 -46.34
N LEU B 888 -27.95 -5.16 -47.41
CA LEU B 888 -28.05 -6.37 -48.22
C LEU B 888 -27.66 -7.60 -47.42
N GLY B 889 -26.65 -7.47 -46.57
CA GLY B 889 -26.29 -8.58 -45.70
C GLY B 889 -27.37 -8.91 -44.68
N SER B 890 -27.97 -7.87 -44.08
CA SER B 890 -28.93 -8.08 -43.00
C SER B 890 -30.27 -8.62 -43.51
N ILE B 891 -30.69 -8.17 -44.70
CA ILE B 891 -31.99 -8.62 -45.23
C ILE B 891 -31.96 -10.11 -45.52
N SER B 892 -30.81 -10.63 -45.98
CA SER B 892 -30.70 -12.04 -46.35
C SER B 892 -30.90 -12.97 -45.16
N VAL B 893 -30.68 -12.49 -43.94
CA VAL B 893 -30.82 -13.34 -42.76
C VAL B 893 -32.28 -13.74 -42.57
N GLY B 894 -33.21 -12.83 -42.86
CA GLY B 894 -34.62 -13.14 -42.69
C GLY B 894 -35.09 -14.27 -43.58
N ASN B 895 -34.67 -14.26 -44.84
CA ASN B 895 -35.02 -15.31 -45.80
C ASN B 895 -33.73 -15.79 -46.45
N LEU B 896 -33.06 -16.75 -45.82
CA LEU B 896 -31.80 -17.25 -46.35
C LEU B 896 -31.94 -17.95 -47.70
N PRO B 897 -32.86 -18.91 -47.89
CA PRO B 897 -32.92 -19.60 -49.20
C PRO B 897 -33.23 -18.67 -50.36
N GLU B 898 -34.02 -17.62 -50.14
CA GLU B 898 -34.37 -16.72 -51.24
C GLU B 898 -33.25 -15.77 -51.60
N TYR B 899 -32.40 -15.39 -50.64
CA TYR B 899 -31.44 -14.32 -50.83
C TYR B 899 -30.00 -14.77 -50.96
N LEU B 900 -29.57 -15.78 -50.20
CA LEU B 900 -28.18 -16.20 -50.24
C LEU B 900 -27.75 -16.69 -51.61
N PRO B 901 -28.51 -17.53 -52.32
CA PRO B 901 -28.12 -17.86 -53.71
C PRO B 901 -28.01 -16.65 -54.61
N PHE B 902 -28.85 -15.63 -54.39
CA PHE B 902 -28.75 -14.42 -55.19
C PHE B 902 -27.41 -13.73 -54.98
N VAL B 903 -26.97 -13.61 -53.73
CA VAL B 903 -25.68 -12.99 -53.45
C VAL B 903 -24.55 -13.83 -54.03
N LEU B 904 -24.62 -15.16 -53.86
CA LEU B 904 -23.58 -16.02 -54.40
C LEU B 904 -23.47 -15.89 -55.91
N GLN B 905 -24.60 -15.82 -56.61
CA GLN B 905 -24.58 -15.64 -58.05
C GLN B 905 -24.06 -14.26 -58.43
N GLU B 906 -24.45 -13.23 -57.68
CA GLU B 906 -24.04 -11.87 -58.04
C GLU B 906 -22.55 -11.63 -57.81
N ILE B 907 -21.94 -12.35 -56.87
CA ILE B 907 -20.49 -12.21 -56.67
C ILE B 907 -19.75 -12.63 -57.94
N THR B 908 -20.15 -13.74 -58.55
CA THR B 908 -19.51 -14.19 -59.78
C THR B 908 -19.95 -13.40 -61.00
N SER B 909 -21.22 -12.97 -61.04
CA SER B 909 -21.78 -12.38 -62.25
C SER B 909 -21.15 -11.03 -62.56
N GLN B 910 -21.08 -10.15 -61.57
CA GLN B 910 -20.61 -8.79 -61.80
C GLN B 910 -19.27 -8.54 -61.13
N PRO B 911 -18.16 -8.50 -61.89
CA PRO B 911 -16.85 -8.21 -61.28
C PRO B 911 -16.73 -6.78 -60.77
N LYS B 912 -17.56 -5.86 -61.25
CA LYS B 912 -17.40 -4.45 -60.87
C LYS B 912 -17.66 -4.23 -59.39
N ARG B 913 -18.67 -4.91 -58.85
CA ARG B 913 -19.06 -4.74 -57.45
C ARG B 913 -18.89 -6.08 -56.74
N GLN B 914 -17.69 -6.34 -56.24
CA GLN B 914 -17.40 -7.53 -55.45
C GLN B 914 -16.89 -7.21 -54.05
N TYR B 915 -16.24 -6.07 -53.85
CA TYR B 915 -15.77 -5.69 -52.53
C TYR B 915 -16.90 -5.44 -51.56
N LEU B 916 -18.10 -5.15 -52.06
CA LEU B 916 -19.28 -4.91 -51.22
C LEU B 916 -20.15 -6.15 -51.06
N LEU B 917 -20.28 -6.95 -52.11
CA LEU B 917 -21.02 -8.21 -51.97
C LEU B 917 -20.32 -9.16 -51.02
N LEU B 918 -18.98 -9.13 -51.00
CA LEU B 918 -18.25 -9.97 -50.05
C LEU B 918 -18.45 -9.48 -48.62
N HIS B 919 -18.53 -8.16 -48.42
CA HIS B 919 -18.87 -7.63 -47.11
C HIS B 919 -20.28 -8.04 -46.68
N SER B 920 -21.21 -8.02 -47.62
CA SER B 920 -22.57 -8.49 -47.32
C SER B 920 -22.55 -9.97 -46.93
N LEU B 921 -21.77 -10.79 -47.65
CA LEU B 921 -21.66 -12.20 -47.30
C LEU B 921 -21.03 -12.37 -45.93
N LYS B 922 -20.05 -11.53 -45.59
CA LYS B 922 -19.45 -11.58 -44.27
C LYS B 922 -20.48 -11.26 -43.19
N GLU B 923 -21.32 -10.26 -43.43
CA GLU B 923 -22.39 -9.94 -42.48
C GLU B 923 -23.36 -11.11 -42.35
N ILE B 924 -23.70 -11.75 -43.46
CA ILE B 924 -24.59 -12.91 -43.42
C ILE B 924 -23.98 -14.01 -42.58
N ILE B 925 -22.69 -14.30 -42.79
CA ILE B 925 -22.03 -15.37 -42.04
C ILE B 925 -21.98 -15.03 -40.56
N SER B 926 -21.68 -13.78 -40.23
CA SER B 926 -21.51 -13.39 -38.83
C SER B 926 -22.83 -13.23 -38.08
N SER B 927 -23.94 -13.03 -38.78
CA SER B 927 -25.21 -12.73 -38.13
C SER B 927 -26.31 -13.66 -38.63
N ALA B 928 -26.03 -14.96 -38.66
CA ALA B 928 -27.03 -15.96 -39.06
C ALA B 928 -27.05 -17.10 -38.07
N SER B 929 -28.20 -17.78 -37.98
CA SER B 929 -28.34 -18.92 -37.11
C SER B 929 -27.48 -20.08 -37.61
N VAL B 930 -26.95 -20.85 -36.66
CA VAL B 930 -26.11 -22.00 -37.01
C VAL B 930 -26.92 -23.05 -37.75
N VAL B 931 -28.14 -23.32 -37.30
CA VAL B 931 -28.97 -24.34 -37.92
C VAL B 931 -29.36 -23.94 -39.35
N GLY B 932 -29.59 -22.64 -39.57
CA GLY B 932 -30.04 -22.18 -40.87
C GLY B 932 -28.97 -22.01 -41.91
N LEU B 933 -27.69 -22.07 -41.52
CA LEU B 933 -26.58 -21.89 -42.45
C LEU B 933 -25.85 -23.18 -42.80
N LYS B 934 -26.25 -24.30 -42.20
CA LYS B 934 -25.58 -25.57 -42.47
C LYS B 934 -25.67 -26.00 -43.93
N PRO B 935 -26.82 -25.96 -44.61
CA PRO B 935 -26.87 -26.45 -46.00
C PRO B 935 -25.94 -25.73 -46.96
N TYR B 936 -25.73 -24.43 -46.79
CA TYR B 936 -24.99 -23.62 -47.75
C TYR B 936 -23.50 -23.53 -47.43
N VAL B 937 -23.03 -24.26 -46.43
CA VAL B 937 -21.62 -24.21 -46.05
C VAL B 937 -20.74 -24.65 -47.20
N GLU B 938 -21.12 -25.74 -47.90
CA GLU B 938 -20.32 -26.23 -49.01
C GLU B 938 -20.25 -25.21 -50.14
N ASN B 939 -21.38 -24.58 -50.47
CA ASN B 939 -21.39 -23.59 -51.54
C ASN B 939 -20.52 -22.39 -51.19
N ILE B 940 -20.65 -21.89 -49.96
CA ILE B 940 -19.84 -20.74 -49.54
C ILE B 940 -18.37 -21.09 -49.54
N TRP B 941 -18.03 -22.29 -49.06
CA TRP B 941 -16.64 -22.73 -49.05
C TRP B 941 -16.08 -22.82 -50.46
N ALA B 942 -16.87 -23.38 -51.40
CA ALA B 942 -16.41 -23.49 -52.78
C ALA B 942 -16.16 -22.12 -53.38
N LEU B 943 -17.10 -21.19 -53.17
CA LEU B 943 -16.92 -19.85 -53.73
C LEU B 943 -15.71 -19.15 -53.13
N LEU B 944 -15.54 -19.23 -51.81
CA LEU B 944 -14.42 -18.55 -51.16
C LEU B 944 -13.08 -19.13 -51.61
N LEU B 945 -12.97 -20.46 -51.70
CA LEU B 945 -11.73 -21.05 -52.17
C LEU B 945 -11.49 -20.80 -53.65
N LYS B 946 -12.56 -20.60 -54.43
CA LYS B 946 -12.38 -20.16 -55.81
C LYS B 946 -11.80 -18.75 -55.88
N HIS B 947 -12.26 -17.87 -54.99
CA HIS B 947 -11.86 -16.47 -55.04
C HIS B 947 -10.63 -16.15 -54.19
N CYS B 948 -10.06 -17.12 -53.47
CA CYS B 948 -8.84 -16.85 -52.71
C CYS B 948 -7.73 -16.31 -53.60
N GLU B 949 -7.49 -16.96 -54.73
CA GLU B 949 -6.41 -16.55 -55.63
C GLU B 949 -6.93 -15.39 -56.49
N CYS B 950 -6.80 -14.19 -55.95
CA CYS B 950 -7.25 -12.97 -56.62
C CYS B 950 -6.10 -11.99 -56.72
N ALA B 951 -6.03 -11.27 -57.84
CA ALA B 951 -4.92 -10.34 -58.06
C ALA B 951 -5.06 -9.09 -57.21
N GLU B 952 -6.28 -8.57 -57.09
CA GLU B 952 -6.51 -7.31 -56.40
C GLU B 952 -6.50 -7.54 -54.89
N GLU B 953 -5.48 -7.00 -54.22
CA GLU B 953 -5.43 -7.07 -52.77
C GLU B 953 -6.52 -6.19 -52.16
N GLY B 954 -7.04 -6.62 -51.02
CA GLY B 954 -8.19 -5.98 -50.42
C GLY B 954 -9.43 -6.81 -50.64
N THR B 955 -9.56 -7.37 -51.86
CA THR B 955 -10.58 -8.38 -52.11
C THR B 955 -10.16 -9.73 -51.51
N ARG B 956 -8.86 -9.94 -51.33
CA ARG B 956 -8.39 -11.17 -50.71
C ARG B 956 -8.59 -11.16 -49.19
N ASN B 957 -8.42 -9.99 -48.56
CA ASN B 957 -8.58 -9.90 -47.12
C ASN B 957 -10.00 -10.23 -46.70
N VAL B 958 -10.99 -9.73 -47.45
CA VAL B 958 -12.39 -9.97 -47.07
C VAL B 958 -12.76 -11.44 -47.24
N VAL B 959 -12.27 -12.08 -48.31
CA VAL B 959 -12.58 -13.51 -48.47
C VAL B 959 -11.86 -14.34 -47.42
N VAL B 960 -10.64 -13.94 -47.03
CA VAL B 960 -9.95 -14.66 -45.96
C VAL B 960 -10.72 -14.53 -44.65
N GLU B 961 -11.20 -13.32 -44.34
CA GLU B 961 -11.99 -13.13 -43.13
C GLU B 961 -13.29 -13.93 -43.17
N CYS B 962 -13.93 -13.98 -44.34
CA CYS B 962 -15.14 -14.78 -44.49
C CYS B 962 -14.85 -16.26 -44.25
N LEU B 963 -13.74 -16.75 -44.80
CA LEU B 963 -13.36 -18.15 -44.59
C LEU B 963 -13.10 -18.42 -43.11
N GLY B 964 -12.37 -17.53 -42.45
CA GLY B 964 -12.07 -17.72 -41.03
C GLY B 964 -13.33 -17.71 -40.16
N LYS B 965 -14.28 -16.84 -40.48
CA LYS B 965 -15.52 -16.80 -39.72
C LYS B 965 -16.41 -17.98 -40.05
N LEU B 966 -16.33 -18.51 -41.28
CA LEU B 966 -17.05 -19.72 -41.61
C LEU B 966 -16.49 -20.94 -40.89
N THR B 967 -15.18 -20.95 -40.63
CA THR B 967 -14.58 -22.05 -39.90
C THR B 967 -15.22 -22.25 -38.54
N LEU B 968 -15.67 -21.16 -37.89
CA LEU B 968 -16.30 -21.27 -36.58
C LEU B 968 -17.58 -22.09 -36.64
N ILE B 969 -18.36 -21.95 -37.72
CA ILE B 969 -19.55 -22.76 -37.92
C ILE B 969 -19.10 -24.17 -38.31
N ASP B 970 -19.42 -25.15 -37.47
CA ASP B 970 -19.01 -26.53 -37.64
C ASP B 970 -17.50 -26.64 -37.74
N PRO B 971 -16.77 -26.38 -36.65
CA PRO B 971 -15.30 -26.43 -36.71
C PRO B 971 -14.72 -27.83 -36.72
N GLU B 972 -15.52 -28.86 -36.44
CA GLU B 972 -14.99 -30.21 -36.38
C GLU B 972 -14.49 -30.69 -37.73
N THR B 973 -15.23 -30.38 -38.80
CA THR B 973 -14.88 -30.85 -40.14
C THR B 973 -14.20 -29.81 -41.01
N LEU B 974 -14.45 -28.51 -40.76
CA LEU B 974 -13.88 -27.47 -41.61
C LEU B 974 -12.41 -27.23 -41.32
N LEU B 975 -12.01 -27.33 -40.04
CA LEU B 975 -10.62 -27.04 -39.67
C LEU B 975 -9.62 -28.01 -40.30
N PRO B 976 -9.82 -29.34 -40.27
CA PRO B 976 -8.87 -30.21 -40.98
C PRO B 976 -8.81 -29.95 -42.47
N ARG B 977 -9.93 -29.61 -43.09
CA ARG B 977 -9.92 -29.25 -44.50
C ARG B 977 -9.07 -28.01 -44.73
N LEU B 978 -9.14 -27.04 -43.82
CA LEU B 978 -8.29 -25.86 -43.91
C LEU B 978 -6.82 -26.25 -43.77
N LYS B 979 -6.51 -27.14 -42.82
CA LYS B 979 -5.13 -27.56 -42.62
C LYS B 979 -4.59 -28.33 -43.82
N GLY B 980 -5.47 -28.97 -44.58
CA GLY B 980 -5.04 -29.79 -45.71
C GLY B 980 -4.28 -29.01 -46.77
N TYR B 981 -4.63 -27.73 -46.96
CA TYR B 981 -4.00 -26.94 -48.02
C TYR B 981 -2.56 -26.57 -47.71
N LEU B 982 -2.11 -26.72 -46.46
CA LEU B 982 -0.73 -26.37 -46.13
C LEU B 982 0.27 -27.27 -46.85
N ILE B 983 0.01 -28.58 -46.88
CA ILE B 983 0.95 -29.52 -47.47
C ILE B 983 1.06 -29.30 -48.97
N SER B 984 -0.07 -29.22 -49.66
CA SER B 984 -0.11 -29.06 -51.11
C SER B 984 -0.92 -27.83 -51.46
N GLY B 985 -0.31 -26.92 -52.20
CA GLY B 985 -1.01 -25.72 -52.63
C GLY B 985 -0.03 -24.71 -53.19
N SER B 986 -0.60 -23.62 -53.70
CA SER B 986 0.20 -22.52 -54.21
C SER B 986 0.62 -21.63 -53.06
N SER B 987 1.36 -20.56 -53.39
CA SER B 987 1.78 -19.62 -52.36
C SER B 987 0.59 -18.89 -51.75
N TYR B 988 -0.40 -18.55 -52.57
CA TYR B 988 -1.56 -17.81 -52.07
C TYR B 988 -2.38 -18.63 -51.10
N ALA B 989 -2.57 -19.92 -51.38
CA ALA B 989 -3.42 -20.75 -50.54
C ALA B 989 -2.88 -20.88 -49.13
N ARG B 990 -1.56 -21.08 -48.99
CA ARG B 990 -0.96 -21.22 -47.68
C ARG B 990 -1.11 -19.96 -46.86
N SER B 991 -0.81 -18.81 -47.47
CA SER B 991 -1.00 -17.53 -46.78
C SER B 991 -2.46 -17.30 -46.45
N SER B 992 -3.35 -17.70 -47.36
CA SER B 992 -4.79 -17.52 -47.12
C SER B 992 -5.24 -18.30 -45.89
N VAL B 993 -4.84 -19.56 -45.79
CA VAL B 993 -5.30 -20.37 -44.66
C VAL B 993 -4.65 -19.89 -43.36
N VAL B 994 -3.36 -19.53 -43.40
CA VAL B 994 -2.70 -19.04 -42.20
C VAL B 994 -3.35 -17.76 -41.71
N THR B 995 -3.73 -16.88 -42.64
CA THR B 995 -4.45 -15.66 -42.25
C THR B 995 -5.83 -15.99 -41.71
N ALA B 996 -6.52 -16.95 -42.32
CA ALA B 996 -7.86 -17.31 -41.86
C ALA B 996 -7.84 -17.92 -40.47
N VAL B 997 -6.69 -18.47 -40.05
CA VAL B 997 -6.60 -19.04 -38.71
C VAL B 997 -6.77 -17.95 -37.64
N LYS B 998 -6.18 -16.77 -37.85
CA LYS B 998 -6.13 -15.76 -36.80
C LYS B 998 -7.51 -15.21 -36.45
N PHE B 999 -8.50 -15.38 -37.32
CA PHE B 999 -9.83 -14.83 -37.08
C PHE B 999 -10.69 -15.74 -36.20
N THR B 1000 -10.17 -16.89 -35.79
CA THR B 1000 -10.85 -17.78 -34.87
C THR B 1000 -10.37 -17.64 -33.43
N ILE B 1001 -9.55 -16.62 -33.16
CA ILE B 1001 -8.98 -16.39 -31.84
C ILE B 1001 -9.64 -15.17 -31.22
N SER B 1002 -10.11 -15.32 -29.98
CA SER B 1002 -10.75 -14.23 -29.26
C SER B 1002 -10.33 -14.29 -27.80
N ASP B 1003 -10.48 -13.17 -27.11
CA ASP B 1003 -10.09 -13.09 -25.70
C ASP B 1003 -10.94 -14.04 -24.85
N HIS B 1004 -12.25 -14.05 -25.07
CA HIS B 1004 -13.14 -14.90 -24.29
C HIS B 1004 -12.96 -16.36 -24.70
N PRO B 1005 -13.18 -17.30 -23.78
CA PRO B 1005 -13.09 -18.72 -24.13
C PRO B 1005 -14.13 -19.10 -25.19
N GLN B 1006 -13.73 -20.00 -26.08
CA GLN B 1006 -14.57 -20.44 -27.18
C GLN B 1006 -14.52 -21.95 -27.31
N PRO B 1007 -15.56 -22.58 -27.87
CA PRO B 1007 -15.52 -24.03 -28.07
C PRO B 1007 -14.42 -24.50 -29.00
N ILE B 1008 -13.91 -23.65 -29.88
CA ILE B 1008 -12.86 -24.04 -30.82
C ILE B 1008 -11.50 -24.16 -30.15
N ASP B 1009 -11.37 -23.74 -28.89
CA ASP B 1009 -10.07 -23.69 -28.23
C ASP B 1009 -9.39 -25.04 -28.14
N PRO B 1010 -10.05 -26.13 -27.71
CA PRO B 1010 -9.34 -27.42 -27.64
C PRO B 1010 -8.77 -27.89 -28.97
N LEU B 1011 -9.46 -27.63 -30.07
CA LEU B 1011 -8.94 -28.02 -31.38
C LEU B 1011 -7.74 -27.17 -31.77
N LEU B 1012 -7.82 -25.86 -31.53
CA LEU B 1012 -6.73 -24.97 -31.92
C LEU B 1012 -5.46 -25.29 -31.16
N LYS B 1013 -5.57 -25.61 -29.87
CA LYS B 1013 -4.38 -25.91 -29.07
C LYS B 1013 -3.61 -27.09 -29.65
N ASN B 1014 -4.32 -28.09 -30.14
CA ASN B 1014 -3.66 -29.25 -30.74
C ASN B 1014 -3.19 -28.98 -32.16
N CYS B 1015 -3.92 -28.14 -32.92
CA CYS B 1015 -3.66 -28.04 -34.35
C CYS B 1015 -2.74 -26.90 -34.75
N ILE B 1016 -2.62 -25.84 -33.94
CA ILE B 1016 -1.94 -24.64 -34.39
C ILE B 1016 -0.45 -24.83 -34.58
N GLY B 1017 0.11 -25.94 -34.10
CA GLY B 1017 1.51 -26.23 -34.38
C GLY B 1017 1.79 -26.41 -35.86
N ASP B 1018 0.87 -27.06 -36.57
CA ASP B 1018 1.02 -27.24 -38.01
C ASP B 1018 0.96 -25.91 -38.75
N PHE B 1019 0.15 -24.97 -38.27
CA PHE B 1019 0.10 -23.65 -38.90
C PHE B 1019 1.33 -22.83 -38.57
N LEU B 1020 1.82 -22.91 -37.33
CA LEU B 1020 2.95 -22.10 -36.90
C LEU B 1020 4.29 -22.66 -37.35
N LYS B 1021 4.34 -23.92 -37.80
CA LYS B 1021 5.58 -24.39 -38.38
C LYS B 1021 5.78 -23.90 -39.81
N THR B 1022 4.94 -22.96 -40.26
CA THR B 1022 5.11 -22.35 -41.58
C THR B 1022 6.08 -21.19 -41.53
N LEU B 1023 6.63 -20.87 -40.36
CA LEU B 1023 7.65 -19.83 -40.26
C LEU B 1023 8.87 -20.17 -41.11
N GLU B 1024 9.11 -21.46 -41.34
CA GLU B 1024 10.13 -21.90 -42.29
C GLU B 1024 9.46 -22.08 -43.65
N ASP B 1025 9.68 -21.13 -44.55
CA ASP B 1025 9.04 -21.15 -45.85
C ASP B 1025 9.83 -20.29 -46.83
N PRO B 1026 10.09 -20.78 -48.04
CA PRO B 1026 10.77 -19.94 -49.05
C PRO B 1026 10.00 -18.68 -49.39
N ASP B 1027 8.68 -18.70 -49.32
CA ASP B 1027 7.88 -17.53 -49.69
C ASP B 1027 8.10 -16.39 -48.71
N LEU B 1028 8.18 -15.18 -49.24
CA LEU B 1028 8.45 -14.00 -48.40
C LEU B 1028 7.23 -13.60 -47.59
N ASN B 1029 6.05 -13.61 -48.22
CA ASN B 1029 4.83 -13.13 -47.57
C ASN B 1029 4.32 -14.09 -46.51
N VAL B 1030 4.47 -15.40 -46.72
CA VAL B 1030 3.89 -16.37 -45.82
C VAL B 1030 4.55 -16.31 -44.44
N ARG B 1031 5.85 -16.03 -44.39
CA ARG B 1031 6.52 -15.86 -43.11
C ARG B 1031 5.94 -14.68 -42.35
N ARG B 1032 5.68 -13.56 -43.05
CA ARG B 1032 5.06 -12.41 -42.42
C ARG B 1032 3.67 -12.73 -41.90
N VAL B 1033 2.89 -13.47 -42.70
CA VAL B 1033 1.54 -13.84 -42.27
C VAL B 1033 1.59 -14.72 -41.02
N ALA B 1034 2.52 -15.68 -40.99
CA ALA B 1034 2.65 -16.54 -39.84
C ALA B 1034 3.09 -15.75 -38.60
N LEU B 1035 3.98 -14.78 -38.79
CA LEU B 1035 4.39 -13.93 -37.66
C LEU B 1035 3.21 -13.13 -37.14
N VAL B 1036 2.38 -12.59 -38.03
CA VAL B 1036 1.21 -11.82 -37.61
C VAL B 1036 0.24 -12.72 -36.85
N THR B 1037 0.01 -13.93 -37.34
CA THR B 1037 -0.87 -14.86 -36.64
C THR B 1037 -0.33 -15.22 -35.27
N PHE B 1038 0.98 -15.43 -35.16
CA PHE B 1038 1.59 -15.72 -33.87
C PHE B 1038 1.44 -14.53 -32.92
N ASN B 1039 1.60 -13.32 -33.42
CA ASN B 1039 1.42 -12.13 -32.58
C ASN B 1039 -0.02 -12.05 -32.08
N SER B 1040 -0.99 -12.30 -32.94
CA SER B 1040 -2.39 -12.26 -32.53
C SER B 1040 -2.66 -13.32 -31.47
N ALA B 1041 -2.15 -14.53 -31.67
CA ALA B 1041 -2.34 -15.60 -30.69
C ALA B 1041 -1.71 -15.25 -29.36
N ALA B 1042 -0.51 -14.68 -29.38
CA ALA B 1042 0.17 -14.29 -28.14
C ALA B 1042 -0.61 -13.21 -27.41
N HIS B 1043 -1.12 -12.23 -28.15
CA HIS B 1043 -1.80 -11.11 -27.51
C HIS B 1043 -3.16 -11.54 -26.94
N ASN B 1044 -3.93 -12.30 -27.70
CA ASN B 1044 -5.30 -12.60 -27.30
C ASN B 1044 -5.40 -13.78 -26.33
N LYS B 1045 -4.94 -14.95 -26.77
CA LYS B 1045 -5.02 -16.18 -25.97
C LYS B 1045 -3.64 -16.80 -25.87
N PRO B 1046 -2.83 -16.36 -24.91
CA PRO B 1046 -1.44 -16.86 -24.81
C PRO B 1046 -1.35 -18.31 -24.35
N SER B 1047 -2.43 -18.90 -23.84
CA SER B 1047 -2.37 -20.23 -23.28
C SER B 1047 -2.13 -21.31 -24.31
N LEU B 1048 -2.22 -20.99 -25.60
CA LEU B 1048 -2.07 -21.97 -26.67
C LEU B 1048 -0.76 -21.81 -27.45
N ILE B 1049 0.17 -21.00 -26.96
CA ILE B 1049 1.46 -20.82 -27.63
C ILE B 1049 2.60 -21.02 -26.64
N ARG B 1050 2.29 -21.08 -25.35
CA ARG B 1050 3.34 -21.16 -24.33
C ARG B 1050 4.15 -22.43 -24.48
N ASP B 1051 3.50 -23.56 -24.72
CA ASP B 1051 4.21 -24.82 -24.89
C ASP B 1051 4.92 -24.95 -26.23
N LEU B 1052 4.62 -24.08 -27.20
CA LEU B 1052 5.32 -24.06 -28.47
C LEU B 1052 6.45 -23.05 -28.52
N LEU B 1053 6.73 -22.36 -27.40
CA LEU B 1053 7.78 -21.35 -27.40
C LEU B 1053 9.14 -21.96 -27.70
N ASP B 1054 9.45 -23.11 -27.08
CA ASP B 1054 10.75 -23.73 -27.25
C ASP B 1054 11.03 -24.14 -28.69
N THR B 1055 9.99 -24.30 -29.51
CA THR B 1055 10.18 -24.68 -30.91
C THR B 1055 9.92 -23.55 -31.89
N VAL B 1056 9.27 -22.45 -31.48
CA VAL B 1056 9.05 -21.33 -32.39
C VAL B 1056 9.97 -20.14 -32.13
N LEU B 1057 10.62 -20.08 -30.97
CA LEU B 1057 11.48 -18.93 -30.67
C LEU B 1057 12.66 -18.79 -31.62
N PRO B 1058 13.43 -19.85 -31.95
CA PRO B 1058 14.56 -19.65 -32.88
C PRO B 1058 14.15 -19.11 -34.24
N HIS B 1059 13.02 -19.56 -34.77
CA HIS B 1059 12.55 -19.03 -36.06
C HIS B 1059 12.17 -17.57 -35.96
N LEU B 1060 11.51 -17.18 -34.87
CA LEU B 1060 11.17 -15.78 -34.66
C LEU B 1060 12.42 -14.93 -34.54
N TYR B 1061 13.44 -15.42 -33.85
CA TYR B 1061 14.69 -14.69 -33.72
C TYR B 1061 15.42 -14.58 -35.06
N ASN B 1062 15.31 -15.61 -35.91
CA ASN B 1062 15.97 -15.58 -37.20
C ASN B 1062 15.41 -14.50 -38.11
N GLU B 1063 14.13 -14.18 -37.98
CA GLU B 1063 13.50 -13.20 -38.85
C GLU B 1063 13.96 -11.77 -38.56
N THR B 1064 14.69 -11.54 -37.47
CA THR B 1064 15.17 -10.22 -37.13
C THR B 1064 16.47 -9.85 -37.82
N LYS B 1065 17.04 -10.75 -38.61
CA LYS B 1065 18.28 -10.46 -39.32
C LYS B 1065 18.02 -9.53 -40.50
N VAL B 1066 19.07 -8.81 -40.90
CA VAL B 1066 18.93 -7.79 -41.94
C VAL B 1066 18.64 -8.43 -43.29
N ARG B 1067 19.35 -9.51 -43.63
CA ARG B 1067 19.21 -10.22 -44.90
C ARG B 1067 19.44 -9.26 -46.08
N LYS B 1068 20.69 -8.80 -46.17
CA LYS B 1068 21.09 -7.80 -47.16
C LYS B 1068 20.85 -8.24 -48.60
N GLU B 1069 20.43 -9.48 -48.83
CA GLU B 1069 20.12 -9.92 -50.19
C GLU B 1069 18.95 -9.12 -50.78
N LEU B 1070 17.94 -8.82 -49.97
CA LEU B 1070 16.74 -8.16 -50.45
C LEU B 1070 16.87 -6.65 -50.51
N ILE B 1071 17.93 -6.06 -49.97
CA ILE B 1071 18.09 -4.61 -49.98
C ILE B 1071 18.47 -4.15 -51.38
N ARG B 1072 17.75 -3.14 -51.88
CA ARG B 1072 17.99 -2.58 -53.20
C ARG B 1072 18.08 -1.07 -53.08
N GLU B 1073 18.95 -0.48 -53.91
CA GLU B 1073 19.23 0.95 -53.83
C GLU B 1073 19.09 1.57 -55.22
N VAL B 1074 18.43 2.71 -55.28
CA VAL B 1074 18.15 3.41 -56.53
C VAL B 1074 18.85 4.77 -56.49
N GLU B 1075 19.46 5.15 -57.61
CA GLU B 1075 20.35 6.30 -57.67
C GLU B 1075 19.83 7.34 -58.66
N MET B 1076 19.85 8.60 -58.25
CA MET B 1076 19.61 9.74 -59.14
C MET B 1076 20.51 10.87 -58.67
N GLY B 1077 21.66 11.03 -59.32
CA GLY B 1077 22.61 12.06 -58.96
C GLY B 1077 23.25 11.80 -57.61
N PRO B 1078 23.56 12.88 -56.89
CA PRO B 1078 24.18 12.75 -55.56
C PRO B 1078 23.22 12.35 -54.46
N PHE B 1079 22.02 11.90 -54.79
CA PHE B 1079 21.00 11.55 -53.81
C PHE B 1079 20.80 10.05 -53.78
N LYS B 1080 20.57 9.50 -52.59
CA LYS B 1080 20.50 8.06 -52.37
C LYS B 1080 19.15 7.70 -51.78
N HIS B 1081 18.54 6.64 -52.32
CA HIS B 1081 17.28 6.12 -51.82
C HIS B 1081 17.39 4.60 -51.69
N THR B 1082 17.00 4.08 -50.53
CA THR B 1082 17.05 2.64 -50.27
C THR B 1082 15.64 2.10 -50.13
N VAL B 1083 15.43 0.90 -50.69
CA VAL B 1083 14.18 0.17 -50.55
C VAL B 1083 14.49 -1.22 -50.00
N ASP B 1084 13.78 -1.61 -48.94
CA ASP B 1084 14.01 -2.88 -48.27
C ASP B 1084 12.74 -3.72 -48.35
N ASP B 1085 12.88 -4.95 -48.80
CA ASP B 1085 11.76 -5.87 -48.91
C ASP B 1085 11.59 -6.76 -47.68
N GLY B 1086 12.45 -6.60 -46.68
CA GLY B 1086 12.37 -7.42 -45.47
C GLY B 1086 12.07 -6.60 -44.23
N LEU B 1087 11.77 -5.32 -44.41
CA LEU B 1087 11.48 -4.45 -43.27
C LEU B 1087 10.21 -4.89 -42.55
N ASP B 1088 9.19 -5.29 -43.30
CA ASP B 1088 7.92 -5.68 -42.69
C ASP B 1088 8.09 -6.89 -41.79
N ILE B 1089 8.85 -7.89 -42.24
CA ILE B 1089 9.05 -9.10 -41.44
C ILE B 1089 9.79 -8.77 -40.15
N ARG B 1090 10.84 -7.94 -40.25
CA ARG B 1090 11.58 -7.55 -39.06
C ARG B 1090 10.70 -6.79 -38.07
N LYS B 1091 9.87 -5.87 -38.59
CA LYS B 1091 8.97 -5.12 -37.73
C LYS B 1091 7.97 -6.06 -37.04
N ALA B 1092 7.43 -7.03 -37.79
CA ALA B 1092 6.50 -7.98 -37.20
C ALA B 1092 7.17 -8.84 -36.12
N ALA B 1093 8.42 -9.26 -36.37
CA ALA B 1093 9.14 -10.05 -35.37
C ALA B 1093 9.38 -9.24 -34.11
N PHE B 1094 9.77 -7.97 -34.24
CA PHE B 1094 9.99 -7.15 -33.06
C PHE B 1094 8.68 -6.88 -32.33
N GLU B 1095 7.57 -6.74 -33.06
CA GLU B 1095 6.28 -6.60 -32.42
C GLU B 1095 5.92 -7.86 -31.63
N CYS B 1096 6.21 -9.03 -32.20
CA CYS B 1096 5.99 -10.28 -31.48
C CYS B 1096 6.83 -10.34 -30.21
N MET B 1097 8.07 -9.86 -30.29
CA MET B 1097 8.93 -9.82 -29.10
C MET B 1097 8.35 -8.89 -28.04
N TYR B 1098 7.86 -7.72 -28.44
CA TYR B 1098 7.23 -6.81 -27.48
C TYR B 1098 6.01 -7.46 -26.83
N THR B 1099 5.20 -8.16 -27.63
CA THR B 1099 4.05 -8.86 -27.06
C THR B 1099 4.49 -9.95 -26.08
N LEU B 1100 5.55 -10.68 -26.43
CA LEU B 1100 6.05 -11.73 -25.55
C LEU B 1100 6.55 -11.16 -24.23
N LEU B 1101 7.06 -9.93 -24.24
CA LEU B 1101 7.46 -9.29 -22.99
C LEU B 1101 6.32 -9.28 -21.98
N ASP B 1102 5.15 -8.79 -22.39
CA ASP B 1102 4.02 -8.68 -21.48
C ASP B 1102 3.31 -10.01 -21.26
N SER B 1103 3.26 -10.87 -22.29
CA SER B 1103 2.44 -12.07 -22.20
C SER B 1103 3.06 -13.11 -21.28
N CYS B 1104 4.25 -13.60 -21.62
CA CYS B 1104 4.89 -14.68 -20.86
C CYS B 1104 6.39 -14.41 -20.81
N LEU B 1105 6.84 -13.76 -19.74
CA LEU B 1105 8.26 -13.46 -19.56
C LEU B 1105 9.01 -14.55 -18.82
N ASP B 1106 8.31 -15.47 -18.17
CA ASP B 1106 8.94 -16.51 -17.36
C ASP B 1106 9.14 -17.82 -18.12
N ARG B 1107 8.88 -17.83 -19.44
CA ARG B 1107 8.99 -19.05 -20.23
C ARG B 1107 10.03 -18.94 -21.34
N LEU B 1108 10.83 -17.88 -21.36
CA LEU B 1108 11.84 -17.71 -22.39
C LEU B 1108 13.14 -17.24 -21.75
N ASP B 1109 14.26 -17.54 -22.41
CA ASP B 1109 15.55 -17.07 -21.95
C ASP B 1109 15.62 -15.56 -22.06
N ILE B 1110 16.17 -14.92 -21.03
CA ILE B 1110 16.21 -13.46 -20.96
C ILE B 1110 17.56 -12.98 -21.46
N PHE B 1111 18.39 -13.91 -21.95
CA PHE B 1111 19.71 -13.57 -22.45
C PHE B 1111 19.84 -13.68 -23.97
N GLU B 1112 19.07 -14.56 -24.60
CA GLU B 1112 18.99 -14.54 -26.06
C GLU B 1112 18.15 -13.38 -26.55
N PHE B 1113 17.20 -12.93 -25.73
CA PHE B 1113 16.34 -11.80 -26.08
C PHE B 1113 17.15 -10.52 -26.22
N LEU B 1114 18.05 -10.26 -25.25
CA LEU B 1114 18.83 -9.03 -25.27
C LEU B 1114 19.79 -8.96 -26.45
N ASN B 1115 20.27 -10.10 -26.93
CA ASN B 1115 21.15 -10.09 -28.09
C ASN B 1115 20.44 -9.49 -29.30
N HIS B 1116 19.23 -9.95 -29.56
CA HIS B 1116 18.48 -9.45 -30.72
C HIS B 1116 17.93 -8.05 -30.45
N VAL B 1117 17.70 -7.70 -29.19
CA VAL B 1117 17.39 -6.31 -28.88
C VAL B 1117 18.56 -5.41 -29.27
N GLU B 1118 19.78 -5.81 -28.90
CA GLU B 1118 20.96 -5.04 -29.26
C GLU B 1118 21.12 -4.96 -30.78
N ASP B 1119 20.71 -6.01 -31.49
CA ASP B 1119 20.80 -6.00 -32.97
C ASP B 1119 19.86 -4.92 -33.50
N GLY B 1120 18.70 -4.81 -32.86
CA GLY B 1120 17.62 -3.88 -33.22
C GLY B 1120 17.93 -2.41 -33.03
N LEU B 1121 18.82 -2.05 -32.12
CA LEU B 1121 19.13 -0.62 -31.81
C LEU B 1121 19.90 0.10 -32.91
N LYS B 1122 20.46 -0.62 -33.87
CA LYS B 1122 21.11 -0.04 -35.04
C LYS B 1122 20.18 -0.22 -36.25
N ASP B 1123 18.94 -0.68 -36.06
CA ASP B 1123 18.11 -0.95 -37.23
C ASP B 1123 17.36 0.32 -37.64
N HIS B 1124 16.35 0.18 -38.49
CA HIS B 1124 15.61 1.29 -39.07
C HIS B 1124 14.95 2.15 -37.98
N TYR B 1125 14.44 3.30 -38.40
CA TYR B 1125 13.90 4.31 -37.49
C TYR B 1125 12.73 3.76 -36.67
N ASP B 1126 11.78 3.10 -37.34
CA ASP B 1126 10.64 2.54 -36.61
C ASP B 1126 11.09 1.44 -35.65
N ILE B 1127 11.97 0.56 -36.11
CA ILE B 1127 12.53 -0.45 -35.23
C ILE B 1127 13.33 0.20 -34.11
N LYS B 1128 13.98 1.33 -34.39
CA LYS B 1128 14.70 2.04 -33.34
C LYS B 1128 13.75 2.50 -32.25
N MET B 1129 12.62 3.10 -32.63
CA MET B 1129 11.63 3.52 -31.64
C MET B 1129 11.09 2.33 -30.85
N LEU B 1130 10.74 1.24 -31.53
CA LEU B 1130 10.20 0.08 -30.85
C LEU B 1130 11.22 -0.52 -29.88
N THR B 1131 12.49 -0.54 -30.28
CA THR B 1131 13.53 -1.13 -29.43
C THR B 1131 13.82 -0.23 -28.24
N PHE B 1132 13.78 1.09 -28.42
CA PHE B 1132 13.91 1.99 -27.29
C PHE B 1132 12.78 1.77 -26.29
N LEU B 1133 11.55 1.59 -26.80
CA LEU B 1133 10.42 1.32 -25.90
C LEU B 1133 10.61 0.01 -25.16
N MET B 1134 11.05 -1.04 -25.85
CA MET B 1134 11.29 -2.33 -25.19
C MET B 1134 12.38 -2.20 -24.13
N LEU B 1135 13.43 -1.44 -24.42
CA LEU B 1135 14.50 -1.25 -23.45
C LEU B 1135 14.00 -0.51 -22.21
N VAL B 1136 13.18 0.53 -22.41
CA VAL B 1136 12.62 1.26 -21.28
C VAL B 1136 11.74 0.33 -20.44
N ARG B 1137 10.93 -0.50 -21.10
CA ARG B 1137 10.09 -1.45 -20.36
C ARG B 1137 10.93 -2.47 -19.61
N LEU B 1138 12.01 -2.96 -20.22
CA LEU B 1138 12.87 -3.95 -19.60
C LEU B 1138 13.75 -3.37 -18.51
N SER B 1139 13.87 -2.04 -18.42
CA SER B 1139 14.59 -1.45 -17.30
C SER B 1139 13.91 -1.75 -15.97
N THR B 1140 12.60 -2.03 -15.99
CA THR B 1140 11.86 -2.34 -14.78
C THR B 1140 11.75 -3.84 -14.54
N LEU B 1141 11.24 -4.58 -15.52
CA LEU B 1141 11.17 -6.03 -15.39
C LEU B 1141 12.55 -6.64 -15.50
N CYS B 1142 12.88 -7.54 -14.56
CA CYS B 1142 14.17 -8.21 -14.41
C CYS B 1142 15.33 -7.25 -14.68
N PRO B 1143 15.55 -6.25 -13.81
CA PRO B 1143 16.66 -5.32 -14.04
C PRO B 1143 18.03 -5.94 -13.94
N SER B 1144 18.15 -7.11 -13.30
CA SER B 1144 19.46 -7.74 -13.13
C SER B 1144 20.08 -8.10 -14.48
N ALA B 1145 19.28 -8.64 -15.40
CA ALA B 1145 19.81 -9.01 -16.71
C ALA B 1145 20.28 -7.79 -17.48
N VAL B 1146 19.57 -6.67 -17.37
CA VAL B 1146 19.95 -5.46 -18.07
C VAL B 1146 21.27 -4.91 -17.53
N LEU B 1147 21.47 -5.03 -16.22
CA LEU B 1147 22.70 -4.51 -15.62
C LEU B 1147 23.93 -5.23 -16.16
N GLN B 1148 23.84 -6.55 -16.34
CA GLN B 1148 24.97 -7.31 -16.87
C GLN B 1148 25.31 -6.87 -18.29
N ARG B 1149 24.29 -6.61 -19.11
CA ARG B 1149 24.46 -6.25 -20.50
C ARG B 1149 24.59 -4.74 -20.72
N LEU B 1150 24.65 -3.96 -19.65
CA LEU B 1150 24.61 -2.50 -19.78
C LEU B 1150 25.77 -1.97 -20.62
N ASP B 1151 26.92 -2.64 -20.60
CA ASP B 1151 28.05 -2.19 -21.40
C ASP B 1151 27.72 -2.23 -22.88
N ARG B 1152 27.08 -3.32 -23.33
CA ARG B 1152 26.77 -3.45 -24.75
C ARG B 1152 25.59 -2.56 -25.16
N LEU B 1153 24.73 -2.21 -24.20
CA LEU B 1153 23.51 -1.49 -24.54
C LEU B 1153 23.79 -0.03 -24.87
N VAL B 1154 24.69 0.62 -24.14
CA VAL B 1154 24.87 2.07 -24.28
C VAL B 1154 25.58 2.44 -25.57
N GLU B 1155 26.40 1.55 -26.12
CA GLU B 1155 27.16 1.90 -27.33
C GLU B 1155 26.27 2.26 -28.51
N PRO B 1156 25.26 1.47 -28.89
CA PRO B 1156 24.34 1.94 -29.94
C PRO B 1156 23.60 3.21 -29.56
N LEU B 1157 23.24 3.35 -28.28
CA LEU B 1157 22.57 4.57 -27.85
C LEU B 1157 23.46 5.80 -28.02
N ARG B 1158 24.73 5.69 -27.62
CA ARG B 1158 25.65 6.80 -27.80
C ARG B 1158 25.90 7.08 -29.28
N ALA B 1159 26.00 6.02 -30.09
CA ALA B 1159 26.19 6.22 -31.53
C ALA B 1159 25.00 6.95 -32.15
N THR B 1160 23.78 6.57 -31.76
CA THR B 1160 22.59 7.22 -32.30
C THR B 1160 22.48 8.67 -31.83
N CYS B 1161 22.83 8.93 -30.56
CA CYS B 1161 22.65 10.27 -30.02
C CYS B 1161 23.62 11.27 -30.64
N THR B 1162 24.83 10.82 -31.00
CA THR B 1162 25.88 11.72 -31.46
C THR B 1162 26.01 11.78 -32.97
N THR B 1163 25.14 11.11 -33.72
CA THR B 1163 25.24 11.14 -35.18
C THR B 1163 24.79 12.50 -35.72
N LYS B 1164 25.28 12.82 -36.92
CA LYS B 1164 24.95 14.08 -37.58
C LYS B 1164 24.57 13.82 -39.02
N VAL B 1165 23.61 14.61 -39.51
CA VAL B 1165 23.11 14.48 -40.87
C VAL B 1165 23.91 15.39 -41.79
N LYS B 1166 23.81 15.11 -43.10
CA LYS B 1166 24.49 15.93 -44.10
C LYS B 1166 23.88 17.33 -44.15
N ALA B 1167 24.70 18.30 -44.56
CA ALA B 1167 24.25 19.67 -44.62
C ALA B 1167 23.27 19.93 -45.76
N ASN B 1168 23.26 19.07 -46.78
CA ASN B 1168 22.37 19.25 -47.93
C ASN B 1168 21.11 18.40 -47.74
N SER B 1169 20.29 18.84 -46.78
CA SER B 1169 19.04 18.15 -46.47
C SER B 1169 18.01 19.18 -46.01
N VAL B 1170 16.74 18.82 -46.17
CA VAL B 1170 15.64 19.69 -45.76
C VAL B 1170 15.38 19.52 -44.27
N LYS B 1171 14.55 20.41 -43.70
CA LYS B 1171 14.36 20.47 -42.25
C LYS B 1171 13.71 19.21 -41.68
N GLN B 1172 13.03 18.41 -42.52
CA GLN B 1172 12.35 17.24 -42.01
C GLN B 1172 13.33 16.23 -41.42
N GLU B 1173 14.47 16.03 -42.09
CA GLU B 1173 15.48 15.12 -41.54
C GLU B 1173 16.02 15.63 -40.21
N PHE B 1174 16.24 16.94 -40.11
CA PHE B 1174 16.70 17.52 -38.85
C PHE B 1174 15.71 17.24 -37.73
N GLU B 1175 14.42 17.49 -37.98
CA GLU B 1175 13.41 17.25 -36.96
C GLU B 1175 13.34 15.77 -36.59
N LYS B 1176 13.41 14.89 -37.59
CA LYS B 1176 13.35 13.46 -37.34
C LYS B 1176 14.49 13.01 -36.45
N GLN B 1177 15.71 13.49 -36.76
CA GLN B 1177 16.85 13.19 -35.91
C GLN B 1177 16.68 13.78 -34.52
N ASP B 1178 16.00 14.93 -34.41
CA ASP B 1178 15.76 15.51 -33.10
C ASP B 1178 14.91 14.60 -32.22
N GLU B 1179 13.77 14.11 -32.75
CA GLU B 1179 12.98 13.23 -31.89
C GLU B 1179 13.66 11.88 -31.69
N LEU B 1180 14.44 11.42 -32.67
CA LEU B 1180 15.22 10.20 -32.47
C LEU B 1180 16.19 10.35 -31.30
N LYS B 1181 16.89 11.49 -31.24
CA LYS B 1181 17.82 11.73 -30.13
C LYS B 1181 17.07 11.85 -28.81
N ARG B 1182 15.92 12.52 -28.82
CA ARG B 1182 15.15 12.66 -27.59
C ARG B 1182 14.71 11.30 -27.05
N SER B 1183 14.20 10.43 -27.93
CA SER B 1183 13.80 9.10 -27.48
C SER B 1183 15.00 8.27 -27.03
N ALA B 1184 16.13 8.41 -27.73
CA ALA B 1184 17.33 7.67 -27.36
C ALA B 1184 17.78 8.05 -25.95
N MET B 1185 17.81 9.35 -25.63
CA MET B 1185 18.26 9.73 -24.31
C MET B 1185 17.18 9.51 -23.25
N ARG B 1186 15.91 9.44 -23.66
CA ARG B 1186 14.90 8.96 -22.73
C ARG B 1186 15.18 7.52 -22.31
N ALA B 1187 15.52 6.67 -23.28
CA ALA B 1187 15.92 5.30 -22.95
C ALA B 1187 17.19 5.30 -22.10
N VAL B 1188 18.13 6.21 -22.41
CA VAL B 1188 19.36 6.30 -21.63
C VAL B 1188 19.06 6.62 -20.17
N ALA B 1189 18.17 7.59 -19.93
CA ALA B 1189 17.79 7.94 -18.57
C ALA B 1189 17.08 6.78 -17.89
N ALA B 1190 16.20 6.08 -18.61
CA ALA B 1190 15.52 4.93 -18.04
C ALA B 1190 16.53 3.87 -17.60
N LEU B 1191 17.55 3.62 -18.42
CA LEU B 1191 18.62 2.71 -18.00
C LEU B 1191 19.37 3.25 -16.79
N LEU B 1192 19.62 4.57 -16.78
CA LEU B 1192 20.37 5.21 -15.70
C LEU B 1192 19.65 5.12 -14.36
N THR B 1193 18.32 5.05 -14.35
CA THR B 1193 17.56 4.98 -13.11
C THR B 1193 17.68 3.64 -12.41
N ILE B 1194 18.32 2.65 -13.04
CA ILE B 1194 18.49 1.33 -12.45
C ILE B 1194 19.39 1.44 -11.23
N PRO B 1195 19.04 0.80 -10.11
CA PRO B 1195 19.90 0.86 -8.92
C PRO B 1195 21.28 0.27 -9.19
N GLU B 1196 22.30 0.87 -8.59
CA GLU B 1196 23.69 0.41 -8.70
C GLU B 1196 24.13 0.32 -10.16
N ALA B 1197 23.80 1.35 -10.93
CA ALA B 1197 24.16 1.41 -12.34
C ALA B 1197 25.06 2.58 -12.69
N GLU B 1198 25.12 3.62 -11.85
CA GLU B 1198 26.01 4.75 -12.14
C GLU B 1198 27.47 4.34 -12.04
N LYS B 1199 27.76 3.33 -11.22
CA LYS B 1199 29.14 2.84 -11.04
C LYS B 1199 29.46 1.83 -12.15
N SER B 1200 29.48 2.33 -13.37
CA SER B 1200 29.84 1.55 -14.55
C SER B 1200 30.76 2.40 -15.42
N PRO B 1201 31.74 1.78 -16.07
CA PRO B 1201 32.71 2.57 -16.87
C PRO B 1201 32.06 3.31 -18.02
N LEU B 1202 31.36 2.58 -18.89
CA LEU B 1202 30.74 3.21 -20.05
C LEU B 1202 29.62 4.16 -19.63
N MET B 1203 28.84 3.78 -18.61
CA MET B 1203 27.76 4.65 -18.14
C MET B 1203 28.32 5.95 -17.59
N SER B 1204 29.38 5.87 -16.77
CA SER B 1204 29.96 7.08 -16.20
C SER B 1204 30.60 7.94 -17.29
N GLU B 1205 31.26 7.31 -18.26
CA GLU B 1205 31.84 8.06 -19.37
C GLU B 1205 30.75 8.78 -20.16
N PHE B 1206 29.63 8.10 -20.41
CA PHE B 1206 28.53 8.72 -21.13
C PHE B 1206 27.93 9.88 -20.34
N GLN B 1207 27.77 9.71 -19.03
CA GLN B 1207 27.27 10.80 -18.20
C GLN B 1207 28.19 12.00 -18.23
N SER B 1208 29.50 11.77 -18.12
CA SER B 1208 30.46 12.87 -18.18
C SER B 1208 30.42 13.57 -19.54
N GLN B 1209 30.34 12.79 -20.62
CA GLN B 1209 30.29 13.37 -21.96
C GLN B 1209 29.03 14.19 -22.16
N ILE B 1210 27.89 13.70 -21.66
CA ILE B 1210 26.64 14.44 -21.76
C ILE B 1210 26.73 15.74 -20.97
N SER B 1211 27.30 15.68 -19.76
CA SER B 1211 27.45 16.90 -18.96
C SER B 1211 28.36 17.91 -19.65
N SER B 1212 29.46 17.44 -20.25
CA SER B 1212 30.40 18.35 -20.88
C SER B 1212 29.84 18.93 -22.17
N ASN B 1213 29.23 18.10 -23.01
CA ASN B 1213 28.79 18.56 -24.32
C ASN B 1213 27.52 19.39 -24.20
N PRO B 1214 27.53 20.65 -24.63
CA PRO B 1214 26.30 21.47 -24.55
C PRO B 1214 25.17 20.92 -25.40
N GLU B 1215 25.47 20.37 -26.57
CA GLU B 1215 24.42 19.89 -27.47
C GLU B 1215 23.62 18.75 -26.84
N LEU B 1216 24.31 17.80 -26.22
CA LEU B 1216 23.63 16.72 -25.52
C LEU B 1216 22.95 17.19 -24.24
N ALA B 1217 23.58 18.12 -23.51
CA ALA B 1217 23.00 18.59 -22.26
C ALA B 1217 21.69 19.34 -22.49
N ALA B 1218 21.62 20.13 -23.56
CA ALA B 1218 20.39 20.87 -23.85
C ALA B 1218 19.23 19.92 -24.13
N ILE B 1219 19.47 18.88 -24.94
CA ILE B 1219 18.40 17.94 -25.27
C ILE B 1219 18.05 17.09 -24.05
N PHE B 1220 19.05 16.80 -23.20
CA PHE B 1220 18.77 16.11 -21.94
C PHE B 1220 17.87 16.96 -21.04
N GLU B 1221 18.11 18.27 -20.99
CA GLU B 1221 17.22 19.15 -20.24
C GLU B 1221 15.87 19.27 -20.90
N SER B 1222 15.80 19.04 -22.22
CA SER B 1222 14.52 19.12 -22.92
C SER B 1222 13.55 18.03 -22.44
N ILE B 1223 14.07 16.82 -22.19
CA ILE B 1223 13.23 15.70 -21.78
C ILE B 1223 13.06 15.72 -20.26
N GLN B 1224 13.56 16.77 -19.62
CA GLN B 1224 13.43 16.90 -18.17
C GLN B 1224 12.29 17.86 -17.81
N ARG C 19 10.31 -22.84 67.88
CA ARG C 19 11.50 -21.99 67.94
C ARG C 19 11.97 -21.59 66.55
N PHE C 20 12.39 -20.33 66.41
CA PHE C 20 12.90 -19.80 65.17
C PHE C 20 14.23 -19.10 65.42
N GLU C 21 15.16 -19.24 64.47
CA GLU C 21 16.49 -18.64 64.59
C GLU C 21 16.81 -17.86 63.33
N VAL C 22 17.41 -16.69 63.51
CA VAL C 22 17.72 -15.80 62.39
C VAL C 22 19.01 -16.28 61.71
N LYS C 23 18.94 -16.46 60.39
CA LYS C 23 20.08 -16.94 59.61
C LYS C 23 20.84 -15.80 58.95
N LYS C 24 20.14 -15.00 58.12
CA LYS C 24 20.76 -13.88 57.42
C LYS C 24 19.83 -12.69 57.43
N TRP C 25 20.40 -11.50 57.31
CA TRP C 25 19.65 -10.25 57.32
C TRP C 25 20.17 -9.34 56.22
N ASN C 26 19.25 -8.77 55.45
CA ASN C 26 19.57 -7.78 54.42
C ASN C 26 18.79 -6.51 54.74
N ALA C 27 19.46 -5.52 55.32
CA ALA C 27 18.81 -4.29 55.76
C ALA C 27 19.11 -3.14 54.82
N VAL C 28 18.25 -2.13 54.87
CA VAL C 28 18.36 -0.94 54.02
C VAL C 28 18.31 0.29 54.91
N ALA C 29 19.25 1.21 54.70
CA ALA C 29 19.33 2.42 55.51
C ALA C 29 19.61 3.61 54.60
N LEU C 30 19.23 4.79 55.09
CA LEU C 30 19.46 6.06 54.40
C LEU C 30 20.25 6.99 55.31
N TRP C 31 21.15 7.77 54.72
CA TRP C 31 22.01 8.68 55.45
C TRP C 31 21.65 10.13 55.12
N ALA C 32 21.63 10.97 56.17
CA ALA C 32 21.36 12.38 56.02
C ALA C 32 22.30 13.16 56.93
N TRP C 33 22.53 14.42 56.58
CA TRP C 33 23.41 15.26 57.37
C TRP C 33 22.83 15.48 58.77
N ASP C 34 23.68 15.31 59.79
CA ASP C 34 23.27 15.46 61.17
C ASP C 34 23.61 16.84 61.74
N ILE C 35 24.06 17.77 60.90
CA ILE C 35 24.39 19.11 61.37
C ILE C 35 23.15 19.79 61.95
N VAL C 36 22.02 19.64 61.28
CA VAL C 36 20.74 20.16 61.77
C VAL C 36 20.04 19.05 62.54
N VAL C 37 19.57 19.38 63.74
CA VAL C 37 18.90 18.39 64.61
C VAL C 37 17.43 18.41 64.22
N ASP C 38 17.10 17.65 63.17
CA ASP C 38 15.77 17.52 62.58
C ASP C 38 15.02 18.86 62.55
N ASN C 39 15.72 19.93 62.17
CA ASN C 39 15.14 21.26 62.14
C ASN C 39 15.67 22.02 60.93
N CYS C 40 14.90 23.00 60.49
CA CYS C 40 15.33 23.86 59.40
C CYS C 40 16.51 24.71 59.84
N ALA C 41 17.49 24.86 58.94
CA ALA C 41 18.65 25.69 59.25
C ALA C 41 18.33 27.17 59.12
N ILE C 42 17.50 27.54 58.14
CA ILE C 42 17.17 28.95 57.93
C ILE C 42 16.30 29.48 59.06
N CYS C 43 15.28 28.72 59.44
CA CYS C 43 14.36 29.11 60.51
C CYS C 43 14.42 28.09 61.62
N ARG C 44 14.47 28.57 62.87
CA ARG C 44 14.58 27.71 64.04
C ARG C 44 13.22 27.05 64.29
N ASN C 45 12.95 26.02 63.51
CA ASN C 45 11.69 25.28 63.60
C ASN C 45 11.91 23.87 63.08
N HIS C 46 11.00 22.98 63.46
CA HIS C 46 11.10 21.59 63.04
C HIS C 46 10.86 21.46 61.54
N ILE C 47 11.38 20.37 60.97
CA ILE C 47 11.27 20.16 59.53
C ILE C 47 9.95 19.51 59.13
N MET C 48 9.21 18.95 60.08
CA MET C 48 7.94 18.29 59.78
C MET C 48 6.73 19.18 59.97
N ASP C 49 6.81 20.15 60.88
CA ASP C 49 5.65 21.02 61.14
C ASP C 49 5.67 22.22 60.20
N LEU C 50 4.67 23.07 60.35
CA LEU C 50 4.49 24.21 59.45
C LEU C 50 5.53 25.29 59.73
N CYS C 51 5.98 25.94 58.65
CA CYS C 51 7.01 26.96 58.76
C CYS C 51 6.48 28.22 59.44
N ILE C 52 7.40 29.06 59.91
CA ILE C 52 7.03 30.23 60.70
C ILE C 52 6.23 31.22 59.87
N GLU C 53 6.68 31.51 58.66
CA GLU C 53 6.02 32.51 57.82
C GLU C 53 4.66 32.06 57.33
N CYS C 54 4.34 30.76 57.45
CA CYS C 54 3.02 30.26 57.12
C CYS C 54 2.19 29.89 58.34
N GLN C 55 2.84 29.56 59.46
CA GLN C 55 2.10 29.33 60.70
C GLN C 55 1.65 30.63 61.35
N ALA C 56 2.38 31.73 61.11
CA ALA C 56 1.92 33.02 61.59
C ALA C 56 0.62 33.43 60.92
N ASN C 57 0.52 33.21 59.61
CA ASN C 57 -0.69 33.52 58.87
C ASN C 57 -1.68 32.35 58.95
N GLN C 58 -2.91 32.62 58.54
CA GLN C 58 -3.95 31.59 58.53
C GLN C 58 -3.80 30.69 57.31
N ALA C 59 -4.61 29.64 57.27
CA ALA C 59 -4.58 28.71 56.15
C ALA C 59 -5.05 29.38 54.88
N SER C 60 -4.31 29.18 53.79
CA SER C 60 -4.64 29.76 52.51
C SER C 60 -4.13 28.83 51.41
N ALA C 61 -4.08 29.35 50.18
CA ALA C 61 -3.53 28.56 49.07
C ALA C 61 -2.05 28.26 49.29
N THR C 62 -1.31 29.23 49.81
CA THR C 62 0.11 29.02 50.08
C THR C 62 0.31 27.94 51.15
N SER C 63 -0.54 27.94 52.17
CA SER C 63 -0.42 26.98 53.26
C SER C 63 -0.65 25.54 52.82
N GLU C 64 -1.23 25.32 51.64
CA GLU C 64 -1.46 23.96 51.17
C GLU C 64 -0.15 23.21 50.93
N GLU C 65 0.85 23.88 50.37
CA GLU C 65 2.12 23.26 50.02
C GLU C 65 3.22 23.79 50.95
N CYS C 66 3.66 22.94 51.88
CA CYS C 66 4.79 23.26 52.75
C CYS C 66 5.68 22.03 52.91
N THR C 67 5.95 21.35 51.80
CA THR C 67 6.76 20.14 51.83
C THR C 67 8.22 20.48 52.12
N VAL C 68 9.05 19.44 52.18
CA VAL C 68 10.48 19.58 52.45
C VAL C 68 11.23 19.40 51.13
N ALA C 69 12.13 20.33 50.85
CA ALA C 69 12.90 20.33 49.61
C ALA C 69 14.33 19.88 49.89
N TRP C 70 14.81 18.93 49.08
CA TRP C 70 16.16 18.42 49.18
C TRP C 70 17.00 18.93 48.02
N GLY C 71 18.31 19.03 48.25
CA GLY C 71 19.25 19.44 47.24
C GLY C 71 20.20 18.33 46.84
N VAL C 72 21.08 18.65 45.89
CA VAL C 72 22.09 17.70 45.45
C VAL C 72 23.08 17.41 46.59
N CYS C 73 23.37 18.42 47.41
CA CYS C 73 24.23 18.26 48.59
C CYS C 73 23.55 17.52 49.72
N ASN C 74 22.33 17.04 49.49
CA ASN C 74 21.56 16.26 50.46
C ASN C 74 21.32 17.08 51.74
N HIS C 75 20.89 18.32 51.54
CA HIS C 75 20.45 19.19 52.63
C HIS C 75 18.96 19.46 52.49
N ALA C 76 18.26 19.47 53.62
CA ALA C 76 16.81 19.59 53.63
C ALA C 76 16.39 20.84 54.39
N PHE C 77 15.52 21.64 53.76
CA PHE C 77 14.91 22.80 54.40
C PHE C 77 13.43 22.82 54.02
N HIS C 78 12.71 23.77 54.60
CA HIS C 78 11.36 24.04 54.13
C HIS C 78 11.43 24.63 52.72
N PHE C 79 10.41 24.32 51.91
CA PHE C 79 10.39 24.84 50.55
C PHE C 79 10.31 26.36 50.54
N HIS C 80 9.48 26.95 51.40
CA HIS C 80 9.34 28.40 51.44
C HIS C 80 10.62 29.07 51.93
N CYS C 81 11.27 28.47 52.93
CA CYS C 81 12.50 29.06 53.47
C CYS C 81 13.58 29.16 52.39
N ILE C 82 13.86 28.05 51.71
CA ILE C 82 14.88 28.07 50.67
C ILE C 82 14.43 28.91 49.48
N SER C 83 13.13 28.92 49.18
CA SER C 83 12.65 29.71 48.05
C SER C 83 12.86 31.20 48.30
N ARG C 84 12.58 31.67 49.52
CA ARG C 84 12.80 33.08 49.83
C ARG C 84 14.28 33.38 50.03
N TRP C 85 15.08 32.39 50.44
CA TRP C 85 16.52 32.61 50.55
C TRP C 85 17.15 32.75 49.17
N LEU C 86 16.65 32.03 48.18
CA LEU C 86 17.24 32.04 46.84
C LEU C 86 16.92 33.28 46.04
N LYS C 87 16.02 34.15 46.53
CA LYS C 87 15.71 35.37 45.79
C LYS C 87 16.91 36.29 45.67
N THR C 88 17.68 36.41 46.76
CA THR C 88 18.87 37.27 46.77
C THR C 88 20.16 36.45 46.59
N ARG C 89 20.39 35.49 47.47
CA ARG C 89 21.57 34.64 47.40
C ARG C 89 21.32 33.46 46.48
N GLN C 90 22.41 32.82 46.06
CA GLN C 90 22.36 31.68 45.14
C GLN C 90 23.23 30.53 45.64
N VAL C 91 23.44 30.45 46.95
CA VAL C 91 24.34 29.48 47.54
C VAL C 91 23.62 28.77 48.70
N CYS C 92 23.88 27.48 48.85
CA CYS C 92 23.31 26.72 49.95
C CYS C 92 23.79 27.32 51.27
N PRO C 93 22.89 27.61 52.22
CA PRO C 93 23.32 28.26 53.47
C PRO C 93 24.33 27.46 54.27
N LEU C 94 24.24 26.13 54.27
CA LEU C 94 25.17 25.29 55.01
C LEU C 94 26.38 24.88 54.19
N ASP C 95 26.43 25.26 52.91
CA ASP C 95 27.55 24.92 52.04
C ASP C 95 28.11 26.17 51.38
N ASN C 96 29.02 25.98 50.42
CA ASN C 96 29.52 27.08 49.60
C ASN C 96 29.29 26.83 48.12
N ARG C 97 28.41 25.91 47.77
CA ARG C 97 28.16 25.50 46.39
C ARG C 97 26.78 25.93 45.94
N GLU C 98 26.58 25.95 44.62
CA GLU C 98 25.30 26.33 44.05
C GLU C 98 24.21 25.34 44.45
N TRP C 99 23.00 25.86 44.61
CA TRP C 99 21.85 25.08 45.05
C TRP C 99 21.08 24.54 43.85
N GLU C 100 20.74 23.26 43.88
CA GLU C 100 19.94 22.64 42.84
C GLU C 100 18.91 21.72 43.49
N PHE C 101 17.65 21.85 43.08
CA PHE C 101 16.59 21.01 43.60
C PHE C 101 16.67 19.62 42.99
N GLN C 102 16.44 18.60 43.82
CA GLN C 102 16.36 17.23 43.32
C GLN C 102 15.24 16.42 43.95
N LYS C 103 14.48 16.98 44.89
CA LYS C 103 13.36 16.28 45.52
C LYS C 103 12.41 17.31 46.11
N TYR C 104 11.19 16.88 46.38
CA TYR C 104 10.17 17.74 46.94
C TYR C 104 9.38 17.04 48.03
#